data_6R7R
#
_entry.id   6R7R
#
_cell.length_a   116.550
_cell.length_b   116.550
_cell.length_c   314.770
_cell.angle_alpha   90.00
_cell.angle_beta   90.00
_cell.angle_gamma   120.00
#
_symmetry.space_group_name_H-M   'P 32 2 1'
#
loop_
_entity.id
_entity.type
_entity.pdbx_description
1 polymer 'Proton/glutamate symporter, SDF family'
2 non-polymer 'SODIUM ION'
3 non-polymer 'D-ASPARTIC ACID'
4 non-polymer DI(HYDROXYETHYL)ETHER
5 non-polymer 'TETRAETHYLENE GLYCOL'
6 non-polymer DECYL-BETA-D-MALTOPYRANOSIDE
7 non-polymer 'TRIETHYLENE GLYCOL'
8 non-polymer 'HEXAETHYLENE GLYCOL'
9 non-polymer 'PENTAETHYLENE GLYCOL'
#
_entity_poly.entity_id   1
_entity_poly.type   'polypeptide(L)'
_entity_poly.pdbx_seq_one_letter_code
;MGKSLLRRYLDYPVLWKILWGLVLGAVFGLIAGHFGYAGAVKTYIKPFGDLFVRLLKMLVMPIVLASLVVGAASISPARL
GRVGVKIVVYYLATSAMAVFFGLIVGRLFNVGANVNLGSGTGKAIEAQPPSLVQTLLNIVPTNPFASLAKGEVLPVIFFA
IILGIAITYLMNRNEERVRKSAETLLRVFDGLAEAMYLIVGGVMQYAPIGVFALIAYVMAEQGVRVVGPLAKVVGAVYTG
LFLQIVITYFILLKVFGIDPIKFIRKAKDAMITAFVTRSSSGTLPVTMRVAEEEMGVDKGIFSFTLPLGATINMDGTALY
QGVTVLFVANAIGHPLTLGQQLVVVLTAVLASIGTAGVPGAGAIMLAMVLQSVGLDLTPGSPVALAYAMILGIDAILDMG
RTMVNVTGDLAGTVIVAKTEKELDESKWISHHHHHHHH
;
_entity_poly.pdbx_strand_id   A,B,C
#
loop_
_chem_comp.id
_chem_comp.type
_chem_comp.name
_chem_comp.formula
1PE non-polymer 'PENTAETHYLENE GLYCOL' 'C10 H22 O6'
DMU D-saccharide DECYL-BETA-D-MALTOPYRANOSIDE 'C22 H42 O11'
NA non-polymer 'SODIUM ION' 'Na 1'
P6G non-polymer 'HEXAETHYLENE GLYCOL' 'C12 H26 O7'
PEG non-polymer DI(HYDROXYETHYL)ETHER 'C4 H10 O3'
PG4 non-polymer 'TETRAETHYLENE GLYCOL' 'C8 H18 O5'
PGE non-polymer 'TRIETHYLENE GLYCOL' 'C6 H14 O4'
#
# COMPACT_ATOMS: atom_id res chain seq x y z
N TYR A 12 4.48 -12.93 -39.13
CA TYR A 12 3.04 -13.07 -39.23
C TYR A 12 2.34 -11.83 -38.70
N PRO A 13 1.40 -11.28 -39.50
CA PRO A 13 0.76 -10.01 -39.13
C PRO A 13 0.22 -9.99 -37.72
N VAL A 14 0.78 -9.13 -36.88
CA VAL A 14 0.41 -9.08 -35.47
C VAL A 14 -1.03 -8.59 -35.31
N LEU A 15 -1.53 -7.79 -36.26
CA LEU A 15 -2.96 -7.49 -36.25
C LEU A 15 -3.78 -8.76 -36.49
N TRP A 16 -3.23 -9.73 -37.22
CA TRP A 16 -3.96 -10.94 -37.59
C TRP A 16 -3.41 -12.21 -36.92
N LYS A 17 -2.42 -12.11 -36.04
CA LYS A 17 -1.88 -13.29 -35.36
C LYS A 17 -2.46 -13.54 -33.99
N ILE A 18 -2.83 -12.48 -33.26
CA ILE A 18 -3.57 -12.67 -32.02
C ILE A 18 -4.91 -13.31 -32.31
N LEU A 19 -5.43 -13.08 -33.52
CA LEU A 19 -6.67 -13.71 -33.96
C LEU A 19 -6.49 -15.19 -34.25
N TRP A 20 -5.26 -15.63 -34.50
CA TRP A 20 -4.99 -17.05 -34.69
C TRP A 20 -5.03 -17.78 -33.35
N GLY A 21 -4.41 -17.18 -32.33
CA GLY A 21 -4.44 -17.77 -30.99
C GLY A 21 -5.83 -17.88 -30.42
N LEU A 22 -6.70 -16.93 -30.74
CA LEU A 22 -8.08 -16.97 -30.26
C LEU A 22 -8.84 -18.15 -30.86
N VAL A 23 -8.73 -18.33 -32.18
CA VAL A 23 -9.45 -19.42 -32.84
C VAL A 23 -8.90 -20.78 -32.40
N LEU A 24 -7.58 -20.92 -32.41
CA LEU A 24 -7.00 -22.24 -32.14
C LEU A 24 -7.28 -22.68 -30.71
N GLY A 25 -7.15 -21.78 -29.74
CA GLY A 25 -7.47 -22.12 -28.37
C GLY A 25 -8.93 -22.49 -28.22
N ALA A 26 -9.81 -21.79 -28.93
CA ALA A 26 -11.23 -22.11 -28.91
C ALA A 26 -11.49 -23.49 -29.49
N VAL A 27 -10.88 -23.80 -30.64
CA VAL A 27 -10.99 -25.14 -31.18
C VAL A 27 -10.31 -26.13 -30.24
N PHE A 28 -9.16 -25.75 -29.68
CA PHE A 28 -8.44 -26.66 -28.81
C PHE A 28 -9.28 -26.97 -27.57
N GLY A 29 -9.78 -25.90 -26.92
CA GLY A 29 -10.56 -26.09 -25.70
C GLY A 29 -11.88 -26.77 -25.95
N LEU A 30 -12.56 -26.40 -27.05
CA LEU A 30 -13.78 -27.12 -27.40
C LEU A 30 -13.48 -28.60 -27.64
N ILE A 31 -12.38 -28.89 -28.33
CA ILE A 31 -12.04 -30.28 -28.61
C ILE A 31 -11.62 -30.99 -27.35
N ALA A 32 -10.72 -30.39 -26.57
CA ALA A 32 -10.36 -31.01 -25.31
C ALA A 32 -11.56 -31.10 -24.38
N GLY A 33 -12.39 -30.05 -24.37
CA GLY A 33 -13.57 -30.06 -23.51
C GLY A 33 -14.58 -31.13 -23.93
N HIS A 34 -14.84 -31.24 -25.23
N HIS A 34 -14.86 -31.23 -25.21
CA HIS A 34 -15.74 -32.26 -25.74
CA HIS A 34 -15.80 -32.27 -25.66
C HIS A 34 -15.16 -33.67 -25.59
C HIS A 34 -15.14 -33.65 -25.74
N PHE A 35 -13.86 -33.78 -25.37
CA PHE A 35 -13.20 -35.09 -25.26
C PHE A 35 -12.59 -35.33 -23.88
N GLY A 36 -12.87 -34.46 -22.90
CA GLY A 36 -12.58 -34.74 -21.50
C GLY A 36 -11.20 -34.46 -20.96
N TYR A 37 -10.41 -33.62 -21.64
CA TYR A 37 -9.08 -33.23 -21.15
C TYR A 37 -9.02 -31.82 -20.58
N ALA A 38 -10.14 -31.27 -20.11
CA ALA A 38 -10.11 -29.90 -19.61
C ALA A 38 -9.27 -29.75 -18.35
N GLY A 39 -8.99 -30.86 -17.65
CA GLY A 39 -8.13 -30.80 -16.48
C GLY A 39 -6.66 -30.80 -16.80
N ALA A 40 -6.29 -31.32 -17.96
CA ALA A 40 -4.94 -31.09 -18.46
C ALA A 40 -4.79 -29.65 -18.96
N VAL A 41 -5.86 -29.09 -19.53
CA VAL A 41 -5.83 -27.72 -20.01
C VAL A 41 -5.72 -26.73 -18.85
N LYS A 42 -6.43 -27.00 -17.75
CA LYS A 42 -6.29 -26.15 -16.57
C LYS A 42 -4.89 -26.24 -15.99
N THR A 43 -4.27 -27.42 -16.06
CA THR A 43 -2.99 -27.58 -15.41
C THR A 43 -1.83 -27.20 -16.32
N TYR A 44 -1.93 -27.50 -17.61
CA TYR A 44 -0.79 -27.37 -18.52
C TYR A 44 -0.95 -26.24 -19.52
N ILE A 45 -2.13 -25.62 -19.65
CA ILE A 45 -2.35 -24.52 -20.58
C ILE A 45 -2.84 -23.28 -19.85
N LYS A 46 -3.74 -23.44 -18.90
CA LYS A 46 -4.25 -22.31 -18.15
C LYS A 46 -3.17 -21.39 -17.58
N PRO A 47 -2.01 -21.87 -17.08
CA PRO A 47 -1.05 -20.95 -16.47
C PRO A 47 -0.51 -19.91 -17.43
N PHE A 48 -0.36 -20.26 -18.71
CA PHE A 48 0.21 -19.30 -19.65
C PHE A 48 -0.72 -18.11 -19.84
N GLY A 49 -2.01 -18.37 -19.99
CA GLY A 49 -2.94 -17.27 -20.00
C GLY A 49 -2.93 -16.51 -18.68
N ASP A 50 -2.56 -17.19 -17.60
CA ASP A 50 -2.55 -16.47 -16.34
C ASP A 50 -1.35 -15.55 -16.28
N LEU A 51 -0.22 -16.00 -16.85
CA LEU A 51 0.95 -15.14 -16.99
C LEU A 51 0.63 -13.90 -17.83
N PHE A 52 0.02 -14.11 -19.00
CA PHE A 52 -0.42 -12.99 -19.82
C PHE A 52 -1.34 -12.05 -19.07
N VAL A 53 -2.13 -12.59 -18.15
CA VAL A 53 -3.05 -11.76 -17.37
C VAL A 53 -2.31 -10.97 -16.29
N ARG A 54 -1.34 -11.61 -15.62
CA ARG A 54 -0.57 -10.91 -14.59
C ARG A 54 0.26 -9.78 -15.18
N LEU A 55 0.74 -9.97 -16.41
CA LEU A 55 1.58 -8.95 -17.04
C LEU A 55 0.77 -7.69 -17.33
N LEU A 56 -0.37 -7.83 -18.02
CA LEU A 56 -1.22 -6.66 -18.21
C LEU A 56 -1.67 -6.08 -16.87
N LYS A 57 -1.88 -6.92 -15.87
CA LYS A 57 -2.40 -6.40 -14.60
C LYS A 57 -1.40 -5.43 -13.97
N MET A 58 -0.10 -5.75 -14.02
CA MET A 58 0.86 -4.90 -13.34
C MET A 58 0.93 -3.51 -13.94
N LEU A 59 0.57 -3.35 -15.21
CA LEU A 59 0.66 -2.06 -15.88
C LEU A 59 -0.54 -1.16 -15.57
N VAL A 60 -1.64 -1.73 -15.09
CA VAL A 60 -2.89 -0.99 -15.02
C VAL A 60 -2.76 0.24 -14.14
N MET A 61 -2.24 0.07 -12.93
CA MET A 61 -2.26 1.20 -12.00
C MET A 61 -1.32 2.32 -12.42
N PRO A 62 -0.04 2.06 -12.75
CA PRO A 62 0.78 3.19 -13.26
C PRO A 62 0.27 3.80 -14.55
N ILE A 63 -0.07 2.99 -15.57
CA ILE A 63 -0.48 3.57 -16.85
C ILE A 63 -1.78 4.34 -16.72
N VAL A 64 -2.58 4.09 -15.70
CA VAL A 64 -3.77 4.91 -15.52
C VAL A 64 -3.41 6.23 -14.86
N LEU A 65 -2.64 6.16 -13.78
CA LEU A 65 -2.24 7.35 -13.02
C LEU A 65 -1.46 8.35 -13.88
N ALA A 66 -0.40 7.86 -14.53
CA ALA A 66 0.52 8.73 -15.27
C ALA A 66 -0.14 9.37 -16.48
N SER A 67 -0.81 8.56 -17.31
CA SER A 67 -1.45 9.08 -18.52
C SER A 67 -2.48 10.16 -18.17
N LEU A 68 -3.16 10.02 -17.04
CA LEU A 68 -4.19 11.00 -16.72
C LEU A 68 -3.61 12.26 -16.08
N VAL A 69 -2.49 12.16 -15.33
CA VAL A 69 -1.82 13.38 -14.84
C VAL A 69 -1.32 14.19 -16.03
N VAL A 70 -0.57 13.52 -16.91
CA VAL A 70 -0.15 14.10 -18.19
C VAL A 70 -1.37 14.63 -18.95
N GLY A 71 -2.33 13.75 -19.25
CA GLY A 71 -3.45 14.19 -20.06
C GLY A 71 -4.24 15.31 -19.44
N ALA A 72 -4.37 15.33 -18.11
CA ALA A 72 -5.17 16.39 -17.51
C ALA A 72 -4.40 17.69 -17.45
N ALA A 73 -3.07 17.61 -17.32
CA ALA A 73 -2.25 18.80 -17.52
C ALA A 73 -2.27 19.23 -18.99
N SER A 74 -2.19 18.27 -19.91
CA SER A 74 -2.01 18.53 -21.34
C SER A 74 -3.32 18.85 -22.03
N ILE A 75 -4.21 19.54 -21.32
CA ILE A 75 -5.51 19.95 -21.85
C ILE A 75 -6.14 20.94 -20.88
N SER A 76 -7.07 21.64 -21.32
CA SER A 76 -7.67 22.60 -20.41
C SER A 76 -8.80 21.97 -19.61
N PRO A 77 -8.99 22.43 -18.36
CA PRO A 77 -10.12 21.94 -17.55
C PRO A 77 -11.44 22.00 -18.28
N ALA A 78 -11.75 23.14 -18.91
CA ALA A 78 -13.03 23.25 -19.58
C ALA A 78 -13.20 22.23 -20.69
N ARG A 79 -12.11 21.78 -21.32
CA ARG A 79 -12.23 20.67 -22.26
C ARG A 79 -12.51 19.37 -21.52
N LEU A 80 -11.65 19.03 -20.54
CA LEU A 80 -11.87 17.86 -19.70
C LEU A 80 -13.30 17.81 -19.24
N GLY A 81 -13.79 18.93 -18.70
CA GLY A 81 -15.19 19.02 -18.28
C GLY A 81 -16.16 18.80 -19.42
N ARG A 82 -15.87 19.36 -20.59
CA ARG A 82 -16.76 19.09 -21.70
C ARG A 82 -16.60 17.66 -22.20
N VAL A 83 -15.42 17.08 -22.06
CA VAL A 83 -15.22 15.68 -22.41
C VAL A 83 -16.09 14.78 -21.54
N GLY A 84 -16.03 14.98 -20.22
CA GLY A 84 -16.89 14.21 -19.34
C GLY A 84 -18.36 14.30 -19.69
N VAL A 85 -18.90 15.53 -19.73
CA VAL A 85 -20.30 15.71 -20.07
C VAL A 85 -20.63 15.02 -21.38
N LYS A 86 -19.71 15.10 -22.34
CA LYS A 86 -19.93 14.40 -23.60
C LYS A 86 -19.83 12.89 -23.43
N ILE A 87 -18.74 12.41 -22.82
CA ILE A 87 -18.53 10.97 -22.75
C ILE A 87 -19.61 10.31 -21.89
N VAL A 88 -20.09 11.01 -20.85
CA VAL A 88 -21.15 10.48 -20.01
C VAL A 88 -22.48 10.47 -20.75
N VAL A 89 -22.78 11.53 -21.52
CA VAL A 89 -24.01 11.48 -22.31
C VAL A 89 -23.97 10.32 -23.28
N TYR A 90 -22.80 10.06 -23.87
CA TYR A 90 -22.66 8.90 -24.72
C TYR A 90 -22.79 7.61 -23.92
N TYR A 91 -22.10 7.52 -22.78
CA TYR A 91 -22.03 6.30 -21.99
C TYR A 91 -23.41 5.84 -21.49
N LEU A 92 -24.21 6.77 -20.95
CA LEU A 92 -25.52 6.34 -20.48
C LEU A 92 -26.35 5.81 -21.62
N ALA A 93 -26.44 6.59 -22.71
CA ALA A 93 -27.30 6.22 -23.82
C ALA A 93 -26.82 4.95 -24.52
N THR A 94 -25.50 4.74 -24.65
CA THR A 94 -25.09 3.47 -25.27
C THR A 94 -25.43 2.29 -24.38
N SER A 95 -25.37 2.47 -23.06
CA SER A 95 -25.81 1.42 -22.14
C SER A 95 -27.31 1.17 -22.28
N ALA A 96 -28.12 2.23 -22.20
CA ALA A 96 -29.56 2.08 -22.36
C ALA A 96 -29.91 1.34 -23.64
N MET A 97 -29.22 1.64 -24.73
CA MET A 97 -29.49 0.96 -26.00
C MET A 97 -29.12 -0.50 -25.92
N ALA A 98 -28.12 -0.85 -25.11
CA ALA A 98 -27.70 -2.24 -24.99
C ALA A 98 -28.79 -3.06 -24.28
N VAL A 99 -29.33 -2.53 -23.19
CA VAL A 99 -30.46 -3.16 -22.52
C VAL A 99 -31.61 -3.37 -23.50
N PHE A 100 -31.94 -2.32 -24.24
CA PHE A 100 -33.02 -2.40 -25.22
C PHE A 100 -32.74 -3.46 -26.29
N PHE A 101 -31.48 -3.63 -26.65
CA PHE A 101 -31.16 -4.66 -27.65
C PHE A 101 -31.21 -6.06 -27.07
N GLY A 102 -30.72 -6.25 -25.86
CA GLY A 102 -30.83 -7.56 -25.24
C GLY A 102 -32.27 -8.00 -25.05
N LEU A 103 -33.15 -7.06 -24.72
CA LEU A 103 -34.56 -7.42 -24.53
C LEU A 103 -35.18 -7.95 -25.81
N ILE A 104 -34.90 -7.31 -26.94
CA ILE A 104 -35.48 -7.80 -28.20
C ILE A 104 -34.81 -9.11 -28.62
N VAL A 105 -33.49 -9.21 -28.45
CA VAL A 105 -32.77 -10.41 -28.85
C VAL A 105 -33.13 -11.58 -27.95
N GLY A 106 -33.45 -11.31 -26.68
CA GLY A 106 -33.92 -12.36 -25.79
C GLY A 106 -35.21 -12.99 -26.25
N ARG A 107 -36.11 -12.19 -26.84
CA ARG A 107 -37.37 -12.73 -27.31
C ARG A 107 -37.24 -13.51 -28.61
N LEU A 108 -36.40 -13.07 -29.56
CA LEU A 108 -36.27 -13.84 -30.81
C LEU A 108 -35.82 -15.27 -30.50
N PHE A 109 -34.72 -15.40 -29.76
CA PHE A 109 -34.22 -16.70 -29.32
C PHE A 109 -35.16 -17.40 -28.36
N ASN A 110 -36.12 -16.67 -27.79
CA ASN A 110 -37.15 -17.23 -26.93
C ASN A 110 -36.51 -17.99 -25.77
N VAL A 111 -35.62 -17.30 -25.05
CA VAL A 111 -34.74 -17.93 -24.07
C VAL A 111 -35.52 -18.41 -22.85
N GLY A 112 -35.21 -19.64 -22.41
CA GLY A 112 -35.73 -20.25 -21.21
C GLY A 112 -37.21 -20.54 -21.17
N ALA A 113 -37.91 -20.53 -22.31
CA ALA A 113 -39.32 -20.84 -22.25
C ALA A 113 -39.57 -22.33 -22.05
N ASN A 114 -38.56 -23.17 -22.30
CA ASN A 114 -38.68 -24.63 -22.19
C ASN A 114 -37.96 -25.18 -20.96
N VAL A 115 -37.74 -24.36 -19.94
CA VAL A 115 -37.12 -24.85 -18.71
C VAL A 115 -38.21 -25.31 -17.74
N ASN A 116 -39.37 -24.65 -17.78
CA ASN A 116 -40.62 -25.16 -17.20
C ASN A 116 -40.47 -25.49 -15.71
N LEU A 117 -40.29 -24.43 -14.91
CA LEU A 117 -40.20 -24.55 -13.47
C LEU A 117 -41.36 -23.82 -12.83
N GLY A 118 -42.07 -24.47 -11.90
CA GLY A 118 -43.19 -23.85 -11.22
C GLY A 118 -42.68 -23.02 -10.05
N SER A 119 -43.32 -21.86 -9.84
CA SER A 119 -42.73 -21.00 -8.82
C SER A 119 -43.68 -20.47 -7.76
N GLY A 120 -44.91 -20.12 -8.14
CA GLY A 120 -45.80 -19.55 -7.16
C GLY A 120 -45.75 -18.04 -7.15
N THR A 121 -46.90 -17.38 -6.93
CA THR A 121 -46.94 -15.93 -7.03
C THR A 121 -46.09 -15.31 -5.91
N GLY A 122 -45.21 -14.39 -6.29
CA GLY A 122 -44.25 -13.77 -5.38
C GLY A 122 -44.74 -13.28 -4.03
N ALA A 127 -37.95 -3.43 -0.81
CA ALA A 127 -36.58 -3.60 -1.29
C ALA A 127 -35.61 -2.81 -0.40
N GLN A 128 -34.32 -2.98 -0.64
CA GLN A 128 -33.28 -2.20 0.04
C GLN A 128 -32.20 -1.88 -0.98
N PRO A 129 -32.44 -0.88 -1.84
CA PRO A 129 -31.47 -0.55 -2.89
C PRO A 129 -30.17 -0.06 -2.28
N PRO A 130 -29.02 -0.48 -2.80
CA PRO A 130 -27.74 -0.02 -2.25
C PRO A 130 -27.68 1.50 -2.25
N SER A 131 -27.02 2.03 -1.22
CA SER A 131 -26.80 3.47 -1.14
C SER A 131 -26.03 3.93 -2.36
N LEU A 132 -26.60 4.89 -3.09
CA LEU A 132 -25.93 5.41 -4.28
C LEU A 132 -24.89 6.46 -3.89
N VAL A 133 -25.18 7.23 -2.85
CA VAL A 133 -24.29 8.30 -2.42
C VAL A 133 -22.93 7.74 -2.02
N GLN A 134 -22.90 6.74 -1.14
CA GLN A 134 -21.61 6.21 -0.70
C GLN A 134 -20.78 5.68 -1.86
N THR A 135 -21.39 5.18 -2.92
CA THR A 135 -20.58 4.78 -4.08
C THR A 135 -19.95 6.02 -4.71
N LEU A 136 -20.67 7.15 -4.66
CA LEU A 136 -20.20 8.42 -5.23
C LEU A 136 -19.08 9.04 -4.38
N LEU A 137 -19.38 9.32 -3.11
CA LEU A 137 -18.33 9.72 -2.17
C LEU A 137 -17.12 8.79 -2.27
N ASN A 138 -17.34 7.53 -2.60
CA ASN A 138 -16.25 6.58 -2.74
C ASN A 138 -15.33 6.90 -3.88
N ILE A 139 -15.76 7.78 -4.80
CA ILE A 139 -14.91 8.19 -5.92
C ILE A 139 -13.71 9.02 -5.43
N VAL A 140 -13.97 9.97 -4.54
CA VAL A 140 -12.94 10.75 -3.87
C VAL A 140 -12.12 9.84 -2.97
N PRO A 141 -10.87 9.52 -3.27
CA PRO A 141 -10.10 8.71 -2.31
C PRO A 141 -9.78 9.52 -1.06
N THR A 142 -9.44 8.81 0.00
CA THR A 142 -9.03 9.46 1.23
C THR A 142 -7.55 9.24 1.51
N ASN A 143 -6.89 8.40 0.73
CA ASN A 143 -5.45 8.26 0.74
C ASN A 143 -5.09 7.64 -0.61
N PRO A 144 -4.37 8.39 -1.50
CA PRO A 144 -4.18 7.91 -2.86
C PRO A 144 -3.12 6.83 -2.91
N PHE A 145 -2.18 6.88 -1.96
CA PHE A 145 -1.20 5.80 -1.85
C PHE A 145 -1.89 4.49 -1.56
N ALA A 146 -2.97 4.53 -0.75
CA ALA A 146 -3.79 3.35 -0.46
C ALA A 146 -4.64 2.97 -1.68
N SER A 147 -5.42 3.92 -2.22
CA SER A 147 -6.15 3.62 -3.46
C SER A 147 -5.26 3.08 -4.57
N LEU A 148 -3.99 3.50 -4.63
CA LEU A 148 -3.07 2.93 -5.61
C LEU A 148 -2.72 1.49 -5.26
N ALA A 149 -2.35 1.26 -3.98
CA ALA A 149 -1.98 -0.09 -3.54
C ALA A 149 -3.18 -1.05 -3.56
N LYS A 150 -4.39 -0.55 -3.30
CA LYS A 150 -5.59 -1.37 -3.36
C LYS A 150 -6.07 -1.59 -4.80
N GLY A 151 -5.56 -0.82 -5.76
CA GLY A 151 -6.00 -0.93 -7.13
C GLY A 151 -7.27 -0.20 -7.50
N GLU A 152 -7.66 0.78 -6.70
CA GLU A 152 -8.95 1.44 -6.88
C GLU A 152 -8.83 2.46 -8.00
N VAL A 153 -9.21 2.08 -9.23
CA VAL A 153 -8.98 2.94 -10.39
C VAL A 153 -9.76 4.24 -10.28
N LEU A 154 -11.07 4.17 -10.13
CA LEU A 154 -11.86 5.40 -10.10
C LEU A 154 -11.36 6.44 -9.10
N PRO A 155 -10.92 6.10 -7.89
CA PRO A 155 -10.31 7.14 -7.03
C PRO A 155 -8.99 7.68 -7.56
N VAL A 156 -8.25 6.89 -8.35
CA VAL A 156 -7.03 7.37 -8.97
C VAL A 156 -7.36 8.37 -10.08
N ILE A 157 -8.30 8.01 -10.96
CA ILE A 157 -8.82 8.94 -11.95
C ILE A 157 -9.10 10.30 -11.32
N PHE A 158 -9.75 10.32 -10.15
CA PHE A 158 -10.09 11.60 -9.52
C PHE A 158 -8.83 12.38 -9.10
N PHE A 159 -7.89 11.71 -8.41
CA PHE A 159 -6.68 12.37 -7.93
C PHE A 159 -5.79 12.80 -9.09
N ALA A 160 -5.65 11.95 -10.11
CA ALA A 160 -4.82 12.29 -11.25
C ALA A 160 -5.33 13.53 -11.97
N ILE A 161 -6.64 13.60 -12.23
CA ILE A 161 -7.22 14.81 -12.80
C ILE A 161 -6.96 16.01 -11.89
N ILE A 162 -7.30 15.90 -10.61
CA ILE A 162 -7.07 17.00 -9.69
C ILE A 162 -5.60 17.40 -9.71
N LEU A 163 -4.68 16.44 -9.86
CA LEU A 163 -3.25 16.73 -9.76
C LEU A 163 -2.73 17.39 -11.03
N GLY A 164 -2.92 16.72 -12.18
CA GLY A 164 -2.44 17.28 -13.43
C GLY A 164 -3.03 18.65 -13.70
N ILE A 165 -4.30 18.85 -13.31
CA ILE A 165 -4.89 20.18 -13.40
C ILE A 165 -4.08 21.18 -12.57
N ALA A 166 -3.64 20.79 -11.38
CA ALA A 166 -2.86 21.69 -10.55
C ALA A 166 -1.44 21.89 -11.11
N ILE A 167 -0.90 20.90 -11.81
CA ILE A 167 0.46 21.05 -12.32
C ILE A 167 0.51 22.14 -13.38
N THR A 168 -0.45 22.15 -14.30
CA THR A 168 -0.48 23.17 -15.33
C THR A 168 -0.66 24.57 -14.75
N TYR A 169 -1.43 24.69 -13.68
CA TYR A 169 -1.56 25.99 -13.02
C TYR A 169 -0.22 26.47 -12.47
N LEU A 170 0.58 25.56 -11.95
CA LEU A 170 1.88 25.92 -11.38
C LEU A 170 2.92 26.17 -12.47
N MET A 171 2.76 25.54 -13.64
CA MET A 171 3.65 25.84 -14.75
C MET A 171 3.43 27.26 -15.28
N ASN A 172 2.32 27.91 -14.93
CA ASN A 172 1.97 29.26 -15.37
C ASN A 172 2.13 30.29 -14.27
N ARG A 173 3.21 30.23 -13.51
CA ARG A 173 3.41 31.13 -12.40
C ARG A 173 4.65 31.96 -12.69
N ASN A 174 4.73 33.12 -12.05
CA ASN A 174 5.82 34.05 -12.33
C ASN A 174 7.19 33.47 -11.95
N GLU A 175 7.25 32.62 -10.92
CA GLU A 175 8.54 32.13 -10.42
C GLU A 175 9.18 31.16 -11.39
N GLU A 176 10.48 31.30 -11.61
CA GLU A 176 11.20 30.22 -12.29
C GLU A 176 11.36 29.00 -11.40
N ARG A 177 11.33 29.19 -10.08
CA ARG A 177 11.60 28.09 -9.16
C ARG A 177 10.39 27.17 -9.06
N VAL A 178 9.19 27.76 -9.09
CA VAL A 178 7.96 26.98 -9.05
C VAL A 178 7.69 26.29 -10.39
N ARG A 179 7.83 27.01 -11.50
CA ARG A 179 7.68 26.39 -12.81
C ARG A 179 8.59 25.17 -12.96
N LYS A 180 9.83 25.27 -12.47
CA LYS A 180 10.80 24.22 -12.73
C LYS A 180 10.51 23.00 -11.87
N SER A 181 9.96 23.20 -10.66
CA SER A 181 9.53 22.08 -9.81
C SER A 181 8.31 21.36 -10.39
N ALA A 182 7.24 22.11 -10.66
CA ALA A 182 6.05 21.51 -11.23
C ALA A 182 6.36 20.85 -12.58
N GLU A 183 7.02 21.56 -13.49
CA GLU A 183 7.38 20.98 -14.78
C GLU A 183 8.20 19.70 -14.61
N THR A 184 9.05 19.64 -13.57
CA THR A 184 9.83 18.44 -13.33
C THR A 184 8.93 17.29 -12.93
N LEU A 185 8.01 17.54 -11.99
CA LEU A 185 7.06 16.51 -11.59
C LEU A 185 6.36 15.92 -12.80
N LEU A 186 5.73 16.78 -13.60
CA LEU A 186 5.03 16.34 -14.81
C LEU A 186 5.91 15.48 -15.70
N ARG A 187 7.23 15.74 -15.74
CA ARG A 187 8.09 14.89 -16.55
C ARG A 187 8.22 13.50 -15.95
N VAL A 188 8.14 13.39 -14.62
CA VAL A 188 8.20 12.07 -13.97
C VAL A 188 7.01 11.23 -14.42
N PHE A 189 5.82 11.86 -14.45
CA PHE A 189 4.64 11.20 -14.98
C PHE A 189 4.77 10.92 -16.47
N ASP A 190 5.23 11.90 -17.27
CA ASP A 190 5.42 11.64 -18.70
C ASP A 190 6.46 10.56 -18.92
N GLY A 191 7.52 10.55 -18.12
CA GLY A 191 8.48 9.47 -18.22
C GLY A 191 7.85 8.12 -17.94
N LEU A 192 7.00 8.05 -16.91
CA LEU A 192 6.30 6.82 -16.55
C LEU A 192 5.31 6.39 -17.62
N ALA A 193 4.41 7.29 -18.04
CA ALA A 193 3.41 6.94 -19.05
C ALA A 193 4.07 6.43 -20.33
N GLU A 194 5.10 7.11 -20.83
CA GLU A 194 5.77 6.63 -22.04
C GLU A 194 6.41 5.25 -21.81
N ALA A 195 6.97 5.01 -20.62
CA ALA A 195 7.50 3.70 -20.31
C ALA A 195 6.42 2.62 -20.26
N MET A 196 5.25 2.94 -19.70
CA MET A 196 4.19 1.94 -19.62
C MET A 196 3.68 1.56 -21.01
N TYR A 197 3.36 2.55 -21.85
CA TYR A 197 2.87 2.24 -23.19
C TYR A 197 3.87 1.40 -23.95
N LEU A 198 5.15 1.51 -23.60
CA LEU A 198 6.19 0.68 -24.23
C LEU A 198 6.01 -0.79 -23.88
N ILE A 199 5.84 -1.09 -22.59
CA ILE A 199 5.74 -2.48 -22.16
C ILE A 199 4.43 -3.11 -22.63
N VAL A 200 3.31 -2.37 -22.57
CA VAL A 200 2.07 -2.86 -23.14
C VAL A 200 2.32 -3.44 -24.53
N GLY A 201 3.08 -2.70 -25.35
CA GLY A 201 3.38 -3.17 -26.69
C GLY A 201 4.27 -4.39 -26.68
N GLY A 202 5.16 -4.47 -25.68
CA GLY A 202 6.03 -5.64 -25.59
C GLY A 202 5.28 -6.88 -25.14
N VAL A 203 4.43 -6.73 -24.12
CA VAL A 203 3.63 -7.86 -23.66
C VAL A 203 2.71 -8.34 -24.78
N MET A 204 2.24 -7.42 -25.62
CA MET A 204 1.36 -7.84 -26.69
C MET A 204 2.08 -8.71 -27.72
N GLN A 205 3.38 -8.99 -27.53
CA GLN A 205 4.06 -10.05 -28.29
C GLN A 205 3.63 -11.41 -27.79
N TYR A 206 3.47 -11.55 -26.47
CA TYR A 206 2.96 -12.77 -25.87
C TYR A 206 1.45 -12.92 -26.07
N ALA A 207 0.75 -11.81 -26.31
CA ALA A 207 -0.71 -11.80 -26.35
C ALA A 207 -1.33 -12.94 -27.17
N PRO A 208 -0.79 -13.35 -28.33
CA PRO A 208 -1.35 -14.53 -29.00
C PRO A 208 -1.33 -15.79 -28.14
N ILE A 209 -0.33 -15.95 -27.28
CA ILE A 209 -0.26 -17.16 -26.46
C ILE A 209 -1.22 -17.11 -25.28
N GLY A 210 -1.18 -16.03 -24.51
CA GLY A 210 -2.10 -15.89 -23.39
C GLY A 210 -3.54 -15.97 -23.84
N VAL A 211 -3.84 -15.40 -25.01
CA VAL A 211 -5.18 -15.53 -25.58
C VAL A 211 -5.50 -17.01 -25.81
N PHE A 212 -4.58 -17.73 -26.44
CA PHE A 212 -4.82 -19.14 -26.73
C PHE A 212 -5.09 -19.92 -25.45
N ALA A 213 -4.29 -19.70 -24.41
CA ALA A 213 -4.47 -20.47 -23.18
C ALA A 213 -5.80 -20.13 -22.51
N LEU A 214 -6.08 -18.85 -22.33
CA LEU A 214 -7.33 -18.45 -21.69
C LEU A 214 -8.53 -19.03 -22.42
N ILE A 215 -8.59 -18.83 -23.74
CA ILE A 215 -9.75 -19.34 -24.48
C ILE A 215 -9.76 -20.88 -24.49
N ALA A 216 -8.59 -21.51 -24.49
CA ALA A 216 -8.56 -22.97 -24.46
C ALA A 216 -9.06 -23.52 -23.12
N TYR A 217 -8.66 -22.89 -22.02
CA TYR A 217 -9.17 -23.30 -20.71
C TYR A 217 -10.67 -23.04 -20.61
N VAL A 218 -11.12 -21.84 -20.98
CA VAL A 218 -12.54 -21.52 -20.90
C VAL A 218 -13.36 -22.44 -21.79
N MET A 219 -12.99 -22.58 -23.07
CA MET A 219 -13.79 -23.44 -23.94
C MET A 219 -13.85 -24.87 -23.43
N ALA A 220 -12.80 -25.34 -22.76
CA ALA A 220 -12.80 -26.72 -22.29
C ALA A 220 -13.78 -26.91 -21.14
N GLU A 221 -13.79 -25.98 -20.18
CA GLU A 221 -14.61 -26.14 -18.98
C GLU A 221 -16.10 -26.00 -19.29
N GLN A 222 -16.48 -24.95 -20.01
CA GLN A 222 -17.88 -24.63 -20.23
C GLN A 222 -18.29 -24.84 -21.68
N GLY A 223 -17.43 -25.41 -22.51
CA GLY A 223 -17.86 -25.76 -23.83
C GLY A 223 -18.98 -26.76 -23.74
N VAL A 224 -18.73 -27.85 -23.00
CA VAL A 224 -19.70 -28.94 -22.84
C VAL A 224 -21.06 -28.44 -22.37
N ARG A 225 -21.06 -27.37 -21.57
CA ARG A 225 -22.29 -26.78 -21.04
C ARG A 225 -23.10 -25.97 -22.03
N VAL A 226 -22.55 -25.60 -23.18
CA VAL A 226 -23.33 -24.84 -24.16
C VAL A 226 -23.99 -25.89 -25.04
N VAL A 227 -25.03 -26.53 -24.50
CA VAL A 227 -25.68 -27.56 -25.30
C VAL A 227 -27.20 -27.50 -25.17
N GLY A 228 -27.68 -26.88 -24.10
CA GLY A 228 -29.09 -26.89 -23.85
C GLY A 228 -29.81 -25.61 -24.18
N PRO A 229 -30.89 -25.30 -23.46
CA PRO A 229 -31.42 -23.94 -23.50
C PRO A 229 -30.43 -22.94 -22.97
N LEU A 230 -29.41 -23.39 -22.22
CA LEU A 230 -28.25 -22.53 -21.96
C LEU A 230 -27.48 -22.26 -23.25
N ALA A 231 -27.31 -23.27 -24.10
CA ALA A 231 -26.73 -23.02 -25.41
C ALA A 231 -27.55 -22.01 -26.17
N LYS A 232 -28.87 -22.10 -26.06
CA LYS A 232 -29.76 -21.15 -26.71
C LYS A 232 -29.67 -19.78 -26.05
N VAL A 233 -29.31 -19.73 -24.77
CA VAL A 233 -28.96 -18.45 -24.14
C VAL A 233 -27.68 -17.88 -24.74
N VAL A 234 -26.63 -18.69 -24.85
CA VAL A 234 -25.38 -18.23 -25.44
C VAL A 234 -25.64 -17.71 -26.85
N GLY A 235 -26.33 -18.49 -27.66
CA GLY A 235 -26.70 -18.00 -28.97
C GLY A 235 -27.38 -16.63 -28.91
N ALA A 236 -28.23 -16.43 -27.92
CA ALA A 236 -28.96 -15.17 -27.81
C ALA A 236 -28.04 -14.02 -27.41
N VAL A 237 -27.22 -14.21 -26.36
CA VAL A 237 -26.42 -13.11 -25.83
C VAL A 237 -25.41 -12.62 -26.86
N TYR A 238 -24.71 -13.55 -27.53
CA TYR A 238 -23.75 -13.15 -28.55
C TYR A 238 -24.43 -12.39 -29.69
N THR A 239 -25.60 -12.84 -30.13
CA THR A 239 -26.33 -12.15 -31.19
C THR A 239 -26.65 -10.71 -30.79
N GLY A 240 -27.09 -10.50 -29.55
CA GLY A 240 -27.45 -9.16 -29.12
C GLY A 240 -26.28 -8.20 -29.00
N LEU A 241 -25.16 -8.68 -28.44
CA LEU A 241 -23.90 -7.93 -28.44
C LEU A 241 -23.54 -7.46 -29.83
N PHE A 242 -23.70 -8.33 -30.82
CA PHE A 242 -23.39 -8.01 -32.20
C PHE A 242 -24.17 -6.81 -32.69
N LEU A 243 -25.49 -6.80 -32.45
CA LEU A 243 -26.33 -5.68 -32.92
C LEU A 243 -25.84 -4.36 -32.35
N GLN A 244 -25.46 -4.36 -31.06
CA GLN A 244 -24.89 -3.17 -30.43
C GLN A 244 -23.73 -2.60 -31.24
N ILE A 245 -22.85 -3.47 -31.75
CA ILE A 245 -21.74 -3.03 -32.57
C ILE A 245 -22.23 -2.55 -33.93
N VAL A 246 -22.83 -3.46 -34.70
CA VAL A 246 -23.13 -3.16 -36.08
C VAL A 246 -24.28 -2.18 -36.20
N ILE A 247 -25.13 -2.07 -35.18
CA ILE A 247 -26.16 -1.04 -35.29
C ILE A 247 -25.68 0.19 -34.56
N THR A 248 -25.49 0.11 -33.25
CA THR A 248 -25.24 1.36 -32.52
C THR A 248 -23.83 1.90 -32.77
N TYR A 249 -22.80 1.05 -32.66
CA TYR A 249 -21.44 1.55 -32.84
C TYR A 249 -21.18 1.94 -34.31
N PHE A 250 -21.42 1.03 -35.25
CA PHE A 250 -21.14 1.36 -36.64
C PHE A 250 -21.96 2.57 -37.07
N ILE A 251 -23.24 2.60 -36.73
CA ILE A 251 -24.04 3.73 -37.14
C ILE A 251 -23.53 5.00 -36.48
N LEU A 252 -23.24 4.95 -35.18
CA LEU A 252 -22.65 6.12 -34.53
C LEU A 252 -21.26 6.44 -35.11
N LEU A 253 -20.44 5.41 -35.34
CA LEU A 253 -19.13 5.63 -35.93
C LEU A 253 -19.26 6.20 -37.35
N LYS A 254 -20.08 5.57 -38.19
CA LYS A 254 -20.29 6.07 -39.53
C LYS A 254 -20.97 7.44 -39.47
N VAL A 255 -21.79 7.69 -38.44
CA VAL A 255 -22.46 8.99 -38.31
C VAL A 255 -21.45 10.13 -38.11
N PHE A 256 -20.35 9.89 -37.40
CA PHE A 256 -19.35 10.92 -37.21
C PHE A 256 -18.20 10.82 -38.22
N GLY A 257 -18.39 10.11 -39.31
CA GLY A 257 -17.40 10.08 -40.36
C GLY A 257 -16.18 9.24 -40.02
N ILE A 258 -16.37 8.13 -39.31
CA ILE A 258 -15.30 7.20 -39.05
C ILE A 258 -15.63 5.92 -39.78
N ASP A 259 -14.74 5.48 -40.69
CA ASP A 259 -14.94 4.21 -41.36
C ASP A 259 -14.98 3.19 -40.23
N PRO A 260 -16.14 2.58 -39.98
CA PRO A 260 -16.26 1.66 -38.84
C PRO A 260 -15.44 0.41 -39.03
N ILE A 261 -15.14 0.05 -40.28
CA ILE A 261 -14.25 -1.06 -40.56
C ILE A 261 -12.80 -0.68 -40.24
N LYS A 262 -12.43 0.58 -40.47
CA LYS A 262 -11.13 1.00 -39.98
C LYS A 262 -11.13 1.03 -38.46
N PHE A 263 -12.26 1.36 -37.84
CA PHE A 263 -12.32 1.37 -36.37
C PHE A 263 -12.15 -0.03 -35.79
N ILE A 264 -12.94 -1.00 -36.25
CA ILE A 264 -12.84 -2.36 -35.72
C ILE A 264 -11.43 -2.90 -35.91
N ARG A 265 -10.86 -2.69 -37.11
CA ARG A 265 -9.53 -3.21 -37.42
C ARG A 265 -8.47 -2.66 -36.46
N LYS A 266 -8.69 -1.48 -35.89
CA LYS A 266 -7.79 -0.86 -34.91
C LYS A 266 -8.08 -1.32 -33.48
N ALA A 267 -9.36 -1.54 -33.16
CA ALA A 267 -9.74 -1.91 -31.81
C ALA A 267 -9.33 -3.34 -31.47
N LYS A 268 -9.08 -4.17 -32.49
CA LYS A 268 -9.17 -5.63 -32.30
C LYS A 268 -8.23 -6.16 -31.22
N ASP A 269 -7.01 -5.63 -31.12
CA ASP A 269 -6.15 -6.06 -30.02
C ASP A 269 -6.80 -5.80 -28.66
N ALA A 270 -7.45 -4.65 -28.51
CA ALA A 270 -8.16 -4.40 -27.27
C ALA A 270 -9.39 -5.30 -27.13
N MET A 271 -10.05 -5.59 -28.26
CA MET A 271 -11.21 -6.48 -28.23
C MET A 271 -10.85 -7.90 -27.82
N ILE A 272 -9.79 -8.47 -28.41
CA ILE A 272 -9.46 -9.86 -28.13
C ILE A 272 -8.89 -10.05 -26.72
N THR A 273 -8.14 -9.09 -26.19
CA THR A 273 -7.71 -9.26 -24.81
C THR A 273 -8.88 -9.06 -23.85
N ALA A 274 -9.76 -8.10 -24.15
CA ALA A 274 -10.98 -7.94 -23.36
C ALA A 274 -11.79 -9.24 -23.30
N PHE A 275 -11.90 -9.91 -24.45
CA PHE A 275 -12.62 -11.17 -24.56
C PHE A 275 -12.03 -12.25 -23.66
N VAL A 276 -10.75 -12.56 -23.80
CA VAL A 276 -10.20 -13.73 -23.10
C VAL A 276 -9.73 -13.47 -21.68
N THR A 277 -9.55 -12.22 -21.30
CA THR A 277 -9.23 -11.92 -19.90
C THR A 277 -10.48 -11.62 -19.10
N ARG A 278 -11.58 -11.31 -19.81
CA ARG A 278 -12.88 -11.08 -19.20
C ARG A 278 -12.81 -9.97 -18.15
N SER A 279 -11.83 -9.09 -18.31
CA SER A 279 -11.58 -7.98 -17.39
C SER A 279 -11.35 -6.71 -18.22
N SER A 280 -12.29 -5.77 -18.12
CA SER A 280 -12.01 -4.45 -18.67
C SER A 280 -10.78 -3.86 -18.01
N SER A 281 -10.86 -3.62 -16.69
CA SER A 281 -9.71 -3.03 -16.02
C SER A 281 -8.42 -3.78 -16.30
N GLY A 282 -8.50 -5.08 -16.50
CA GLY A 282 -7.30 -5.82 -16.81
C GLY A 282 -6.79 -5.60 -18.21
N THR A 283 -7.65 -5.18 -19.15
CA THR A 283 -7.22 -4.84 -20.52
C THR A 283 -7.17 -3.33 -20.79
N LEU A 284 -7.27 -2.48 -19.76
CA LEU A 284 -7.07 -1.04 -19.96
C LEU A 284 -5.75 -0.72 -20.64
N PRO A 285 -4.61 -1.32 -20.26
CA PRO A 285 -3.37 -0.96 -20.96
C PRO A 285 -3.43 -1.22 -22.46
N VAL A 286 -3.99 -2.34 -22.88
CA VAL A 286 -4.13 -2.59 -24.33
C VAL A 286 -5.15 -1.65 -24.93
N THR A 287 -6.22 -1.34 -24.19
CA THR A 287 -7.21 -0.42 -24.73
C THR A 287 -6.63 0.98 -24.94
N MET A 288 -5.76 1.41 -24.03
CA MET A 288 -5.15 2.73 -24.16
C MET A 288 -4.10 2.74 -25.26
N ARG A 289 -3.19 1.77 -25.26
CA ARG A 289 -2.21 1.67 -26.33
C ARG A 289 -2.91 1.53 -27.68
N VAL A 290 -4.04 0.83 -27.73
CA VAL A 290 -4.75 0.86 -28.99
C VAL A 290 -5.28 2.27 -29.26
N ALA A 291 -5.72 2.95 -28.20
CA ALA A 291 -6.35 4.26 -28.38
C ALA A 291 -5.36 5.31 -28.85
N GLU A 292 -4.08 5.13 -28.55
CA GLU A 292 -3.04 6.05 -28.99
C GLU A 292 -2.42 5.65 -30.32
N GLU A 293 -1.76 4.49 -30.37
CA GLU A 293 -1.06 4.07 -31.59
C GLU A 293 -2.06 3.86 -32.73
N GLU A 294 -2.99 2.93 -32.56
CA GLU A 294 -3.88 2.61 -33.66
C GLU A 294 -4.90 3.72 -33.89
N MET A 295 -5.62 4.11 -32.84
CA MET A 295 -6.74 5.04 -33.00
C MET A 295 -6.25 6.44 -33.32
N GLY A 296 -5.20 6.89 -32.64
CA GLY A 296 -4.73 8.25 -32.77
C GLY A 296 -5.41 9.24 -31.84
N VAL A 297 -5.78 8.82 -30.67
CA VAL A 297 -6.43 9.70 -29.72
C VAL A 297 -5.35 10.31 -28.84
N ASP A 298 -5.55 11.54 -28.40
CA ASP A 298 -4.60 12.19 -27.53
C ASP A 298 -4.87 11.85 -26.08
N LYS A 299 -3.80 11.78 -25.28
CA LYS A 299 -3.94 11.45 -23.85
C LYS A 299 -4.89 12.39 -23.15
N GLY A 300 -5.05 13.62 -23.63
CA GLY A 300 -6.07 14.47 -23.05
C GLY A 300 -7.45 13.86 -23.08
N ILE A 301 -7.66 12.86 -23.95
CA ILE A 301 -8.98 12.23 -24.05
C ILE A 301 -8.98 10.83 -23.43
N PHE A 302 -8.23 9.90 -24.03
CA PHE A 302 -8.37 8.51 -23.61
C PHE A 302 -7.80 8.25 -22.23
N SER A 303 -6.84 9.06 -21.78
CA SER A 303 -6.35 8.91 -20.42
C SER A 303 -7.41 9.22 -19.37
N PHE A 304 -8.53 9.82 -19.77
CA PHE A 304 -9.67 10.07 -18.90
C PHE A 304 -10.86 9.17 -19.23
N THR A 305 -11.24 9.07 -20.51
CA THR A 305 -12.44 8.31 -20.84
C THR A 305 -12.22 6.80 -20.77
N LEU A 306 -11.05 6.35 -21.14
CA LEU A 306 -10.87 4.91 -21.24
C LEU A 306 -10.88 4.20 -19.89
N PRO A 307 -10.24 4.75 -18.85
CA PRO A 307 -10.35 4.10 -17.53
C PRO A 307 -11.71 4.28 -16.91
N LEU A 308 -12.34 5.44 -17.11
CA LEU A 308 -13.68 5.63 -16.59
C LEU A 308 -14.66 4.67 -17.25
N GLY A 309 -14.52 4.45 -18.55
CA GLY A 309 -15.44 3.56 -19.22
C GLY A 309 -15.24 2.10 -18.89
N ALA A 310 -14.05 1.72 -18.45
CA ALA A 310 -13.80 0.33 -18.13
C ALA A 310 -14.69 -0.11 -16.99
N THR A 311 -15.04 0.83 -16.13
CA THR A 311 -15.90 0.62 -14.96
C THR A 311 -17.35 0.88 -15.29
N ILE A 312 -17.67 2.09 -15.74
CA ILE A 312 -19.06 2.54 -15.80
C ILE A 312 -19.69 2.37 -17.17
N ASN A 313 -18.92 2.08 -18.20
CA ASN A 313 -19.50 1.84 -19.53
C ASN A 313 -19.37 0.36 -19.85
N MET A 314 -20.39 -0.41 -19.47
CA MET A 314 -20.42 -1.83 -19.81
C MET A 314 -21.67 -2.06 -20.66
N ASP A 315 -21.54 -1.87 -21.98
CA ASP A 315 -22.65 -2.19 -22.87
C ASP A 315 -22.90 -3.69 -22.91
N GLY A 316 -21.84 -4.50 -22.91
CA GLY A 316 -22.03 -5.94 -22.96
C GLY A 316 -22.67 -6.53 -21.73
N THR A 317 -22.33 -6.02 -20.54
CA THR A 317 -22.95 -6.47 -19.31
C THR A 317 -24.40 -6.02 -19.25
N ALA A 318 -24.67 -4.74 -19.59
CA ALA A 318 -26.04 -4.24 -19.57
C ALA A 318 -26.95 -5.02 -20.51
N LEU A 319 -26.39 -5.68 -21.52
CA LEU A 319 -27.17 -6.51 -22.44
C LEU A 319 -27.24 -7.99 -21.99
N TYR A 320 -26.13 -8.57 -21.48
CA TYR A 320 -26.17 -9.86 -20.78
C TYR A 320 -27.23 -9.82 -19.70
N GLN A 321 -27.24 -8.74 -18.90
CA GLN A 321 -28.25 -8.61 -17.85
C GLN A 321 -29.66 -8.50 -18.44
N GLY A 322 -29.81 -7.83 -19.58
CA GLY A 322 -31.11 -7.78 -20.20
C GLY A 322 -31.59 -9.12 -20.72
N VAL A 323 -30.68 -9.92 -21.28
CA VAL A 323 -31.06 -11.21 -21.87
C VAL A 323 -31.30 -12.25 -20.78
N THR A 324 -30.43 -12.33 -19.76
CA THR A 324 -30.61 -13.40 -18.77
C THR A 324 -31.78 -13.10 -17.84
N VAL A 325 -32.13 -11.82 -17.66
CA VAL A 325 -33.31 -11.48 -16.86
C VAL A 325 -34.58 -12.00 -17.52
N LEU A 326 -34.69 -11.88 -18.83
CA LEU A 326 -35.84 -12.49 -19.52
C LEU A 326 -35.81 -14.01 -19.39
N PHE A 327 -34.61 -14.60 -19.34
CA PHE A 327 -34.50 -16.06 -19.26
C PHE A 327 -35.06 -16.60 -17.96
N VAL A 328 -34.82 -15.90 -16.85
CA VAL A 328 -35.30 -16.34 -15.55
C VAL A 328 -36.81 -16.21 -15.47
N ALA A 329 -37.34 -15.03 -15.78
CA ALA A 329 -38.79 -14.82 -15.68
C ALA A 329 -39.56 -15.77 -16.58
N ASN A 330 -38.99 -16.13 -17.74
CA ASN A 330 -39.61 -17.15 -18.57
C ASN A 330 -39.47 -18.53 -17.95
N ALA A 331 -38.29 -18.80 -17.37
CA ALA A 331 -38.00 -20.14 -16.87
C ALA A 331 -38.82 -20.51 -15.64
N ILE A 332 -39.43 -19.55 -14.96
CA ILE A 332 -40.25 -19.82 -13.79
C ILE A 332 -41.71 -19.49 -14.03
N GLY A 333 -42.12 -19.21 -15.27
CA GLY A 333 -43.51 -18.99 -15.56
C GLY A 333 -44.09 -17.65 -15.14
N HIS A 334 -43.27 -16.68 -14.70
CA HIS A 334 -43.71 -15.32 -14.44
C HIS A 334 -43.03 -14.35 -15.40
N PRO A 335 -43.41 -14.36 -16.68
CA PRO A 335 -42.76 -13.49 -17.66
C PRO A 335 -42.95 -12.02 -17.31
N LEU A 336 -41.96 -11.22 -17.70
CA LEU A 336 -41.94 -9.81 -17.37
C LEU A 336 -42.92 -9.03 -18.24
N THR A 337 -43.73 -8.19 -17.62
CA THR A 337 -44.61 -7.31 -18.37
C THR A 337 -43.79 -6.19 -19.03
N LEU A 338 -44.45 -5.44 -19.90
CA LEU A 338 -43.81 -4.29 -20.55
C LEU A 338 -43.30 -3.31 -19.51
N GLY A 339 -44.19 -2.86 -18.62
CA GLY A 339 -43.85 -1.91 -17.57
C GLY A 339 -42.68 -2.35 -16.72
N GLN A 340 -42.41 -3.66 -16.71
CA GLN A 340 -41.27 -4.20 -15.98
C GLN A 340 -39.99 -4.14 -16.81
N GLN A 341 -40.08 -4.37 -18.12
CA GLN A 341 -38.88 -4.28 -18.96
C GLN A 341 -38.32 -2.86 -18.96
N LEU A 342 -39.19 -1.85 -18.84
CA LEU A 342 -38.78 -0.45 -18.73
C LEU A 342 -38.11 -0.15 -17.39
N VAL A 343 -38.40 -0.94 -16.36
CA VAL A 343 -37.61 -0.84 -15.13
C VAL A 343 -36.24 -1.47 -15.35
N VAL A 344 -36.15 -2.49 -16.21
CA VAL A 344 -34.89 -3.17 -16.46
C VAL A 344 -33.90 -2.24 -17.15
N VAL A 345 -34.38 -1.45 -18.11
CA VAL A 345 -33.53 -0.49 -18.80
C VAL A 345 -32.89 0.45 -17.78
N LEU A 346 -33.69 0.97 -16.86
CA LEU A 346 -33.14 1.78 -15.78
C LEU A 346 -32.17 0.96 -14.94
N THR A 347 -32.54 -0.26 -14.56
CA THR A 347 -31.78 -0.97 -13.54
C THR A 347 -30.66 -1.84 -14.08
N ALA A 348 -30.73 -2.29 -15.35
CA ALA A 348 -29.57 -2.98 -15.92
C ALA A 348 -28.47 -1.98 -16.30
N VAL A 349 -28.85 -0.76 -16.68
CA VAL A 349 -27.87 0.31 -16.82
C VAL A 349 -27.22 0.60 -15.47
N LEU A 350 -28.04 0.78 -14.44
CA LEU A 350 -27.50 1.06 -13.11
C LEU A 350 -26.59 -0.08 -12.64
N ALA A 351 -26.97 -1.33 -12.92
CA ALA A 351 -26.15 -2.45 -12.46
C ALA A 351 -24.88 -2.58 -13.29
N SER A 352 -24.95 -2.25 -14.58
CA SER A 352 -23.74 -2.27 -15.39
C SER A 352 -22.78 -1.15 -14.98
N ILE A 353 -23.32 0.01 -14.57
CA ILE A 353 -22.48 1.07 -14.02
C ILE A 353 -21.79 0.58 -12.76
N GLY A 354 -22.51 -0.23 -11.94
CA GLY A 354 -22.00 -0.75 -10.68
C GLY A 354 -21.08 -1.95 -10.82
N THR A 355 -21.21 -2.72 -11.91
CA THR A 355 -20.36 -3.89 -12.16
C THR A 355 -18.87 -3.52 -12.24
N ALA A 356 -18.08 -4.09 -11.33
CA ALA A 356 -16.63 -3.93 -11.41
C ALA A 356 -16.10 -4.62 -12.67
N GLY A 357 -14.97 -4.10 -13.18
CA GLY A 357 -14.42 -4.56 -14.44
C GLY A 357 -13.49 -5.77 -14.37
N VAL A 358 -13.90 -6.75 -13.57
CA VAL A 358 -13.11 -7.96 -13.34
C VAL A 358 -13.96 -9.15 -13.78
N PRO A 359 -13.36 -10.31 -14.05
CA PRO A 359 -14.15 -11.44 -14.58
C PRO A 359 -15.26 -11.85 -13.64
N GLY A 360 -16.48 -11.95 -14.18
CA GLY A 360 -17.58 -12.53 -13.46
C GLY A 360 -18.47 -11.54 -12.71
N ALA A 361 -18.00 -10.32 -12.47
CA ALA A 361 -18.77 -9.41 -11.62
C ALA A 361 -20.14 -9.05 -12.19
N GLY A 362 -20.37 -9.26 -13.48
CA GLY A 362 -21.68 -8.97 -14.04
C GLY A 362 -22.77 -9.91 -13.55
N ALA A 363 -22.43 -11.18 -13.37
CA ALA A 363 -23.40 -12.10 -12.79
C ALA A 363 -23.80 -11.64 -11.39
N ILE A 364 -22.81 -11.34 -10.54
CA ILE A 364 -23.10 -10.83 -9.20
C ILE A 364 -24.06 -9.64 -9.29
N MET A 365 -23.89 -8.77 -10.25
CA MET A 365 -24.75 -7.61 -10.25
C MET A 365 -26.11 -7.89 -10.87
N LEU A 366 -26.23 -8.96 -11.65
CA LEU A 366 -27.52 -9.37 -12.20
C LEU A 366 -28.57 -9.55 -11.11
N ALA A 367 -28.15 -9.99 -9.91
CA ALA A 367 -29.06 -10.14 -8.80
C ALA A 367 -29.78 -8.84 -8.48
N MET A 368 -29.01 -7.72 -8.36
N MET A 368 -29.03 -7.73 -8.35
CA MET A 368 -29.61 -6.41 -8.10
CA MET A 368 -29.69 -6.47 -8.02
C MET A 368 -30.71 -6.11 -9.09
C MET A 368 -30.69 -6.05 -9.10
N VAL A 369 -30.58 -6.61 -10.31
CA VAL A 369 -31.52 -6.31 -11.38
C VAL A 369 -32.81 -7.10 -11.20
N LEU A 370 -32.69 -8.33 -10.68
CA LEU A 370 -33.86 -9.13 -10.34
C LEU A 370 -34.59 -8.54 -9.13
N GLN A 371 -33.85 -8.31 -8.04
CA GLN A 371 -34.42 -7.68 -6.84
C GLN A 371 -35.23 -6.43 -7.18
N SER A 372 -34.93 -5.78 -8.31
CA SER A 372 -35.63 -4.57 -8.75
C SER A 372 -36.97 -4.84 -9.44
N VAL A 373 -37.18 -6.03 -9.99
CA VAL A 373 -38.45 -6.42 -10.61
C VAL A 373 -39.26 -7.40 -9.77
N GLY A 374 -38.79 -7.75 -8.57
CA GLY A 374 -39.56 -8.62 -7.74
C GLY A 374 -39.30 -10.08 -7.98
N LEU A 375 -38.13 -10.43 -8.47
CA LEU A 375 -37.72 -11.84 -8.55
C LEU A 375 -36.62 -12.02 -7.52
N ASP A 376 -37.00 -12.34 -6.29
CA ASP A 376 -36.01 -12.46 -5.23
C ASP A 376 -35.33 -13.82 -5.29
N LEU A 377 -34.04 -13.84 -4.94
CA LEU A 377 -33.19 -15.03 -5.03
C LEU A 377 -33.15 -15.79 -3.72
N THR A 378 -34.32 -16.05 -3.13
CA THR A 378 -34.38 -16.83 -1.92
C THR A 378 -33.84 -18.23 -2.22
N PRO A 379 -32.88 -18.71 -1.43
CA PRO A 379 -32.15 -19.93 -1.81
C PRO A 379 -33.06 -21.14 -1.85
N GLY A 380 -32.85 -21.98 -2.87
CA GLY A 380 -33.65 -23.14 -3.10
C GLY A 380 -34.93 -22.87 -3.86
N SER A 381 -35.23 -21.61 -4.15
CA SER A 381 -36.46 -21.29 -4.84
C SER A 381 -36.25 -21.55 -6.31
N PRO A 382 -37.32 -21.57 -7.11
CA PRO A 382 -37.13 -21.72 -8.55
C PRO A 382 -36.28 -20.62 -9.15
N VAL A 383 -36.45 -19.36 -8.73
CA VAL A 383 -35.63 -18.26 -9.24
C VAL A 383 -34.14 -18.53 -9.02
N ALA A 384 -33.75 -18.88 -7.80
CA ALA A 384 -32.36 -19.16 -7.50
C ALA A 384 -31.80 -20.29 -8.35
N LEU A 385 -32.67 -21.11 -8.92
CA LEU A 385 -32.27 -22.22 -9.78
C LEU A 385 -31.90 -21.73 -11.17
N ALA A 386 -32.74 -20.85 -11.74
CA ALA A 386 -32.49 -20.30 -13.05
C ALA A 386 -31.25 -19.42 -13.06
N TYR A 387 -31.04 -18.66 -11.99
CA TYR A 387 -29.81 -17.88 -11.84
C TYR A 387 -28.59 -18.77 -11.95
N ALA A 388 -28.64 -19.95 -11.33
CA ALA A 388 -27.48 -20.83 -11.33
C ALA A 388 -27.30 -21.56 -12.64
N MET A 389 -28.36 -21.74 -13.42
CA MET A 389 -28.18 -22.20 -14.79
C MET A 389 -27.35 -21.21 -15.60
N ILE A 390 -27.56 -19.91 -15.36
CA ILE A 390 -26.81 -18.86 -16.05
C ILE A 390 -25.34 -18.88 -15.62
N LEU A 391 -25.08 -18.91 -14.31
CA LEU A 391 -23.72 -18.87 -13.82
C LEU A 391 -22.92 -20.08 -14.26
N GLY A 392 -23.58 -21.11 -14.79
CA GLY A 392 -22.85 -22.25 -15.28
C GLY A 392 -22.19 -22.00 -16.63
N ILE A 393 -22.73 -21.07 -17.40
CA ILE A 393 -22.12 -20.68 -18.66
C ILE A 393 -21.59 -19.25 -18.58
N ASP A 394 -21.31 -18.76 -17.37
CA ASP A 394 -20.94 -17.36 -17.22
C ASP A 394 -19.66 -17.03 -17.96
N ALA A 395 -18.64 -17.91 -17.91
CA ALA A 395 -17.41 -17.61 -18.64
C ALA A 395 -17.66 -17.58 -20.13
N ILE A 396 -18.47 -18.51 -20.64
CA ILE A 396 -18.83 -18.42 -22.06
C ILE A 396 -19.46 -17.07 -22.36
N LEU A 397 -20.37 -16.61 -21.51
CA LEU A 397 -20.93 -15.29 -21.73
C LEU A 397 -20.04 -14.17 -21.21
N ASP A 398 -19.08 -14.47 -20.35
CA ASP A 398 -18.25 -13.40 -19.77
C ASP A 398 -17.30 -12.84 -20.80
N MET A 399 -16.73 -13.71 -21.63
CA MET A 399 -15.78 -13.27 -22.64
C MET A 399 -16.42 -12.25 -23.57
N GLY A 400 -17.46 -12.66 -24.30
CA GLY A 400 -18.17 -11.78 -25.22
C GLY A 400 -18.77 -10.55 -24.55
N ARG A 401 -19.02 -10.60 -23.26
CA ARG A 401 -19.58 -9.46 -22.58
C ARG A 401 -18.51 -8.38 -22.37
N THR A 402 -17.33 -8.75 -21.84
CA THR A 402 -16.32 -7.73 -21.56
C THR A 402 -15.81 -7.09 -22.86
N MET A 403 -15.88 -7.83 -23.97
CA MET A 403 -15.45 -7.30 -25.26
C MET A 403 -16.26 -6.07 -25.67
N VAL A 404 -17.59 -6.15 -25.59
CA VAL A 404 -18.41 -4.98 -25.89
C VAL A 404 -18.32 -3.93 -24.78
N ASN A 405 -17.75 -4.29 -23.65
CA ASN A 405 -17.60 -3.30 -22.60
C ASN A 405 -16.46 -2.36 -22.93
N VAL A 406 -15.41 -2.93 -23.52
CA VAL A 406 -14.24 -2.21 -23.99
C VAL A 406 -14.50 -1.56 -25.34
N THR A 407 -15.13 -2.28 -26.27
CA THR A 407 -15.35 -1.71 -27.60
C THR A 407 -16.13 -0.41 -27.51
N GLY A 408 -17.11 -0.33 -26.62
CA GLY A 408 -17.81 0.92 -26.42
C GLY A 408 -16.94 1.96 -25.76
N ASP A 409 -15.88 1.54 -25.07
CA ASP A 409 -14.95 2.52 -24.54
C ASP A 409 -14.09 3.13 -25.65
N LEU A 410 -13.65 2.30 -26.60
CA LEU A 410 -12.89 2.83 -27.72
C LEU A 410 -13.76 3.62 -28.67
N ALA A 411 -14.88 3.04 -29.10
CA ALA A 411 -15.79 3.77 -29.99
C ALA A 411 -16.24 5.07 -29.34
N GLY A 412 -16.35 5.09 -28.02
CA GLY A 412 -16.72 6.33 -27.38
C GLY A 412 -15.56 7.31 -27.35
N THR A 413 -14.35 6.81 -27.13
CA THR A 413 -13.15 7.65 -27.12
C THR A 413 -12.86 8.20 -28.51
N VAL A 414 -12.92 7.34 -29.52
CA VAL A 414 -12.64 7.78 -30.88
C VAL A 414 -13.70 8.78 -31.32
N ILE A 415 -14.97 8.54 -31.00
CA ILE A 415 -16.02 9.45 -31.42
C ILE A 415 -15.88 10.79 -30.72
N VAL A 416 -15.60 10.79 -29.43
CA VAL A 416 -15.44 12.06 -28.73
C VAL A 416 -14.20 12.80 -29.23
N ALA A 417 -13.15 12.07 -29.63
CA ALA A 417 -11.93 12.71 -30.14
C ALA A 417 -12.19 13.45 -31.46
N LYS A 418 -12.85 12.80 -32.41
CA LYS A 418 -13.14 13.47 -33.68
C LYS A 418 -14.07 14.65 -33.47
N THR A 419 -14.75 14.71 -32.33
CA THR A 419 -15.57 15.86 -31.98
C THR A 419 -14.75 17.02 -31.43
N GLU A 420 -13.66 16.72 -30.72
CA GLU A 420 -12.79 17.72 -30.10
C GLU A 420 -11.53 18.00 -30.89
N LYS A 421 -11.51 17.62 -32.17
CA LYS A 421 -10.37 17.85 -33.05
C LYS A 421 -9.11 17.15 -32.54
N GLU A 422 -9.26 16.25 -31.58
CA GLU A 422 -8.15 15.57 -30.92
C GLU A 422 -7.94 14.16 -31.47
N LEU A 423 -8.32 13.93 -32.72
CA LEU A 423 -8.11 12.65 -33.37
C LEU A 423 -7.15 12.88 -34.52
N ASP A 424 -6.06 12.13 -34.56
CA ASP A 424 -5.04 12.32 -35.59
C ASP A 424 -5.46 11.53 -36.83
N GLU A 425 -6.02 12.23 -37.82
CA GLU A 425 -6.59 11.55 -38.98
C GLU A 425 -5.55 10.92 -39.90
N SER A 426 -4.27 11.01 -39.57
CA SER A 426 -3.26 10.38 -40.41
C SER A 426 -3.22 8.86 -40.21
N LYS A 427 -3.91 8.35 -39.20
CA LYS A 427 -3.88 6.92 -38.92
C LYS A 427 -4.99 6.14 -39.60
N TRP A 428 -5.82 6.77 -40.43
CA TRP A 428 -7.03 6.18 -40.98
C TRP A 428 -7.05 6.15 -42.52
N ILE A 429 -5.92 5.79 -43.14
CA ILE A 429 -5.71 5.95 -44.59
C ILE A 429 -5.27 4.63 -45.26
N SER A 430 -6.24 3.88 -45.81
CA SER A 430 -5.95 2.61 -46.49
C SER A 430 -4.76 2.66 -47.45
N HIS A 431 -4.37 3.85 -47.90
CA HIS A 431 -3.33 4.05 -48.92
C HIS A 431 -3.53 3.11 -50.13
N LYS B 17 -16.67 33.36 5.65
CA LYS B 17 -17.81 32.60 5.15
C LYS B 17 -17.76 31.17 5.73
N ILE B 18 -16.56 30.66 6.01
CA ILE B 18 -16.46 29.42 6.78
C ILE B 18 -17.00 29.64 8.18
N LEU B 19 -16.88 30.86 8.71
CA LEU B 19 -17.47 31.20 9.99
C LEU B 19 -18.97 31.42 9.93
N TRP B 20 -19.53 31.71 8.75
CA TRP B 20 -20.99 31.80 8.64
C TRP B 20 -21.61 30.41 8.59
N GLY B 21 -21.05 29.48 7.81
CA GLY B 21 -21.59 28.14 7.75
C GLY B 21 -21.56 27.44 9.09
N LEU B 22 -20.52 27.72 9.90
CA LEU B 22 -20.42 27.17 11.23
C LEU B 22 -21.54 27.68 12.12
N VAL B 23 -21.82 28.98 12.06
CA VAL B 23 -22.92 29.54 12.85
C VAL B 23 -24.26 29.08 12.31
N LEU B 24 -24.44 29.14 10.99
CA LEU B 24 -25.74 28.80 10.42
C LEU B 24 -26.05 27.32 10.57
N GLY B 25 -25.06 26.46 10.36
CA GLY B 25 -25.29 25.03 10.54
C GLY B 25 -25.64 24.66 11.97
N ALA B 26 -24.96 25.27 12.94
CA ALA B 26 -25.24 25.00 14.35
C ALA B 26 -26.65 25.45 14.71
N VAL B 27 -27.07 26.63 14.24
CA VAL B 27 -28.45 27.04 14.44
C VAL B 27 -29.41 26.12 13.69
N PHE B 28 -29.01 25.68 12.50
CA PHE B 28 -29.88 24.82 11.68
C PHE B 28 -30.02 23.43 12.29
N GLY B 29 -28.90 22.80 12.65
CA GLY B 29 -28.95 21.45 13.18
C GLY B 29 -29.66 21.40 14.52
N LEU B 30 -29.46 22.43 15.36
CA LEU B 30 -30.18 22.51 16.62
C LEU B 30 -31.69 22.52 16.40
N ILE B 31 -32.15 23.21 15.35
CA ILE B 31 -33.57 23.25 15.05
C ILE B 31 -34.05 21.89 14.53
N ALA B 32 -33.32 21.32 13.58
CA ALA B 32 -33.72 20.02 13.02
C ALA B 32 -33.72 18.91 14.06
N GLY B 33 -32.71 18.88 14.93
CA GLY B 33 -32.68 17.90 16.01
C GLY B 33 -33.79 18.11 17.01
N HIS B 34 -34.37 19.30 17.02
CA HIS B 34 -35.48 19.69 17.88
C HIS B 34 -36.85 19.40 17.28
N PHE B 35 -36.96 19.25 15.95
CA PHE B 35 -38.17 18.73 15.33
C PHE B 35 -38.07 17.27 14.92
N GLY B 36 -36.99 16.58 15.28
CA GLY B 36 -36.89 15.16 15.02
C GLY B 36 -36.48 14.90 13.59
N TYR B 37 -35.94 15.91 12.92
CA TYR B 37 -35.47 15.80 11.56
C TYR B 37 -33.96 15.61 11.52
N ALA B 38 -33.38 15.18 12.64
CA ALA B 38 -31.95 14.92 12.70
C ALA B 38 -31.59 13.71 11.85
N GLY B 39 -32.55 12.85 11.57
CA GLY B 39 -32.34 11.79 10.63
C GLY B 39 -32.57 12.23 9.20
N ALA B 40 -33.34 13.31 9.03
CA ALA B 40 -33.40 14.00 7.74
C ALA B 40 -32.09 14.75 7.48
N VAL B 41 -31.48 15.32 8.51
CA VAL B 41 -30.18 15.96 8.35
C VAL B 41 -29.10 14.92 8.10
N LYS B 42 -29.14 13.78 8.82
CA LYS B 42 -28.14 12.75 8.57
C LYS B 42 -28.25 12.23 7.15
N THR B 43 -29.46 12.24 6.60
CA THR B 43 -29.65 11.64 5.29
C THR B 43 -29.27 12.59 4.16
N TYR B 44 -29.63 13.88 4.26
CA TYR B 44 -29.56 14.81 3.15
C TYR B 44 -28.55 15.95 3.32
N ILE B 45 -27.90 16.08 4.47
CA ILE B 45 -26.90 17.14 4.67
C ILE B 45 -25.55 16.57 5.10
N LYS B 46 -25.56 15.48 5.86
CA LYS B 46 -24.30 14.86 6.26
C LYS B 46 -23.38 14.55 5.08
N PRO B 47 -23.87 14.14 3.88
CA PRO B 47 -22.94 13.85 2.77
C PRO B 47 -22.08 15.03 2.33
N PHE B 48 -22.58 16.26 2.39
CA PHE B 48 -21.74 17.38 1.99
C PHE B 48 -20.58 17.54 2.96
N GLY B 49 -20.83 17.43 4.26
CA GLY B 49 -19.74 17.36 5.20
C GLY B 49 -18.81 16.18 4.98
N ASP B 50 -19.32 15.10 4.41
CA ASP B 50 -18.44 13.97 4.17
C ASP B 50 -17.60 14.16 2.93
N LEU B 51 -18.14 14.82 1.90
CA LEU B 51 -17.30 15.17 0.77
C LEU B 51 -16.17 16.09 1.20
N PHE B 52 -16.48 17.15 1.93
CA PHE B 52 -15.47 18.09 2.43
C PHE B 52 -14.41 17.38 3.27
N VAL B 53 -14.79 16.33 3.99
CA VAL B 53 -13.82 15.58 4.78
C VAL B 53 -13.00 14.64 3.90
N ARG B 54 -13.65 13.97 2.93
CA ARG B 54 -12.88 13.11 2.05
C ARG B 54 -11.90 13.90 1.21
N LEU B 55 -12.30 15.11 0.79
CA LEU B 55 -11.43 15.97 -0.02
C LEU B 55 -10.20 16.38 0.75
N LEU B 56 -10.40 16.99 1.93
CA LEU B 56 -9.28 17.33 2.79
C LEU B 56 -8.45 16.11 3.15
N LYS B 57 -9.10 14.93 3.30
CA LYS B 57 -8.38 13.72 3.68
C LYS B 57 -7.37 13.29 2.61
N MET B 58 -7.76 13.35 1.34
CA MET B 58 -6.90 12.80 0.30
C MET B 58 -5.55 13.49 0.23
N LEU B 59 -5.48 14.74 0.70
CA LEU B 59 -4.29 15.56 0.57
C LEU B 59 -3.27 15.30 1.68
N VAL B 60 -3.68 14.69 2.80
CA VAL B 60 -2.84 14.66 4.00
C VAL B 60 -1.54 13.92 3.73
N MET B 61 -1.61 12.75 3.11
CA MET B 61 -0.38 11.99 2.96
C MET B 61 0.58 12.65 1.98
N PRO B 62 0.17 13.07 0.77
CA PRO B 62 1.14 13.77 -0.09
C PRO B 62 1.65 15.07 0.51
N ILE B 63 0.74 15.94 0.98
CA ILE B 63 1.16 17.23 1.50
C ILE B 63 1.99 17.11 2.77
N VAL B 64 1.93 15.99 3.46
CA VAL B 64 2.83 15.80 4.60
C VAL B 64 4.19 15.29 4.15
N LEU B 65 4.17 14.27 3.30
CA LEU B 65 5.41 13.71 2.78
C LEU B 65 6.24 14.77 2.08
N ALA B 66 5.63 15.43 1.10
CA ALA B 66 6.36 16.35 0.24
C ALA B 66 6.82 17.56 1.02
N SER B 67 5.91 18.19 1.77
CA SER B 67 6.30 19.40 2.50
C SER B 67 7.45 19.14 3.48
N LEU B 68 7.51 17.95 4.09
CA LEU B 68 8.55 17.71 5.08
C LEU B 68 9.86 17.29 4.43
N VAL B 69 9.81 16.63 3.28
CA VAL B 69 11.06 16.36 2.55
C VAL B 69 11.68 17.68 2.11
N VAL B 70 10.86 18.52 1.46
CA VAL B 70 11.27 19.88 1.10
C VAL B 70 11.80 20.61 2.32
N GLY B 71 10.94 20.80 3.32
CA GLY B 71 11.32 21.58 4.49
C GLY B 71 12.51 21.02 5.24
N ALA B 72 12.70 19.71 5.21
CA ALA B 72 13.80 19.13 5.96
C ALA B 72 15.11 19.25 5.21
N ALA B 73 15.05 19.25 3.89
CA ALA B 73 16.24 19.61 3.12
C ALA B 73 16.56 21.09 3.34
N SER B 74 15.54 21.94 3.27
CA SER B 74 15.71 23.38 3.35
C SER B 74 15.88 23.88 4.78
N ILE B 75 16.67 23.16 5.56
CA ILE B 75 17.00 23.56 6.93
C ILE B 75 18.13 22.67 7.39
N SER B 76 18.82 23.10 8.42
CA SER B 76 19.93 22.33 8.94
C SER B 76 19.43 21.35 10.01
N PRO B 77 20.03 20.15 10.09
CA PRO B 77 19.66 19.24 11.17
C PRO B 77 19.71 19.88 12.54
N ALA B 78 20.80 20.58 12.87
CA ALA B 78 20.92 21.15 14.20
C ALA B 78 19.79 22.13 14.50
N ARG B 79 19.20 22.75 13.46
CA ARG B 79 18.00 23.55 13.67
C ARG B 79 16.80 22.66 13.91
N LEU B 80 16.53 21.77 12.95
CA LEU B 80 15.51 20.76 13.12
C LEU B 80 15.65 20.05 14.46
N GLY B 81 16.85 19.59 14.78
CA GLY B 81 17.07 18.98 16.08
C GLY B 81 16.72 19.93 17.21
N ARG B 82 17.14 21.19 17.10
CA ARG B 82 16.81 22.18 18.12
C ARG B 82 15.34 22.60 18.04
N VAL B 83 14.78 22.66 16.83
CA VAL B 83 13.35 22.91 16.67
C VAL B 83 12.55 21.81 17.36
N GLY B 84 12.90 20.57 17.08
CA GLY B 84 12.28 19.46 17.78
C GLY B 84 12.42 19.61 19.27
N VAL B 85 13.65 19.73 19.78
CA VAL B 85 13.83 19.85 21.22
C VAL B 85 13.02 21.03 21.76
N LYS B 86 12.91 22.10 20.99
CA LYS B 86 12.08 23.23 21.40
C LYS B 86 10.59 22.91 21.32
N ILE B 87 10.13 22.40 20.18
CA ILE B 87 8.69 22.18 19.99
C ILE B 87 8.17 21.11 20.95
N VAL B 88 8.99 20.10 21.23
CA VAL B 88 8.54 19.06 22.14
C VAL B 88 8.42 19.61 23.55
N VAL B 89 9.38 20.43 23.97
CA VAL B 89 9.32 21.08 25.28
C VAL B 89 8.13 22.04 25.36
N TYR B 90 7.83 22.75 24.27
CA TYR B 90 6.62 23.56 24.24
C TYR B 90 5.38 22.70 24.33
N TYR B 91 5.36 21.61 23.55
CA TYR B 91 4.18 20.76 23.49
C TYR B 91 3.81 20.21 24.87
N LEU B 92 4.79 19.75 25.64
CA LEU B 92 4.48 19.20 26.97
C LEU B 92 3.93 20.28 27.88
N ALA B 93 4.55 21.44 27.94
CA ALA B 93 4.12 22.45 28.91
C ALA B 93 2.72 22.97 28.60
N THR B 94 2.37 23.16 27.33
CA THR B 94 1.02 23.65 27.05
C THR B 94 -0.05 22.62 27.35
N SER B 95 0.22 21.33 27.12
CA SER B 95 -0.72 20.27 27.44
C SER B 95 -0.99 20.19 28.95
N ALA B 96 0.09 20.14 29.74
CA ALA B 96 -0.04 20.10 31.19
C ALA B 96 -0.93 21.22 31.69
N MET B 97 -0.85 22.40 31.06
CA MET B 97 -1.66 23.52 31.48
C MET B 97 -3.14 23.26 31.24
N ALA B 98 -3.47 22.49 30.20
CA ALA B 98 -4.88 22.28 29.85
C ALA B 98 -5.60 21.48 30.93
N VAL B 99 -5.01 20.35 31.33
CA VAL B 99 -5.56 19.52 32.40
C VAL B 99 -5.77 20.35 33.66
N PHE B 100 -4.75 21.13 34.03
CA PHE B 100 -4.86 22.02 35.17
C PHE B 100 -6.06 22.95 34.99
N PHE B 101 -6.36 23.34 33.75
CA PHE B 101 -7.54 24.17 33.51
C PHE B 101 -8.81 23.33 33.57
N GLY B 102 -8.79 22.16 32.94
CA GLY B 102 -9.94 21.28 33.03
C GLY B 102 -10.25 20.89 34.45
N LEU B 103 -9.19 20.65 35.25
CA LEU B 103 -9.40 20.37 36.66
C LEU B 103 -10.02 21.56 37.37
N ILE B 104 -9.56 22.77 37.04
CA ILE B 104 -10.09 23.98 37.65
C ILE B 104 -11.50 24.28 37.12
N VAL B 105 -11.66 24.21 35.80
CA VAL B 105 -12.97 24.48 35.22
C VAL B 105 -13.96 23.37 35.53
N GLY B 106 -13.51 22.13 35.53
CA GLY B 106 -14.38 21.05 35.94
C GLY B 106 -14.79 21.18 37.39
N ARG B 107 -13.84 21.62 38.23
CA ARG B 107 -14.15 21.80 39.65
C ARG B 107 -15.01 23.05 39.86
N LEU B 108 -14.75 24.14 39.13
CA LEU B 108 -15.55 25.35 39.26
C LEU B 108 -17.02 25.06 38.96
N PHE B 109 -17.30 24.45 37.79
CA PHE B 109 -18.63 24.02 37.41
C PHE B 109 -19.19 22.91 38.30
N ASN B 110 -18.32 22.17 39.01
CA ASN B 110 -18.74 21.04 39.84
C ASN B 110 -19.51 20.01 39.01
N VAL B 111 -18.84 19.49 37.98
CA VAL B 111 -19.49 18.67 36.95
C VAL B 111 -19.98 17.36 37.53
N GLY B 112 -21.21 16.99 37.17
CA GLY B 112 -21.80 15.72 37.53
C GLY B 112 -22.11 15.50 38.98
N ALA B 113 -22.21 16.57 39.79
CA ALA B 113 -22.49 16.38 41.20
C ALA B 113 -23.91 15.94 41.48
N ASN B 114 -24.83 16.07 40.52
CA ASN B 114 -26.22 15.69 40.69
C ASN B 114 -26.56 14.41 39.94
N VAL B 115 -25.56 13.54 39.73
CA VAL B 115 -25.85 12.25 39.12
C VAL B 115 -26.18 11.23 40.19
N ASN B 116 -25.54 11.34 41.35
CA ASN B 116 -25.90 10.62 42.57
C ASN B 116 -26.07 9.13 42.29
N LEU B 117 -24.95 8.50 41.95
CA LEU B 117 -24.91 7.07 41.72
C LEU B 117 -24.06 6.47 42.82
N GLY B 118 -24.58 5.39 43.42
CA GLY B 118 -23.84 4.69 44.44
C GLY B 118 -22.85 3.75 43.83
N SER B 119 -21.67 3.69 44.43
CA SER B 119 -20.59 2.82 43.98
C SER B 119 -20.01 2.12 45.19
N GLY B 120 -19.35 0.99 44.94
CA GLY B 120 -18.77 0.25 46.04
C GLY B 120 -17.64 1.03 46.68
N THR B 121 -17.62 1.02 48.02
CA THR B 121 -16.63 1.83 48.74
C THR B 121 -15.22 1.28 48.53
N GLY B 122 -15.05 -0.04 48.50
CA GLY B 122 -13.75 -0.63 48.32
C GLY B 122 -13.54 -1.12 46.90
N SER B 131 1.88 -1.74 26.11
CA SER B 131 3.22 -1.74 25.54
C SER B 131 3.60 -0.33 25.03
N LEU B 132 4.38 0.43 25.83
CA LEU B 132 4.74 1.81 25.50
C LEU B 132 5.94 1.93 24.56
N VAL B 133 7.00 1.16 24.81
CA VAL B 133 8.21 1.23 23.99
C VAL B 133 7.90 0.92 22.53
N GLN B 134 7.11 -0.14 22.30
CA GLN B 134 6.76 -0.50 20.94
C GLN B 134 6.11 0.68 20.22
N THR B 135 5.37 1.54 20.95
CA THR B 135 4.81 2.72 20.30
C THR B 135 5.91 3.67 19.85
N LEU B 136 7.02 3.73 20.59
CA LEU B 136 8.15 4.56 20.18
C LEU B 136 8.84 3.99 18.96
N LEU B 137 9.38 2.78 19.09
CA LEU B 137 9.90 2.02 17.97
C LEU B 137 8.93 2.11 16.80
N ASN B 138 7.63 2.25 17.10
CA ASN B 138 6.63 2.36 16.04
C ASN B 138 6.76 3.63 15.23
N ILE B 139 7.47 4.63 15.76
CA ILE B 139 7.72 5.84 14.98
C ILE B 139 8.57 5.52 13.76
N VAL B 140 9.63 4.74 13.96
CA VAL B 140 10.48 4.26 12.87
C VAL B 140 9.69 3.36 11.94
N PRO B 141 9.41 3.75 10.71
CA PRO B 141 8.71 2.83 9.80
C PRO B 141 9.61 1.69 9.37
N THR B 142 8.96 0.61 8.90
CA THR B 142 9.63 -0.56 8.35
C THR B 142 9.35 -0.75 6.88
N ASN B 143 8.40 -0.02 6.33
CA ASN B 143 8.21 0.06 4.89
C ASN B 143 7.47 1.36 4.68
N PRO B 144 8.10 2.38 4.08
CA PRO B 144 7.49 3.71 4.04
C PRO B 144 6.40 3.77 2.98
N PHE B 145 6.53 2.91 1.96
CA PHE B 145 5.43 2.76 1.01
C PHE B 145 4.17 2.28 1.71
N ALA B 146 4.33 1.38 2.67
CA ALA B 146 3.19 0.89 3.44
C ALA B 146 2.66 1.98 4.36
N SER B 147 3.53 2.57 5.20
CA SER B 147 3.10 3.67 6.05
C SER B 147 2.39 4.76 5.27
N LEU B 148 2.75 4.92 3.99
CA LEU B 148 2.01 5.87 3.17
C LEU B 148 0.60 5.36 2.93
N ALA B 149 0.48 4.10 2.50
CA ALA B 149 -0.83 3.54 2.16
C ALA B 149 -1.73 3.43 3.40
N LYS B 150 -1.13 3.22 4.57
CA LYS B 150 -1.84 3.15 5.82
C LYS B 150 -2.21 4.49 6.43
N GLY B 151 -1.66 5.59 5.95
CA GLY B 151 -1.98 6.85 6.60
C GLY B 151 -1.23 7.09 7.88
N GLU B 152 -0.11 6.42 8.09
CA GLU B 152 0.68 6.54 9.32
C GLU B 152 1.58 7.76 9.23
N VAL B 153 1.14 8.88 9.79
CA VAL B 153 1.86 10.15 9.68
C VAL B 153 3.25 10.06 10.34
N LEU B 154 3.28 9.75 11.63
CA LEU B 154 4.55 9.76 12.36
C LEU B 154 5.65 8.94 11.69
N PRO B 155 5.40 7.75 11.15
CA PRO B 155 6.48 7.07 10.42
C PRO B 155 6.88 7.78 9.14
N VAL B 156 5.96 8.51 8.50
CA VAL B 156 6.35 9.29 7.33
C VAL B 156 7.23 10.48 7.77
N ILE B 157 6.78 11.21 8.80
CA ILE B 157 7.55 12.29 9.41
C ILE B 157 9.01 11.87 9.58
N PHE B 158 9.23 10.69 10.16
CA PHE B 158 10.59 10.21 10.40
C PHE B 158 11.33 9.96 9.09
N PHE B 159 10.70 9.29 8.14
CA PHE B 159 11.37 8.98 6.89
C PHE B 159 11.63 10.24 6.09
N ALA B 160 10.65 11.15 6.04
CA ALA B 160 10.81 12.38 5.28
C ALA B 160 11.98 13.22 5.80
N ILE B 161 12.06 13.39 7.12
CA ILE B 161 13.22 14.04 7.72
C ILE B 161 14.50 13.31 7.33
N ILE B 162 14.55 12.00 7.57
CA ILE B 162 15.72 11.19 7.23
C ILE B 162 16.01 11.30 5.72
N LEU B 163 14.98 11.45 4.89
CA LEU B 163 15.24 11.55 3.46
C LEU B 163 15.70 12.95 3.08
N GLY B 164 14.90 13.97 3.43
CA GLY B 164 15.23 15.33 3.04
C GLY B 164 16.57 15.79 3.57
N ILE B 165 16.94 15.35 4.77
CA ILE B 165 18.27 15.60 5.31
C ILE B 165 19.34 15.08 4.37
N ALA B 166 19.10 13.91 3.76
CA ALA B 166 20.07 13.34 2.83
C ALA B 166 20.13 14.09 1.51
N ILE B 167 19.04 14.75 1.10
CA ILE B 167 19.04 15.40 -0.21
C ILE B 167 19.97 16.62 -0.23
N THR B 168 19.90 17.50 0.76
CA THR B 168 20.82 18.63 0.74
C THR B 168 22.25 18.17 0.83
N TYR B 169 22.52 17.06 1.52
CA TYR B 169 23.90 16.56 1.56
C TYR B 169 24.38 16.20 0.16
N LEU B 170 23.51 15.63 -0.66
CA LEU B 170 23.88 15.26 -2.00
C LEU B 170 23.87 16.45 -2.95
N MET B 171 22.99 17.43 -2.71
CA MET B 171 23.05 18.67 -3.46
C MET B 171 24.29 19.50 -3.13
N ASN B 172 24.92 19.19 -1.99
CA ASN B 172 26.14 19.80 -1.48
C ASN B 172 27.27 18.80 -1.65
N ARG B 173 27.39 18.30 -2.87
CA ARG B 173 28.42 17.37 -3.31
C ARG B 173 29.29 18.01 -4.39
N ASN B 174 30.51 17.49 -4.49
CA ASN B 174 31.44 17.95 -5.51
C ASN B 174 30.93 17.65 -6.91
N GLU B 175 30.14 16.60 -7.07
CA GLU B 175 29.67 16.19 -8.39
C GLU B 175 28.69 17.19 -8.98
N GLU B 176 28.80 17.40 -10.29
CA GLU B 176 27.68 17.95 -11.02
C GLU B 176 26.61 16.89 -11.23
N ARG B 177 26.97 15.61 -11.19
CA ARG B 177 26.01 14.56 -11.55
C ARG B 177 25.04 14.24 -10.41
N VAL B 178 25.57 14.12 -9.21
CA VAL B 178 24.72 13.84 -8.06
C VAL B 178 23.94 15.09 -7.67
N ARG B 179 24.59 16.27 -7.68
CA ARG B 179 23.87 17.52 -7.44
C ARG B 179 22.60 17.59 -8.29
N LYS B 180 22.66 17.13 -9.55
CA LYS B 180 21.48 17.22 -10.40
C LYS B 180 20.47 16.11 -10.13
N SER B 181 20.90 14.91 -9.67
CA SER B 181 19.93 13.86 -9.31
C SER B 181 19.11 14.27 -8.10
N ALA B 182 19.75 14.52 -6.98
CA ALA B 182 19.04 14.95 -5.79
C ALA B 182 18.26 16.23 -6.04
N GLU B 183 18.88 17.22 -6.67
CA GLU B 183 18.13 18.44 -6.99
C GLU B 183 16.89 18.10 -7.82
N THR B 184 16.98 17.05 -8.65
CA THR B 184 15.81 16.60 -9.42
C THR B 184 14.74 16.00 -8.52
N LEU B 185 15.15 15.07 -7.65
CA LEU B 185 14.25 14.44 -6.69
C LEU B 185 13.53 15.50 -5.86
N LEU B 186 14.31 16.34 -5.17
CA LEU B 186 13.75 17.40 -4.32
C LEU B 186 12.72 18.24 -5.07
N ARG B 187 12.91 18.40 -6.38
CA ARG B 187 11.92 19.16 -7.13
C ARG B 187 10.63 18.39 -7.25
N VAL B 188 10.71 17.05 -7.28
CA VAL B 188 9.49 16.24 -7.37
C VAL B 188 8.63 16.44 -6.12
N PHE B 189 9.26 16.41 -4.94
CA PHE B 189 8.54 16.73 -3.72
C PHE B 189 8.06 18.18 -3.71
N ASP B 190 8.90 19.12 -4.13
CA ASP B 190 8.47 20.51 -4.19
C ASP B 190 7.33 20.70 -5.18
N GLY B 191 7.41 20.06 -6.33
CA GLY B 191 6.30 20.10 -7.28
C GLY B 191 5.03 19.52 -6.69
N LEU B 192 5.15 18.39 -5.98
CA LEU B 192 4.00 17.80 -5.31
C LEU B 192 3.46 18.70 -4.21
N ALA B 193 4.32 19.14 -3.29
CA ALA B 193 3.82 20.02 -2.21
C ALA B 193 3.08 21.23 -2.77
N GLU B 194 3.64 21.86 -3.81
CA GLU B 194 3.01 23.05 -4.36
C GLU B 194 1.64 22.74 -4.96
N ALA B 195 1.51 21.58 -5.61
CA ALA B 195 0.17 21.15 -6.06
C ALA B 195 -0.73 20.86 -4.87
N MET B 196 -0.18 20.28 -3.82
CA MET B 196 -1.03 19.99 -2.68
C MET B 196 -1.57 21.28 -2.10
N TYR B 197 -0.68 22.24 -1.82
CA TYR B 197 -1.13 23.51 -1.24
C TYR B 197 -2.10 24.21 -2.18
N LEU B 198 -1.96 23.97 -3.49
CA LEU B 198 -2.90 24.58 -4.42
C LEU B 198 -4.27 23.99 -4.21
N ILE B 199 -4.35 22.66 -4.16
CA ILE B 199 -5.64 21.99 -4.03
C ILE B 199 -6.31 22.32 -2.71
N VAL B 200 -5.54 22.35 -1.61
CA VAL B 200 -6.09 22.77 -0.32
C VAL B 200 -6.87 24.07 -0.49
N GLY B 201 -6.29 25.04 -1.22
CA GLY B 201 -6.97 26.31 -1.41
C GLY B 201 -8.22 26.18 -2.24
N GLY B 202 -8.21 25.28 -3.24
CA GLY B 202 -9.40 25.07 -4.02
C GLY B 202 -10.46 24.33 -3.23
N VAL B 203 -10.04 23.30 -2.48
CA VAL B 203 -10.99 22.59 -1.64
C VAL B 203 -11.63 23.55 -0.66
N MET B 204 -10.88 24.58 -0.21
CA MET B 204 -11.46 25.51 0.75
C MET B 204 -12.49 26.43 0.15
N GLN B 205 -12.74 26.33 -1.17
CA GLN B 205 -13.88 27.03 -1.77
C GLN B 205 -15.18 26.38 -1.34
N TYR B 206 -15.16 25.06 -1.24
CA TYR B 206 -16.28 24.26 -0.78
C TYR B 206 -16.48 24.33 0.73
N ALA B 207 -15.40 24.63 1.46
CA ALA B 207 -15.41 24.56 2.93
C ALA B 207 -16.58 25.25 3.61
N PRO B 208 -17.06 26.41 3.16
CA PRO B 208 -18.25 26.98 3.82
C PRO B 208 -19.42 26.04 3.83
N ILE B 209 -19.55 25.18 2.81
CA ILE B 209 -20.64 24.21 2.76
C ILE B 209 -20.35 23.01 3.66
N GLY B 210 -19.16 22.40 3.49
CA GLY B 210 -18.81 21.27 4.31
C GLY B 210 -18.85 21.57 5.80
N VAL B 211 -18.38 22.76 6.19
CA VAL B 211 -18.49 23.18 7.59
C VAL B 211 -19.95 23.20 8.03
N PHE B 212 -20.79 23.87 7.25
CA PHE B 212 -22.21 23.93 7.59
C PHE B 212 -22.81 22.56 7.78
N ALA B 213 -22.50 21.62 6.88
CA ALA B 213 -23.14 20.31 6.96
C ALA B 213 -22.73 19.57 8.22
N LEU B 214 -21.43 19.46 8.49
CA LEU B 214 -20.94 18.73 9.66
C LEU B 214 -21.55 19.26 10.96
N ILE B 215 -21.50 20.58 11.17
CA ILE B 215 -22.06 21.16 12.39
C ILE B 215 -23.57 20.95 12.43
N ALA B 216 -24.24 20.95 11.28
CA ALA B 216 -25.67 20.72 11.24
C ALA B 216 -26.02 19.28 11.62
N TYR B 217 -25.22 18.32 11.13
CA TYR B 217 -25.44 16.93 11.51
C TYR B 217 -25.20 16.74 13.00
N VAL B 218 -24.04 17.18 13.51
CA VAL B 218 -23.73 16.98 14.93
C VAL B 218 -24.74 17.70 15.80
N MET B 219 -25.02 18.96 15.51
CA MET B 219 -26.03 19.66 16.30
C MET B 219 -27.36 18.92 16.26
N ALA B 220 -27.66 18.26 15.14
CA ALA B 220 -28.94 17.59 15.05
C ALA B 220 -29.00 16.35 15.96
N GLU B 221 -27.98 15.51 15.90
CA GLU B 221 -27.97 14.23 16.62
C GLU B 221 -27.80 14.43 18.12
N GLN B 222 -26.82 15.24 18.51
CA GLN B 222 -26.43 15.36 19.92
C GLN B 222 -26.83 16.70 20.52
N GLY B 223 -27.63 17.49 19.83
CA GLY B 223 -28.10 18.73 20.43
C GLY B 223 -28.93 18.46 21.67
N VAL B 224 -29.94 17.60 21.52
CA VAL B 224 -30.91 17.26 22.58
C VAL B 224 -30.25 16.82 23.87
N ARG B 225 -29.11 16.16 23.78
CA ARG B 225 -28.38 15.62 24.91
C ARG B 225 -27.64 16.66 25.75
N VAL B 226 -27.47 17.88 25.31
CA VAL B 226 -26.82 18.91 26.14
C VAL B 226 -27.95 19.52 26.97
N VAL B 227 -28.39 18.78 27.98
CA VAL B 227 -29.51 19.27 28.79
C VAL B 227 -29.41 18.96 30.29
N GLY B 228 -28.58 18.00 30.63
CA GLY B 228 -28.51 17.56 32.00
C GLY B 228 -27.28 18.04 32.72
N PRO B 229 -26.75 17.22 33.61
CA PRO B 229 -25.36 17.43 34.02
C PRO B 229 -24.42 17.30 32.83
N LEU B 230 -24.89 16.67 31.73
CA LEU B 230 -24.20 16.71 30.46
C LEU B 230 -24.13 18.13 29.91
N ALA B 231 -25.20 18.92 30.11
CA ALA B 231 -25.14 20.32 29.73
C ALA B 231 -24.04 21.04 30.49
N LYS B 232 -23.91 20.77 31.80
CA LYS B 232 -22.85 21.43 32.57
C LYS B 232 -21.47 20.95 32.16
N VAL B 233 -21.34 19.71 31.71
CA VAL B 233 -20.07 19.27 31.15
C VAL B 233 -19.74 20.07 29.90
N VAL B 234 -20.70 20.19 28.99
CA VAL B 234 -20.50 20.99 27.79
C VAL B 234 -20.18 22.42 28.18
N GLY B 235 -20.95 22.99 29.11
CA GLY B 235 -20.59 24.28 29.64
C GLY B 235 -19.17 24.32 30.21
N ALA B 236 -18.80 23.29 30.97
CA ALA B 236 -17.47 23.28 31.60
C ALA B 236 -16.38 23.04 30.57
N VAL B 237 -16.56 22.05 29.70
CA VAL B 237 -15.48 21.69 28.78
C VAL B 237 -15.16 22.86 27.85
N TYR B 238 -16.20 23.49 27.27
CA TYR B 238 -15.97 24.63 26.40
C TYR B 238 -15.34 25.80 27.14
N THR B 239 -15.76 26.07 28.37
CA THR B 239 -15.20 27.18 29.12
C THR B 239 -13.69 27.04 29.31
N GLY B 240 -13.23 25.84 29.68
CA GLY B 240 -11.79 25.64 29.84
C GLY B 240 -11.04 25.71 28.53
N LEU B 241 -11.57 25.07 27.48
CA LEU B 241 -11.00 25.21 26.14
C LEU B 241 -10.79 26.67 25.77
N PHE B 242 -11.75 27.53 26.11
CA PHE B 242 -11.63 28.94 25.80
C PHE B 242 -10.42 29.54 26.53
N LEU B 243 -10.30 29.27 27.83
CA LEU B 243 -9.17 29.81 28.60
C LEU B 243 -7.84 29.35 28.03
N GLN B 244 -7.73 28.07 27.66
CA GLN B 244 -6.50 27.63 27.04
C GLN B 244 -6.13 28.54 25.88
N ILE B 245 -7.11 28.93 25.07
CA ILE B 245 -6.84 29.88 23.98
C ILE B 245 -6.57 31.28 24.55
N VAL B 246 -7.57 31.85 25.23
CA VAL B 246 -7.50 33.25 25.59
C VAL B 246 -6.52 33.53 26.70
N ILE B 247 -6.17 32.55 27.53
CA ILE B 247 -5.15 32.80 28.55
C ILE B 247 -3.78 32.30 28.12
N THR B 248 -3.63 30.98 27.93
CA THR B 248 -2.29 30.44 27.74
C THR B 248 -1.74 30.76 26.37
N TYR B 249 -2.55 30.60 25.33
CA TYR B 249 -2.08 30.92 23.99
C TYR B 249 -1.82 32.41 23.86
N PHE B 250 -2.78 33.23 24.30
CA PHE B 250 -2.61 34.66 24.20
C PHE B 250 -1.40 35.13 25.01
N ILE B 251 -1.24 34.64 26.24
CA ILE B 251 -0.09 35.08 27.05
C ILE B 251 1.22 34.63 26.41
N LEU B 252 1.31 33.37 25.99
CA LEU B 252 2.54 32.92 25.34
C LEU B 252 2.79 33.67 24.05
N LEU B 253 1.73 33.89 23.25
CA LEU B 253 1.89 34.61 21.98
C LEU B 253 2.38 36.03 22.21
N LYS B 254 1.76 36.74 23.15
CA LYS B 254 2.23 38.09 23.44
C LYS B 254 3.64 38.09 23.99
N VAL B 255 4.03 37.06 24.73
CA VAL B 255 5.39 37.00 25.28
C VAL B 255 6.42 36.96 24.17
N PHE B 256 6.12 36.32 23.04
CA PHE B 256 7.04 36.30 21.92
C PHE B 256 6.70 37.36 20.88
N GLY B 257 5.81 38.29 21.20
CA GLY B 257 5.52 39.40 20.32
C GLY B 257 4.66 39.08 19.11
N ILE B 258 3.64 38.22 19.27
CA ILE B 258 2.69 37.97 18.20
C ILE B 258 1.32 38.47 18.65
N ASP B 259 0.69 39.30 17.83
CA ASP B 259 -0.66 39.80 18.05
C ASP B 259 -1.67 38.64 18.07
N PRO B 260 -2.28 38.35 19.21
CA PRO B 260 -3.20 37.20 19.27
C PRO B 260 -4.47 37.38 18.47
N ILE B 261 -4.97 38.61 18.31
CA ILE B 261 -6.15 38.82 17.47
C ILE B 261 -5.80 38.65 16.00
N LYS B 262 -4.59 39.04 15.61
CA LYS B 262 -4.13 38.71 14.27
C LYS B 262 -3.86 37.22 14.14
N PHE B 263 -3.39 36.58 15.22
CA PHE B 263 -3.12 35.14 15.16
C PHE B 263 -4.40 34.36 14.95
N ILE B 264 -5.40 34.56 15.83
CA ILE B 264 -6.64 33.80 15.72
C ILE B 264 -7.28 34.07 14.36
N ARG B 265 -7.27 35.33 13.93
CA ARG B 265 -7.82 35.67 12.63
C ARG B 265 -7.12 34.92 11.50
N LYS B 266 -5.87 34.56 11.68
CA LYS B 266 -5.15 33.77 10.69
C LYS B 266 -5.39 32.29 10.89
N ALA B 267 -5.52 31.88 12.15
CA ALA B 267 -5.71 30.48 12.49
C ALA B 267 -7.07 29.95 12.06
N LYS B 268 -8.05 30.83 11.84
CA LYS B 268 -9.46 30.45 11.95
C LYS B 268 -9.86 29.34 10.98
N ASP B 269 -9.37 29.38 9.74
CA ASP B 269 -9.71 28.30 8.81
C ASP B 269 -9.27 26.95 9.36
N ALA B 270 -8.06 26.88 9.93
CA ALA B 270 -7.62 25.63 10.53
C ALA B 270 -8.44 25.33 11.79
N MET B 271 -8.80 26.36 12.54
CA MET B 271 -9.60 26.16 13.75
C MET B 271 -10.98 25.58 13.41
N ILE B 272 -11.70 26.24 12.49
CA ILE B 272 -13.06 25.83 12.13
C ILE B 272 -13.06 24.52 11.36
N THR B 273 -12.03 24.24 10.57
CA THR B 273 -12.00 22.92 9.93
C THR B 273 -11.72 21.85 10.98
N ALA B 274 -10.78 22.10 11.89
CA ALA B 274 -10.57 21.17 12.99
C ALA B 274 -11.84 21.00 13.82
N PHE B 275 -12.55 22.09 14.11
CA PHE B 275 -13.78 22.04 14.90
C PHE B 275 -14.81 21.11 14.28
N VAL B 276 -15.16 21.33 13.01
CA VAL B 276 -16.27 20.54 12.47
C VAL B 276 -15.84 19.18 11.93
N THR B 277 -14.56 18.94 11.66
CA THR B 277 -14.17 17.60 11.24
C THR B 277 -13.73 16.73 12.40
N ARG B 278 -13.41 17.33 13.54
CA ARG B 278 -13.02 16.60 14.75
C ARG B 278 -11.83 15.67 14.46
N SER B 279 -11.06 16.01 13.44
CA SER B 279 -9.88 15.23 13.03
C SER B 279 -8.78 16.26 12.84
N SER B 280 -7.81 16.27 13.75
CA SER B 280 -6.60 17.05 13.56
C SER B 280 -5.95 16.65 12.25
N SER B 281 -5.62 15.36 12.13
CA SER B 281 -5.06 14.81 10.90
C SER B 281 -5.89 15.18 9.67
N GLY B 282 -7.19 15.37 9.84
CA GLY B 282 -8.01 15.77 8.71
C GLY B 282 -7.91 17.23 8.37
N THR B 283 -7.45 18.04 9.31
CA THR B 283 -7.25 19.47 9.18
C THR B 283 -5.78 19.82 8.90
N LEU B 284 -4.92 18.82 8.73
CA LEU B 284 -3.52 19.09 8.41
C LEU B 284 -3.37 19.93 7.16
N PRO B 285 -4.03 19.62 6.04
CA PRO B 285 -3.85 20.47 4.85
C PRO B 285 -4.30 21.90 5.07
N VAL B 286 -5.39 22.11 5.81
CA VAL B 286 -5.80 23.48 6.13
C VAL B 286 -4.87 24.11 7.15
N THR B 287 -4.43 23.33 8.16
CA THR B 287 -3.53 23.87 9.17
C THR B 287 -2.16 24.25 8.59
N MET B 288 -1.68 23.51 7.60
CA MET B 288 -0.39 23.85 7.01
C MET B 288 -0.51 25.04 6.06
N ARG B 289 -1.50 25.01 5.16
CA ARG B 289 -1.72 26.15 4.28
C ARG B 289 -2.04 27.40 5.10
N VAL B 290 -2.74 27.26 6.23
CA VAL B 290 -2.84 28.43 7.10
C VAL B 290 -1.47 28.79 7.65
N ALA B 291 -0.63 27.80 7.92
CA ALA B 291 0.69 28.13 8.48
C ALA B 291 1.58 28.81 7.45
N GLU B 292 1.37 28.53 6.18
CA GLU B 292 2.19 29.13 5.15
C GLU B 292 1.57 30.44 4.69
N GLU B 293 0.37 30.39 4.07
CA GLU B 293 -0.24 31.60 3.54
C GLU B 293 -0.48 32.62 4.65
N GLU B 294 -1.29 32.27 5.64
CA GLU B 294 -1.65 33.25 6.66
C GLU B 294 -0.49 33.50 7.62
N MET B 295 0.02 32.45 8.28
CA MET B 295 0.98 32.65 9.36
C MET B 295 2.32 33.15 8.85
N GLY B 296 2.81 32.60 7.73
CA GLY B 296 4.13 32.94 7.25
C GLY B 296 5.27 32.15 7.86
N VAL B 297 5.07 30.91 8.17
CA VAL B 297 6.10 30.04 8.71
C VAL B 297 6.80 29.37 7.54
N ASP B 298 8.08 29.06 7.69
CA ASP B 298 8.79 28.39 6.60
C ASP B 298 8.61 26.88 6.72
N LYS B 299 8.59 26.20 5.57
CA LYS B 299 8.40 24.75 5.58
C LYS B 299 9.43 24.04 6.45
N GLY B 300 10.62 24.62 6.61
CA GLY B 300 11.58 24.05 7.54
C GLY B 300 11.04 23.90 8.94
N ILE B 301 9.96 24.61 9.29
CA ILE B 301 9.36 24.50 10.60
C ILE B 301 8.03 23.75 10.58
N PHE B 302 7.02 24.33 9.92
CA PHE B 302 5.69 23.75 10.11
C PHE B 302 5.57 22.39 9.45
N SER B 303 6.38 22.09 8.43
CA SER B 303 6.33 20.76 7.85
C SER B 303 6.82 19.69 8.83
N PHE B 304 7.45 20.07 9.93
CA PHE B 304 7.80 19.15 11.00
C PHE B 304 6.92 19.33 12.22
N THR B 305 6.74 20.55 12.71
CA THR B 305 5.99 20.73 13.95
C THR B 305 4.48 20.51 13.75
N LEU B 306 3.94 20.88 12.59
CA LEU B 306 2.49 20.79 12.50
C LEU B 306 1.97 19.35 12.37
N PRO B 307 2.61 18.48 11.57
CA PRO B 307 2.16 17.07 11.58
C PRO B 307 2.53 16.36 12.85
N LEU B 308 3.68 16.69 13.46
CA LEU B 308 4.01 16.11 14.75
C LEU B 308 2.98 16.50 15.80
N GLY B 309 2.55 17.77 15.78
CA GLY B 309 1.62 18.24 16.79
C GLY B 309 0.20 17.77 16.61
N ALA B 310 -0.20 17.40 15.38
CA ALA B 310 -1.56 16.94 15.17
C ALA B 310 -1.83 15.68 15.97
N THR B 311 -0.79 14.88 16.23
CA THR B 311 -0.89 13.64 16.99
C THR B 311 -0.60 13.85 18.47
N ILE B 312 0.58 14.40 18.79
CA ILE B 312 1.07 14.39 20.16
C ILE B 312 0.72 15.66 20.92
N ASN B 313 0.31 16.73 20.26
CA ASN B 313 -0.04 17.98 20.94
C ASN B 313 -1.54 18.16 20.89
N MET B 314 -2.24 17.60 21.89
CA MET B 314 -3.68 17.73 22.05
C MET B 314 -3.98 18.42 23.38
N ASP B 315 -4.00 19.75 23.36
CA ASP B 315 -4.44 20.51 24.53
C ASP B 315 -5.93 20.34 24.76
N GLY B 316 -6.71 20.30 23.66
CA GLY B 316 -8.14 20.19 23.78
C GLY B 316 -8.58 18.86 24.34
N THR B 317 -7.87 17.79 23.99
CA THR B 317 -8.16 16.48 24.55
C THR B 317 -7.80 16.41 26.03
N ALA B 318 -6.60 16.88 26.39
CA ALA B 318 -6.19 16.81 27.78
C ALA B 318 -7.10 17.61 28.71
N LEU B 319 -7.86 18.59 28.21
CA LEU B 319 -8.78 19.34 29.07
C LEU B 319 -10.15 18.67 29.18
N TYR B 320 -10.64 18.09 28.09
CA TYR B 320 -11.79 17.20 28.13
C TYR B 320 -11.55 16.14 29.17
N GLN B 321 -10.37 15.51 29.11
CA GLN B 321 -10.08 14.40 30.02
C GLN B 321 -10.04 14.87 31.46
N GLY B 322 -9.52 16.06 31.71
CA GLY B 322 -9.56 16.58 33.07
C GLY B 322 -10.98 16.86 33.55
N VAL B 323 -11.82 17.43 32.68
CA VAL B 323 -13.17 17.78 33.09
C VAL B 323 -14.03 16.53 33.22
N THR B 324 -13.94 15.61 32.25
CA THR B 324 -14.81 14.43 32.32
C THR B 324 -14.37 13.45 33.39
N VAL B 325 -13.06 13.38 33.70
CA VAL B 325 -12.64 12.50 34.80
C VAL B 325 -13.21 13.00 36.11
N LEU B 326 -13.23 14.32 36.32
CA LEU B 326 -13.93 14.85 37.47
C LEU B 326 -15.42 14.53 37.39
N PHE B 327 -15.98 14.48 36.19
CA PHE B 327 -17.42 14.24 36.06
C PHE B 327 -17.77 12.85 36.53
N VAL B 328 -16.92 11.87 36.22
CA VAL B 328 -17.23 10.50 36.58
C VAL B 328 -17.14 10.31 38.09
N ALA B 329 -16.00 10.69 38.69
CA ALA B 329 -15.79 10.48 40.12
C ALA B 329 -16.77 11.26 40.99
N ASN B 330 -17.21 12.44 40.54
CA ASN B 330 -18.24 13.14 41.30
C ASN B 330 -19.57 12.41 41.17
N ALA B 331 -19.85 11.87 39.99
CA ALA B 331 -21.12 11.23 39.75
C ALA B 331 -21.27 9.95 40.55
N ILE B 332 -20.18 9.37 41.04
CA ILE B 332 -20.23 8.13 41.80
C ILE B 332 -19.83 8.33 43.27
N GLY B 333 -19.73 9.57 43.73
CA GLY B 333 -19.55 9.83 45.14
C GLY B 333 -18.19 9.54 45.72
N HIS B 334 -17.20 9.22 44.88
CA HIS B 334 -15.82 9.06 45.32
C HIS B 334 -14.98 10.13 44.63
N PRO B 335 -15.11 11.38 45.06
CA PRO B 335 -14.39 12.48 44.40
C PRO B 335 -12.89 12.27 44.48
N LEU B 336 -12.19 12.82 43.49
CA LEU B 336 -10.75 12.63 43.38
C LEU B 336 -10.04 13.44 44.45
N THR B 337 -9.11 12.80 45.15
CA THR B 337 -8.28 13.53 46.08
C THR B 337 -7.28 14.39 45.31
N LEU B 338 -6.61 15.28 46.03
CA LEU B 338 -5.58 16.09 45.39
C LEU B 338 -4.51 15.21 44.77
N GLY B 339 -3.95 14.30 45.56
CA GLY B 339 -2.93 13.39 45.08
C GLY B 339 -3.37 12.64 43.85
N GLN B 340 -4.70 12.53 43.68
CA GLN B 340 -5.25 11.88 42.50
C GLN B 340 -5.39 12.85 41.33
N GLN B 341 -5.81 14.09 41.58
CA GLN B 341 -5.90 15.06 40.50
C GLN B 341 -4.53 15.37 39.90
N LEU B 342 -3.47 15.30 40.69
CA LEU B 342 -2.12 15.46 40.18
C LEU B 342 -1.67 14.25 39.34
N VAL B 343 -2.27 13.07 39.54
CA VAL B 343 -2.01 11.97 38.62
C VAL B 343 -2.75 12.21 37.31
N VAL B 344 -3.89 12.89 37.36
CA VAL B 344 -4.65 13.15 36.14
C VAL B 344 -3.86 14.05 35.20
N VAL B 345 -3.17 15.06 35.77
CA VAL B 345 -2.32 15.93 34.98
C VAL B 345 -1.25 15.13 34.25
N LEU B 346 -0.58 14.23 34.96
CA LEU B 346 0.41 13.36 34.33
C LEU B 346 -0.22 12.44 33.26
N THR B 347 -1.37 11.84 33.59
CA THR B 347 -1.95 10.79 32.75
C THR B 347 -2.89 11.34 31.68
N ALA B 348 -3.51 12.51 31.90
CA ALA B 348 -4.27 13.13 30.83
C ALA B 348 -3.35 13.73 29.77
N VAL B 349 -2.17 14.18 30.17
CA VAL B 349 -1.14 14.52 29.19
C VAL B 349 -0.77 13.28 28.37
N LEU B 350 -0.45 12.19 29.06
CA LEU B 350 -0.07 10.96 28.37
C LEU B 350 -1.19 10.44 27.47
N ALA B 351 -2.44 10.52 27.93
CA ALA B 351 -3.52 9.99 27.11
C ALA B 351 -3.77 10.85 25.87
N SER B 352 -3.57 12.16 25.99
CA SER B 352 -3.70 13.04 24.83
C SER B 352 -2.59 12.80 23.81
N ILE B 353 -1.39 12.46 24.27
CA ILE B 353 -0.32 12.08 23.35
C ILE B 353 -0.69 10.81 22.60
N GLY B 354 -1.35 9.85 23.28
CA GLY B 354 -1.73 8.61 22.63
C GLY B 354 -2.96 8.70 21.76
N THR B 355 -3.84 9.65 22.03
CA THR B 355 -5.05 9.86 21.25
C THR B 355 -4.74 10.11 19.78
N ALA B 356 -5.25 9.25 18.91
CA ALA B 356 -5.13 9.50 17.48
C ALA B 356 -5.94 10.74 17.10
N GLY B 357 -5.53 11.38 16.00
CA GLY B 357 -6.15 12.61 15.56
C GLY B 357 -7.39 12.40 14.70
N VAL B 358 -8.25 11.48 15.12
CA VAL B 358 -9.47 11.14 14.39
C VAL B 358 -10.65 11.38 15.34
N PRO B 359 -11.87 11.51 14.81
CA PRO B 359 -13.01 11.81 15.68
C PRO B 359 -13.26 10.72 16.72
N GLY B 360 -13.34 11.14 17.98
CA GLY B 360 -13.73 10.28 19.06
C GLY B 360 -12.59 9.64 19.85
N ALA B 361 -11.39 9.57 19.27
CA ALA B 361 -10.30 8.84 19.91
C ALA B 361 -9.92 9.37 21.28
N GLY B 362 -10.34 10.58 21.62
CA GLY B 362 -10.07 11.09 22.96
C GLY B 362 -10.93 10.42 24.01
N ALA B 363 -12.18 10.15 23.67
CA ALA B 363 -13.07 9.42 24.57
C ALA B 363 -12.53 8.02 24.86
N ILE B 364 -12.15 7.29 23.79
CA ILE B 364 -11.51 5.98 23.93
C ILE B 364 -10.33 6.08 24.88
N MET B 365 -9.55 7.14 24.79
CA MET B 365 -8.38 7.24 25.65
C MET B 365 -8.71 7.76 27.04
N LEU B 366 -9.83 8.45 27.21
CA LEU B 366 -10.26 8.87 28.54
C LEU B 366 -10.29 7.70 29.50
N ALA B 367 -10.57 6.50 28.98
CA ALA B 367 -10.61 5.28 29.79
C ALA B 367 -9.29 5.04 30.50
N MET B 368 -8.17 5.24 29.80
CA MET B 368 -6.85 5.12 30.43
C MET B 368 -6.63 6.15 31.52
N VAL B 369 -7.32 7.28 31.45
CA VAL B 369 -7.15 8.29 32.50
C VAL B 369 -8.00 7.92 33.72
N LEU B 370 -9.15 7.27 33.49
CA LEU B 370 -9.99 6.78 34.59
C LEU B 370 -9.28 5.68 35.37
N GLN B 371 -8.82 4.65 34.67
CA GLN B 371 -8.07 3.56 35.28
C GLN B 371 -6.85 4.05 36.06
N SER B 372 -6.35 5.26 35.75
CA SER B 372 -5.15 5.78 36.41
C SER B 372 -5.40 6.26 37.83
N VAL B 373 -6.62 6.67 38.16
CA VAL B 373 -6.98 7.05 39.51
C VAL B 373 -7.87 6.00 40.17
N GLY B 374 -8.06 4.85 39.52
CA GLY B 374 -8.82 3.77 40.10
C GLY B 374 -10.29 3.76 39.78
N LEU B 375 -10.70 4.26 38.61
CA LEU B 375 -12.08 4.16 38.15
C LEU B 375 -12.09 3.17 36.99
N ASP B 376 -12.24 1.89 37.32
CA ASP B 376 -12.17 0.84 36.31
C ASP B 376 -13.49 0.70 35.60
N LEU B 377 -13.43 0.40 34.31
CA LEU B 377 -14.62 0.31 33.46
C LEU B 377 -15.15 -1.10 33.40
N THR B 378 -15.21 -1.74 34.56
CA THR B 378 -15.80 -3.06 34.63
C THR B 378 -17.26 -2.94 34.22
N PRO B 379 -17.73 -3.78 33.29
CA PRO B 379 -19.06 -3.58 32.70
C PRO B 379 -20.19 -3.69 33.71
N GLY B 380 -21.18 -2.81 33.54
CA GLY B 380 -22.32 -2.73 34.44
C GLY B 380 -22.07 -1.93 35.70
N SER B 381 -20.85 -1.44 35.93
CA SER B 381 -20.52 -0.76 37.17
C SER B 381 -21.00 0.69 37.12
N PRO B 382 -21.01 1.38 38.27
CA PRO B 382 -21.37 2.81 38.25
C PRO B 382 -20.44 3.64 37.40
N VAL B 383 -19.14 3.35 37.43
CA VAL B 383 -18.17 4.05 36.60
C VAL B 383 -18.57 3.98 35.14
N ALA B 384 -18.86 2.78 34.66
CA ALA B 384 -19.20 2.59 33.25
C ALA B 384 -20.42 3.38 32.80
N LEU B 385 -21.30 3.81 33.73
CA LEU B 385 -22.44 4.63 33.32
C LEU B 385 -22.02 6.07 33.06
N ALA B 386 -21.20 6.63 33.95
CA ALA B 386 -20.74 7.98 33.75
C ALA B 386 -19.91 8.11 32.48
N TYR B 387 -19.09 7.09 32.18
CA TYR B 387 -18.38 7.07 30.91
C TYR B 387 -19.35 7.13 29.74
N ALA B 388 -20.45 6.37 29.82
CA ALA B 388 -21.39 6.34 28.71
C ALA B 388 -22.28 7.57 28.65
N MET B 389 -22.50 8.26 29.77
CA MET B 389 -23.09 9.60 29.70
C MET B 389 -22.18 10.56 28.94
N ILE B 390 -20.87 10.44 29.16
CA ILE B 390 -19.89 11.29 28.49
C ILE B 390 -19.84 10.96 27.00
N LEU B 391 -19.79 9.67 26.67
CA LEU B 391 -19.78 9.31 25.26
C LEU B 391 -21.06 9.70 24.53
N GLY B 392 -22.13 10.04 25.25
CA GLY B 392 -23.34 10.45 24.57
C GLY B 392 -23.25 11.84 24.00
N ILE B 393 -22.41 12.67 24.59
CA ILE B 393 -22.18 14.02 24.15
C ILE B 393 -20.75 14.18 23.63
N ASP B 394 -20.11 13.08 23.22
CA ASP B 394 -18.71 13.16 22.83
C ASP B 394 -18.51 14.08 21.63
N ALA B 395 -19.39 14.01 20.63
CA ALA B 395 -19.23 14.83 19.44
C ALA B 395 -19.40 16.31 19.74
N ILE B 396 -20.38 16.67 20.56
CA ILE B 396 -20.48 18.07 20.96
C ILE B 396 -19.18 18.51 21.61
N LEU B 397 -18.59 17.65 22.43
CA LEU B 397 -17.28 17.94 23.01
C LEU B 397 -16.13 17.64 22.07
N ASP B 398 -16.34 16.85 21.02
CA ASP B 398 -15.22 16.50 20.14
C ASP B 398 -14.86 17.68 19.24
N MET B 399 -15.88 18.41 18.78
CA MET B 399 -15.66 19.57 17.94
C MET B 399 -14.80 20.60 18.65
N GLY B 400 -15.26 21.08 19.81
CA GLY B 400 -14.48 22.04 20.57
C GLY B 400 -13.11 21.52 20.97
N ARG B 401 -12.96 20.20 21.05
CA ARG B 401 -11.71 19.58 21.46
C ARG B 401 -10.64 19.66 20.37
N THR B 402 -10.99 19.24 19.14
CA THR B 402 -10.05 19.24 18.04
C THR B 402 -9.70 20.66 17.57
N MET B 403 -10.59 21.62 17.82
CA MET B 403 -10.26 23.00 17.48
C MET B 403 -9.06 23.48 18.28
N VAL B 404 -9.10 23.34 19.62
CA VAL B 404 -7.96 23.68 20.48
C VAL B 404 -6.83 22.66 20.33
N ASN B 405 -7.05 21.57 19.61
CA ASN B 405 -5.92 20.68 19.35
C ASN B 405 -5.06 21.20 18.25
N VAL B 406 -5.67 21.77 17.19
CA VAL B 406 -4.84 22.42 16.17
C VAL B 406 -4.50 23.85 16.58
N THR B 407 -5.44 24.58 17.20
CA THR B 407 -5.14 25.96 17.59
C THR B 407 -3.85 26.03 18.39
N GLY B 408 -3.60 25.02 19.23
CA GLY B 408 -2.33 24.91 19.91
C GLY B 408 -1.15 24.52 19.03
N ASP B 409 -1.41 23.89 17.90
CA ASP B 409 -0.35 23.56 16.95
C ASP B 409 0.12 24.78 16.19
N LEU B 410 -0.82 25.64 15.81
CA LEU B 410 -0.45 26.86 15.11
C LEU B 410 0.29 27.82 16.05
N ALA B 411 -0.26 28.06 17.24
CA ALA B 411 0.35 29.00 18.18
C ALA B 411 1.79 28.63 18.53
N GLY B 412 2.05 27.35 18.69
CA GLY B 412 3.39 26.89 19.00
C GLY B 412 4.29 26.86 17.80
N THR B 413 3.75 26.52 16.62
CA THR B 413 4.59 26.53 15.41
C THR B 413 5.06 27.95 15.10
N VAL B 414 4.17 28.92 15.25
CA VAL B 414 4.51 30.33 15.07
C VAL B 414 5.49 30.80 16.13
N ILE B 415 5.26 30.42 17.39
CA ILE B 415 6.15 30.84 18.46
C ILE B 415 7.52 30.22 18.27
N VAL B 416 7.58 28.92 17.98
CA VAL B 416 8.88 28.30 17.79
C VAL B 416 9.56 28.85 16.55
N ALA B 417 8.80 29.16 15.51
CA ALA B 417 9.39 29.68 14.27
C ALA B 417 10.08 31.01 14.51
N LYS B 418 9.42 31.91 15.24
CA LYS B 418 10.02 33.20 15.55
C LYS B 418 11.28 33.04 16.37
N THR B 419 11.43 31.94 17.12
CA THR B 419 12.65 31.77 17.88
C THR B 419 13.80 31.34 16.98
N GLU B 420 13.49 30.68 15.87
CA GLU B 420 14.49 30.33 14.86
C GLU B 420 14.51 31.33 13.71
N LYS B 421 13.91 32.51 13.91
CA LYS B 421 13.87 33.61 12.93
C LYS B 421 13.23 33.20 11.61
N GLU B 422 12.51 32.07 11.59
CA GLU B 422 11.94 31.52 10.37
C GLU B 422 10.48 31.93 10.18
N LEU B 423 10.08 33.05 10.78
CA LEU B 423 8.74 33.60 10.68
C LEU B 423 8.76 34.89 9.89
N ASP B 424 7.84 35.01 8.94
CA ASP B 424 7.77 36.19 8.06
C ASP B 424 6.99 37.30 8.77
N GLU B 425 7.71 38.29 9.27
CA GLU B 425 7.06 39.33 10.07
C GLU B 425 6.23 40.30 9.24
N SER B 426 6.13 40.11 7.92
CA SER B 426 5.38 41.05 7.08
C SER B 426 3.87 40.83 7.04
N LYS B 427 3.35 39.68 7.49
CA LYS B 427 1.93 39.42 7.37
C LYS B 427 1.12 39.92 8.56
N TRP B 428 1.76 40.61 9.50
CA TRP B 428 1.11 40.98 10.75
C TRP B 428 1.06 42.48 10.89
N ILE B 429 0.99 43.17 9.76
CA ILE B 429 0.97 44.63 9.68
C ILE B 429 -0.09 45.04 8.66
N SER B 430 -0.78 46.14 8.91
CA SER B 430 -1.82 46.64 7.99
C SER B 430 -1.63 48.12 7.57
N LYS C 3 20.96 18.54 21.81
CA LYS C 3 21.06 19.58 22.81
C LYS C 3 21.18 18.92 24.18
N SER C 4 21.58 17.65 24.13
CA SER C 4 21.46 16.74 25.27
C SER C 4 22.55 17.03 26.31
N LEU C 5 22.55 16.21 27.36
CA LEU C 5 23.58 16.30 28.39
C LEU C 5 24.91 15.71 27.89
N LEU C 6 24.84 14.57 27.18
CA LEU C 6 26.01 13.74 26.93
C LEU C 6 26.03 13.23 25.49
N ARG C 7 27.20 13.32 24.85
CA ARG C 7 27.41 12.84 23.49
C ARG C 7 28.89 12.48 23.32
N ARG C 8 29.21 11.18 23.22
CA ARG C 8 30.61 10.74 23.16
C ARG C 8 30.92 9.59 22.19
N TYR C 9 29.92 8.94 21.62
CA TYR C 9 30.12 7.72 20.85
C TYR C 9 30.71 8.06 19.47
N LEU C 10 30.63 7.10 18.55
CA LEU C 10 30.79 7.22 17.10
C LEU C 10 32.24 7.48 16.65
N ASP C 11 33.23 7.01 17.41
CA ASP C 11 34.65 7.23 17.04
C ASP C 11 35.44 5.92 17.11
N TYR C 12 35.44 5.16 16.01
CA TYR C 12 36.15 3.89 15.87
C TYR C 12 35.89 3.33 14.47
N PRO C 13 36.79 2.52 13.90
CA PRO C 13 36.44 1.81 12.66
C PRO C 13 35.18 0.97 12.81
N VAL C 14 34.11 1.36 12.11
CA VAL C 14 32.80 0.76 12.33
C VAL C 14 32.81 -0.74 12.02
N LEU C 15 33.63 -1.15 11.05
CA LEU C 15 33.81 -2.58 10.80
C LEU C 15 34.45 -3.29 11.98
N TRP C 16 35.37 -2.61 12.68
CA TRP C 16 36.02 -3.20 13.85
C TRP C 16 35.13 -3.13 15.08
N LYS C 17 34.40 -2.03 15.23
CA LYS C 17 33.52 -1.86 16.37
C LYS C 17 32.25 -2.71 16.23
N ILE C 18 31.78 -2.96 15.00
CA ILE C 18 30.68 -3.91 14.82
C ILE C 18 31.11 -5.31 15.23
N LEU C 19 32.39 -5.64 15.05
CA LEU C 19 32.90 -6.90 15.54
C LEU C 19 33.10 -6.87 17.04
N TRP C 20 33.23 -5.68 17.61
CA TRP C 20 33.30 -5.55 19.06
C TRP C 20 31.95 -5.81 19.69
N GLY C 21 30.89 -5.20 19.12
CA GLY C 21 29.57 -5.44 19.65
C GLY C 21 29.15 -6.90 19.56
N LEU C 22 29.54 -7.57 18.46
CA LEU C 22 29.17 -8.98 18.29
C LEU C 22 29.85 -9.85 19.34
N VAL C 23 31.15 -9.69 19.52
CA VAL C 23 31.85 -10.52 20.48
C VAL C 23 31.37 -10.22 21.90
N LEU C 24 31.23 -8.93 22.23
CA LEU C 24 30.83 -8.56 23.58
C LEU C 24 29.40 -8.99 23.89
N GLY C 25 28.48 -8.82 22.93
CA GLY C 25 27.10 -9.23 23.19
C GLY C 25 26.98 -10.71 23.44
N ALA C 26 27.75 -11.52 22.72
CA ALA C 26 27.76 -12.96 22.93
C ALA C 26 28.26 -13.32 24.33
N VAL C 27 29.28 -12.61 24.81
CA VAL C 27 29.75 -12.82 26.19
C VAL C 27 28.69 -12.38 27.19
N PHE C 28 28.00 -11.27 26.91
CA PHE C 28 27.03 -10.73 27.85
C PHE C 28 25.80 -11.62 27.98
N GLY C 29 25.22 -12.03 26.84
CA GLY C 29 24.01 -12.84 26.89
C GLY C 29 24.24 -14.20 27.52
N LEU C 30 25.42 -14.79 27.26
CA LEU C 30 25.76 -16.06 27.90
C LEU C 30 25.76 -15.94 29.42
N ILE C 31 26.16 -14.78 29.94
CA ILE C 31 26.20 -14.59 31.39
C ILE C 31 24.79 -14.60 31.98
N ALA C 32 23.88 -13.83 31.39
CA ALA C 32 22.50 -13.86 31.89
C ALA C 32 21.89 -15.25 31.75
N GLY C 33 22.25 -16.00 30.72
CA GLY C 33 21.72 -17.34 30.54
C GLY C 33 22.06 -18.28 31.69
N HIS C 34 23.32 -18.63 31.87
CA HIS C 34 23.65 -19.54 32.96
C HIS C 34 23.44 -18.93 34.34
N PHE C 35 23.11 -17.64 34.44
CA PHE C 35 22.90 -16.98 35.73
C PHE C 35 21.51 -16.38 35.90
N GLY C 36 20.60 -16.58 34.94
CA GLY C 36 19.17 -16.33 35.14
C GLY C 36 18.63 -14.93 34.98
N TYR C 37 19.33 -14.02 34.31
CA TYR C 37 18.79 -12.69 34.04
C TYR C 37 18.30 -12.53 32.61
N ALA C 38 17.92 -13.64 31.96
CA ALA C 38 17.50 -13.60 30.55
C ALA C 38 16.22 -12.80 30.33
N GLY C 39 15.45 -12.57 31.38
CA GLY C 39 14.26 -11.73 31.25
C GLY C 39 14.52 -10.24 31.33
N ALA C 40 15.61 -9.83 31.98
CA ALA C 40 16.04 -8.44 31.92
C ALA C 40 16.57 -8.07 30.55
N VAL C 41 17.27 -8.99 29.88
CA VAL C 41 17.81 -8.69 28.56
C VAL C 41 16.70 -8.53 27.53
N LYS C 42 15.65 -9.34 27.63
CA LYS C 42 14.54 -9.16 26.71
C LYS C 42 13.84 -7.82 26.95
N THR C 43 13.82 -7.35 28.18
CA THR C 43 13.08 -6.12 28.44
C THR C 43 13.92 -4.86 28.24
N TYR C 44 15.19 -4.88 28.67
CA TYR C 44 16.00 -3.67 28.77
C TYR C 44 17.11 -3.58 27.72
N ILE C 45 17.36 -4.63 26.94
CA ILE C 45 18.41 -4.62 25.94
C ILE C 45 17.89 -4.94 24.56
N LYS C 46 16.96 -5.89 24.45
CA LYS C 46 16.38 -6.25 23.16
C LYS C 46 15.84 -5.05 22.38
N PRO C 47 15.24 -4.02 22.99
CA PRO C 47 14.69 -2.91 22.16
C PRO C 47 15.73 -2.22 21.29
N PHE C 48 16.97 -2.12 21.76
CA PHE C 48 18.00 -1.47 20.94
C PHE C 48 18.29 -2.28 19.69
N GLY C 49 18.44 -3.60 19.81
CA GLY C 49 18.57 -4.42 18.63
C GLY C 49 17.36 -4.35 17.72
N ASP C 50 16.19 -4.05 18.30
CA ASP C 50 14.98 -3.95 17.49
C ASP C 50 14.95 -2.64 16.71
N LEU C 51 15.46 -1.55 17.31
CA LEU C 51 15.58 -0.31 16.57
C LEU C 51 16.50 -0.49 15.37
N PHE C 52 17.68 -1.08 15.60
CA PHE C 52 18.62 -1.34 14.51
C PHE C 52 17.99 -2.18 13.39
N VAL C 53 17.04 -3.05 13.73
CA VAL C 53 16.40 -3.86 12.70
C VAL C 53 15.35 -3.04 11.92
N ARG C 54 14.59 -2.21 12.63
CA ARG C 54 13.58 -1.39 11.96
C ARG C 54 14.22 -0.40 11.00
N LEU C 55 15.41 0.13 11.37
CA LEU C 55 16.11 1.11 10.54
C LEU C 55 16.58 0.47 9.24
N LEU C 56 17.31 -0.65 9.33
CA LEU C 56 17.63 -1.40 8.12
C LEU C 56 16.36 -1.80 7.37
N LYS C 57 15.29 -2.12 8.10
CA LYS C 57 14.06 -2.54 7.44
C LYS C 57 13.46 -1.43 6.58
N MET C 58 13.48 -0.18 7.06
CA MET C 58 12.81 0.89 6.31
C MET C 58 13.47 1.10 4.95
N LEU C 59 14.76 0.77 4.84
CA LEU C 59 15.53 1.06 3.63
C LEU C 59 15.34 0.02 2.53
N VAL C 60 14.82 -1.17 2.86
CA VAL C 60 14.89 -2.30 1.93
C VAL C 60 14.11 -2.01 0.65
N MET C 61 12.87 -1.55 0.77
CA MET C 61 12.07 -1.41 -0.44
C MET C 61 12.56 -0.29 -1.36
N PRO C 62 12.85 0.94 -0.88
CA PRO C 62 13.41 1.95 -1.79
C PRO C 62 14.74 1.55 -2.41
N ILE C 63 15.70 1.12 -1.59
CA ILE C 63 17.04 0.83 -2.09
C ILE C 63 17.08 -0.36 -3.03
N VAL C 64 16.09 -1.26 -2.97
CA VAL C 64 16.03 -2.33 -3.97
C VAL C 64 15.41 -1.79 -5.24
N LEU C 65 14.26 -1.13 -5.09
CA LEU C 65 13.56 -0.56 -6.23
C LEU C 65 14.44 0.41 -7.01
N ALA C 66 15.04 1.38 -6.31
CA ALA C 66 15.84 2.41 -6.98
C ALA C 66 17.11 1.83 -7.59
N SER C 67 17.90 1.09 -6.79
CA SER C 67 19.14 0.51 -7.30
C SER C 67 18.90 -0.40 -8.49
N LEU C 68 17.81 -1.15 -8.50
CA LEU C 68 17.62 -2.09 -9.59
C LEU C 68 17.04 -1.41 -10.81
N VAL C 69 16.20 -0.37 -10.63
CA VAL C 69 15.78 0.42 -11.80
C VAL C 69 16.97 1.10 -12.43
N VAL C 70 17.76 1.79 -11.60
CA VAL C 70 19.02 2.39 -12.04
C VAL C 70 19.90 1.35 -12.69
N GLY C 71 20.26 0.32 -11.94
CA GLY C 71 21.20 -0.67 -12.45
C GLY C 71 20.74 -1.38 -13.71
N ALA C 72 19.43 -1.58 -13.85
CA ALA C 72 18.95 -2.33 -15.01
C ALA C 72 18.85 -1.46 -16.25
N ALA C 73 18.58 -0.17 -16.08
CA ALA C 73 18.69 0.76 -17.20
C ALA C 73 20.14 0.89 -17.63
N SER C 74 21.05 0.92 -16.66
CA SER C 74 22.48 1.10 -16.89
C SER C 74 23.18 -0.20 -17.26
N ILE C 75 22.61 -0.99 -18.16
CA ILE C 75 23.24 -2.22 -18.66
C ILE C 75 22.42 -2.73 -19.84
N SER C 76 23.04 -3.60 -20.69
CA SER C 76 22.18 -4.05 -21.80
C SER C 76 21.44 -5.34 -21.44
N PRO C 77 20.19 -5.49 -21.90
CA PRO C 77 19.43 -6.72 -21.62
C PRO C 77 20.16 -8.00 -21.96
N ALA C 78 20.78 -8.11 -23.14
CA ALA C 78 21.44 -9.37 -23.49
C ALA C 78 22.53 -9.72 -22.50
N ARG C 79 23.11 -8.71 -21.83
CA ARG C 79 24.03 -8.94 -20.72
C ARG C 79 23.28 -9.38 -19.47
N LEU C 80 22.31 -8.57 -19.04
CA LEU C 80 21.46 -8.91 -17.90
C LEU C 80 20.98 -10.35 -17.94
N GLY C 81 20.46 -10.78 -19.09
CA GLY C 81 20.07 -12.17 -19.25
C GLY C 81 21.21 -13.13 -19.00
N ARG C 82 22.41 -12.78 -19.45
CA ARG C 82 23.55 -13.63 -19.18
C ARG C 82 23.98 -13.55 -17.72
N VAL C 83 23.85 -12.39 -17.09
CA VAL C 83 24.14 -12.27 -15.66
C VAL C 83 23.19 -13.14 -14.85
N GLY C 84 21.90 -13.05 -15.14
CA GLY C 84 20.94 -13.95 -14.49
C GLY C 84 21.33 -15.40 -14.64
N VAL C 85 21.57 -15.84 -15.89
CA VAL C 85 22.00 -17.20 -16.13
C VAL C 85 23.23 -17.57 -15.32
N LYS C 86 24.16 -16.64 -15.18
CA LYS C 86 25.37 -16.90 -14.40
C LYS C 86 25.07 -17.00 -12.91
N ILE C 87 24.35 -16.02 -12.37
CA ILE C 87 24.09 -16.04 -10.93
C ILE C 87 23.21 -17.23 -10.57
N VAL C 88 22.27 -17.60 -11.44
CA VAL C 88 21.33 -18.68 -11.15
C VAL C 88 22.05 -20.03 -11.13
N VAL C 89 22.94 -20.28 -12.08
CA VAL C 89 23.67 -21.56 -12.03
C VAL C 89 24.56 -21.61 -10.80
N TYR C 90 25.17 -20.49 -10.42
CA TYR C 90 25.99 -20.48 -9.22
C TYR C 90 25.15 -20.82 -7.99
N TYR C 91 23.98 -20.18 -7.85
CA TYR C 91 23.15 -20.38 -6.67
C TYR C 91 22.79 -21.85 -6.49
N LEU C 92 22.38 -22.50 -7.60
CA LEU C 92 22.01 -23.90 -7.52
C LEU C 92 23.19 -24.78 -7.13
N ALA C 93 24.33 -24.61 -7.80
CA ALA C 93 25.43 -25.50 -7.50
C ALA C 93 25.89 -25.31 -6.06
N THR C 94 25.89 -24.07 -5.57
CA THR C 94 26.28 -23.83 -4.19
C THR C 94 25.25 -24.34 -3.20
N SER C 95 23.94 -24.26 -3.52
CA SER C 95 22.96 -24.88 -2.64
C SER C 95 23.16 -26.38 -2.59
N ALA C 96 23.24 -27.02 -3.76
CA ALA C 96 23.48 -28.45 -3.81
C ALA C 96 24.73 -28.80 -3.03
N MET C 97 25.74 -27.95 -3.11
CA MET C 97 26.99 -28.19 -2.38
C MET C 97 26.77 -28.06 -0.87
N ALA C 98 25.90 -27.14 -0.44
CA ALA C 98 25.69 -26.95 1.00
C ALA C 98 24.96 -28.13 1.62
N VAL C 99 23.87 -28.59 0.99
CA VAL C 99 23.21 -29.82 1.43
C VAL C 99 24.20 -30.97 1.45
N PHE C 100 25.00 -31.09 0.39
CA PHE C 100 26.03 -32.11 0.33
C PHE C 100 26.99 -31.98 1.51
N PHE C 101 27.30 -30.75 1.92
CA PHE C 101 28.15 -30.52 3.08
C PHE C 101 27.41 -30.79 4.39
N GLY C 102 26.16 -30.35 4.48
CA GLY C 102 25.38 -30.63 5.67
C GLY C 102 25.20 -32.11 5.93
N LEU C 103 25.01 -32.90 4.87
CA LEU C 103 24.89 -34.35 5.01
C LEU C 103 26.18 -34.96 5.53
N ILE C 104 27.32 -34.50 5.00
CA ILE C 104 28.61 -35.03 5.42
C ILE C 104 28.96 -34.56 6.83
N VAL C 105 28.80 -33.25 7.08
CA VAL C 105 29.08 -32.72 8.40
C VAL C 105 28.07 -33.25 9.39
N GLY C 106 26.83 -33.47 8.96
CA GLY C 106 25.82 -34.04 9.84
C GLY C 106 26.13 -35.46 10.26
N ARG C 107 26.65 -36.29 9.35
CA ARG C 107 26.99 -37.67 9.72
C ARG C 107 28.28 -37.72 10.54
N LEU C 108 29.26 -36.87 10.19
CA LEU C 108 30.50 -36.79 10.96
C LEU C 108 30.20 -36.48 12.42
N PHE C 109 29.54 -35.35 12.67
CA PHE C 109 29.05 -35.04 14.02
C PHE C 109 27.99 -36.03 14.47
N ASN C 110 27.36 -36.72 13.51
CA ASN C 110 26.34 -37.72 13.78
C ASN C 110 25.18 -37.14 14.59
N VAL C 111 24.57 -36.09 14.05
CA VAL C 111 23.57 -35.33 14.80
C VAL C 111 22.37 -36.20 15.07
N GLY C 112 21.91 -36.18 16.31
CA GLY C 112 20.68 -36.86 16.67
C GLY C 112 20.71 -38.35 16.57
N ALA C 113 21.89 -38.96 16.50
CA ALA C 113 21.92 -40.41 16.43
C ALA C 113 21.57 -41.06 17.76
N ASN C 114 21.67 -40.30 18.86
CA ASN C 114 21.42 -40.81 20.21
C ASN C 114 20.21 -40.20 20.90
N VAL C 115 19.17 -39.81 20.16
CA VAL C 115 18.01 -39.22 20.82
C VAL C 115 17.09 -40.30 21.40
N ASN C 116 17.05 -41.49 20.78
CA ASN C 116 16.37 -42.67 21.33
C ASN C 116 14.88 -42.44 21.56
N LEU C 117 14.18 -42.28 20.45
CA LEU C 117 12.72 -42.20 20.45
C LEU C 117 12.21 -43.36 19.62
N GLY C 118 11.23 -44.10 20.17
CA GLY C 118 10.68 -45.22 19.46
C GLY C 118 9.64 -44.79 18.45
N SER C 119 9.70 -45.38 17.27
CA SER C 119 8.82 -45.01 16.17
C SER C 119 8.27 -46.25 15.47
N GLY C 120 6.96 -46.25 15.21
CA GLY C 120 6.38 -47.34 14.45
C GLY C 120 6.87 -47.28 13.01
N THR C 121 7.19 -48.45 12.47
CA THR C 121 7.75 -48.56 11.12
C THR C 121 6.68 -48.28 10.06
N GLY C 122 6.15 -47.05 10.04
CA GLY C 122 5.10 -46.67 9.11
C GLY C 122 5.19 -45.22 8.67
N PRO C 129 4.09 -30.45 -11.87
CA PRO C 129 2.90 -29.70 -12.30
C PRO C 129 1.99 -29.09 -11.20
N PRO C 130 1.65 -29.80 -10.10
CA PRO C 130 0.52 -29.33 -9.28
C PRO C 130 0.78 -28.09 -8.42
N SER C 131 1.98 -27.91 -7.84
CA SER C 131 2.15 -26.97 -6.73
C SER C 131 3.10 -25.79 -6.99
N LEU C 132 4.08 -25.95 -7.87
CA LEU C 132 5.13 -24.96 -8.07
C LEU C 132 4.78 -23.82 -9.03
N VAL C 133 3.92 -24.07 -10.02
CA VAL C 133 3.64 -23.10 -11.08
C VAL C 133 3.12 -21.77 -10.53
N GLN C 134 2.12 -21.80 -9.64
CA GLN C 134 1.62 -20.55 -9.07
C GLN C 134 2.71 -19.79 -8.33
N THR C 135 3.70 -20.49 -7.77
CA THR C 135 4.81 -19.79 -7.14
C THR C 135 5.56 -18.95 -8.17
N LEU C 136 5.65 -19.44 -9.41
CA LEU C 136 6.33 -18.71 -10.48
C LEU C 136 5.51 -17.52 -10.97
N LEU C 137 4.27 -17.77 -11.43
CA LEU C 137 3.36 -16.69 -11.76
C LEU C 137 3.34 -15.61 -10.69
N ASN C 138 3.44 -16.01 -9.41
CA ASN C 138 3.39 -15.03 -8.35
C ASN C 138 4.60 -14.10 -8.31
N ILE C 139 5.70 -14.45 -9.01
CA ILE C 139 6.82 -13.52 -9.15
C ILE C 139 6.39 -12.28 -9.91
N VAL C 140 5.63 -12.47 -10.99
CA VAL C 140 5.04 -11.37 -11.74
C VAL C 140 4.03 -10.64 -10.88
N PRO C 141 4.26 -9.40 -10.47
CA PRO C 141 3.26 -8.72 -9.65
C PRO C 141 2.05 -8.35 -10.48
N THR C 142 0.93 -8.13 -9.79
CA THR C 142 -0.28 -7.69 -10.47
C THR C 142 -0.62 -6.25 -10.11
N ASN C 143 0.07 -5.70 -9.12
CA ASN C 143 0.04 -4.30 -8.78
C ASN C 143 1.32 -3.97 -8.02
N PRO C 144 2.23 -3.16 -8.63
CA PRO C 144 3.55 -2.93 -8.03
C PRO C 144 3.49 -1.94 -6.89
N PHE C 145 2.51 -1.04 -6.92
CA PHE C 145 2.33 -0.20 -5.73
C PHE C 145 2.01 -1.06 -4.53
N ALA C 146 1.19 -2.11 -4.74
CA ALA C 146 0.84 -3.06 -3.69
C ALA C 146 2.03 -3.95 -3.33
N SER C 147 2.68 -4.58 -4.33
CA SER C 147 3.90 -5.34 -4.06
C SER C 147 4.92 -4.50 -3.31
N LEU C 148 4.96 -3.19 -3.57
CA LEU C 148 5.84 -2.32 -2.79
C LEU C 148 5.34 -2.18 -1.37
N ALA C 149 4.03 -1.87 -1.20
CA ALA C 149 3.48 -1.71 0.15
C ALA C 149 3.52 -3.02 0.91
N LYS C 150 3.30 -4.12 0.20
CA LYS C 150 3.36 -5.43 0.83
C LYS C 150 4.79 -5.92 1.04
N GLY C 151 5.79 -5.26 0.47
CA GLY C 151 7.16 -5.68 0.63
C GLY C 151 7.55 -6.84 -0.25
N GLU C 152 6.81 -7.09 -1.33
CA GLU C 152 7.06 -8.29 -2.11
C GLU C 152 8.27 -8.03 -3.00
N VAL C 153 9.44 -8.46 -2.55
CA VAL C 153 10.67 -8.12 -3.26
C VAL C 153 10.69 -8.76 -4.66
N LEU C 154 10.62 -10.10 -4.74
CA LEU C 154 10.71 -10.73 -6.04
C LEU C 154 9.76 -10.13 -7.06
N PRO C 155 8.53 -9.72 -6.72
CA PRO C 155 7.73 -9.00 -7.71
C PRO C 155 8.27 -7.61 -8.04
N VAL C 156 8.92 -6.94 -7.09
CA VAL C 156 9.54 -5.65 -7.37
C VAL C 156 10.79 -5.81 -8.22
N ILE C 157 11.67 -6.75 -7.86
CA ILE C 157 12.82 -7.09 -8.68
C ILE C 157 12.34 -7.20 -10.11
N PHE C 158 11.24 -7.92 -10.31
CA PHE C 158 10.73 -8.09 -11.67
C PHE C 158 10.35 -6.75 -12.26
N PHE C 159 9.58 -5.95 -11.54
CA PHE C 159 9.10 -4.68 -12.06
C PHE C 159 10.25 -3.72 -12.29
N ALA C 160 11.17 -3.64 -11.33
CA ALA C 160 12.31 -2.75 -11.46
C ALA C 160 13.14 -3.10 -12.67
N ILE C 161 13.45 -4.39 -12.85
CA ILE C 161 14.18 -4.80 -14.04
C ILE C 161 13.42 -4.39 -15.29
N ILE C 162 12.15 -4.76 -15.37
CA ILE C 162 11.34 -4.43 -16.53
C ILE C 162 11.27 -2.92 -16.77
N LEU C 163 11.31 -2.11 -15.71
CA LEU C 163 11.12 -0.67 -15.89
C LEU C 163 12.35 -0.01 -16.44
N GLY C 164 13.48 -0.15 -15.73
CA GLY C 164 14.70 0.54 -16.14
C GLY C 164 15.10 0.20 -17.57
N ILE C 165 14.90 -1.06 -17.97
CA ILE C 165 15.15 -1.48 -19.35
C ILE C 165 14.36 -0.61 -20.32
N ALA C 166 13.09 -0.33 -19.98
CA ALA C 166 12.28 0.50 -20.86
C ALA C 166 12.78 1.94 -20.86
N ILE C 167 13.39 2.37 -19.75
CA ILE C 167 13.88 3.74 -19.63
C ILE C 167 15.05 3.98 -20.60
N THR C 168 16.00 3.03 -20.66
CA THR C 168 17.10 3.18 -21.60
C THR C 168 16.61 3.22 -23.04
N TYR C 169 15.55 2.47 -23.35
CA TYR C 169 14.99 2.52 -24.69
C TYR C 169 14.51 3.93 -25.02
N LEU C 170 13.88 4.59 -24.04
CA LEU C 170 13.28 5.90 -24.25
C LEU C 170 14.34 6.99 -24.28
N MET C 171 15.43 6.77 -23.56
CA MET C 171 16.56 7.69 -23.61
C MET C 171 17.20 7.71 -24.99
N ASN C 172 16.93 6.71 -25.82
CA ASN C 172 17.48 6.62 -27.18
C ASN C 172 16.45 6.99 -28.24
N ARG C 173 15.81 8.15 -28.17
CA ARG C 173 14.77 8.45 -29.14
C ARG C 173 15.05 9.69 -29.97
N ASN C 174 14.44 9.73 -31.15
CA ASN C 174 14.61 10.91 -32.01
C ASN C 174 14.02 12.13 -31.34
N GLU C 175 12.98 11.94 -30.52
CA GLU C 175 12.35 13.05 -29.83
C GLU C 175 13.26 13.57 -28.73
N GLU C 176 13.39 14.89 -28.67
CA GLU C 176 13.95 15.53 -27.51
C GLU C 176 13.00 15.44 -26.33
N ARG C 177 11.72 15.20 -26.60
CA ARG C 177 10.69 15.20 -25.57
C ARG C 177 10.65 13.87 -24.82
N VAL C 178 10.74 12.75 -25.56
CA VAL C 178 10.71 11.43 -24.94
C VAL C 178 12.01 11.15 -24.21
N ARG C 179 13.15 11.45 -24.85
CA ARG C 179 14.43 11.24 -24.19
C ARG C 179 14.45 11.92 -22.83
N LYS C 180 14.04 13.19 -22.80
CA LYS C 180 14.20 14.01 -21.59
C LYS C 180 13.23 13.57 -20.50
N SER C 181 12.05 13.08 -20.88
CA SER C 181 11.12 12.55 -19.89
C SER C 181 11.68 11.29 -19.24
N ALA C 182 12.08 10.31 -20.04
CA ALA C 182 12.71 9.13 -19.48
C ALA C 182 13.94 9.51 -18.67
N GLU C 183 14.82 10.31 -19.27
CA GLU C 183 16.01 10.75 -18.57
C GLU C 183 15.69 11.41 -17.24
N THR C 184 14.57 12.15 -17.16
CA THR C 184 14.19 12.77 -15.89
C THR C 184 13.80 11.72 -14.86
N LEU C 185 12.92 10.79 -15.27
CA LEU C 185 12.48 9.70 -14.41
C LEU C 185 13.66 8.96 -13.82
N LEU C 186 14.57 8.51 -14.70
CA LEU C 186 15.75 7.78 -14.28
C LEU C 186 16.52 8.50 -13.18
N ARG C 187 16.48 9.83 -13.19
CA ARG C 187 17.19 10.58 -12.17
C ARG C 187 16.54 10.43 -10.80
N VAL C 188 15.20 10.30 -10.75
CA VAL C 188 14.49 10.18 -9.48
C VAL C 188 14.93 8.92 -8.75
N PHE C 189 15.01 7.79 -9.47
CA PHE C 189 15.53 6.57 -8.88
C PHE C 189 16.99 6.71 -8.49
N ASP C 190 17.80 7.28 -9.39
CA ASP C 190 19.20 7.47 -9.06
C ASP C 190 19.32 8.37 -7.84
N GLY C 191 18.49 9.41 -7.78
CA GLY C 191 18.45 10.26 -6.60
C GLY C 191 18.05 9.48 -5.37
N LEU C 192 17.02 8.63 -5.51
CA LEU C 192 16.55 7.80 -4.41
C LEU C 192 17.62 6.81 -3.98
N ALA C 193 18.19 6.06 -4.92
CA ALA C 193 19.21 5.07 -4.59
C ALA C 193 20.37 5.70 -3.80
N GLU C 194 20.87 6.84 -4.26
CA GLU C 194 22.01 7.44 -3.56
C GLU C 194 21.62 7.87 -2.15
N ALA C 195 20.41 8.42 -1.97
CA ALA C 195 19.95 8.77 -0.64
C ALA C 195 19.81 7.55 0.26
N MET C 196 19.35 6.43 -0.27
CA MET C 196 19.24 5.24 0.58
C MET C 196 20.61 4.80 1.04
N TYR C 197 21.54 4.64 0.09
CA TYR C 197 22.89 4.21 0.43
C TYR C 197 23.56 5.16 1.42
N LEU C 198 23.11 6.41 1.44
CA LEU C 198 23.62 7.36 2.42
C LEU C 198 23.15 6.97 3.81
N ILE C 199 21.85 6.72 3.95
CA ILE C 199 21.26 6.41 5.25
C ILE C 199 21.76 5.07 5.78
N VAL C 200 21.92 4.08 4.89
CA VAL C 200 22.57 2.83 5.28
C VAL C 200 23.85 3.12 6.05
N GLY C 201 24.65 4.07 5.53
CA GLY C 201 25.90 4.41 6.17
C GLY C 201 25.70 5.10 7.50
N GLY C 202 24.67 5.94 7.60
CA GLY C 202 24.40 6.59 8.88
C GLY C 202 23.90 5.59 9.89
N VAL C 203 23.00 4.72 9.46
CA VAL C 203 22.45 3.68 10.32
C VAL C 203 23.56 2.75 10.81
N MET C 204 24.56 2.48 9.97
CA MET C 204 25.61 1.57 10.42
C MET C 204 26.46 2.15 11.53
N GLN C 205 26.21 3.40 11.91
CA GLN C 205 26.78 3.92 13.15
C GLN C 205 26.11 3.26 14.35
N TYR C 206 24.80 3.03 14.25
CA TYR C 206 24.10 2.36 15.31
C TYR C 206 24.38 0.87 15.33
N ALA C 207 24.77 0.29 14.19
CA ALA C 207 24.98 -1.15 14.08
C ALA C 207 25.88 -1.77 15.16
N PRO C 208 26.99 -1.17 15.60
CA PRO C 208 27.73 -1.80 16.71
C PRO C 208 26.86 -1.98 17.94
N ILE C 209 25.92 -1.06 18.18
CA ILE C 209 25.03 -1.21 19.33
C ILE C 209 23.96 -2.24 19.02
N GLY C 210 23.28 -2.10 17.89
CA GLY C 210 22.25 -3.06 17.52
C GLY C 210 22.79 -4.48 17.40
N VAL C 211 23.98 -4.65 16.84
CA VAL C 211 24.58 -5.99 16.80
C VAL C 211 24.72 -6.53 18.21
N PHE C 212 25.27 -5.71 19.11
CA PHE C 212 25.47 -6.14 20.50
C PHE C 212 24.18 -6.63 21.12
N ALA C 213 23.08 -5.89 20.92
CA ALA C 213 21.81 -6.22 21.60
C ALA C 213 21.20 -7.54 21.08
N LEU C 214 21.08 -7.67 19.76
CA LEU C 214 20.48 -8.88 19.18
C LEU C 214 21.17 -10.14 19.69
N ILE C 215 22.50 -10.19 19.59
CA ILE C 215 23.22 -11.38 20.01
C ILE C 215 23.07 -11.58 21.50
N ALA C 216 22.96 -10.48 22.27
CA ALA C 216 22.81 -10.59 23.72
C ALA C 216 21.46 -11.19 24.09
N TYR C 217 20.40 -10.78 23.38
CA TYR C 217 19.08 -11.36 23.61
C TYR C 217 19.03 -12.83 23.23
N VAL C 218 19.50 -13.17 22.02
CA VAL C 218 19.46 -14.56 21.58
C VAL C 218 20.30 -15.43 22.51
N MET C 219 21.55 -15.05 22.74
CA MET C 219 22.38 -15.84 23.63
C MET C 219 21.78 -15.97 25.02
N ALA C 220 21.03 -14.95 25.46
CA ALA C 220 20.43 -15.03 26.79
C ALA C 220 19.27 -16.03 26.80
N GLU C 221 18.38 -15.95 25.79
CA GLU C 221 17.20 -16.82 25.76
C GLU C 221 17.58 -18.26 25.46
N GLN C 222 18.42 -18.49 24.45
CA GLN C 222 18.73 -19.84 24.01
C GLN C 222 20.16 -20.27 24.29
N GLY C 223 20.93 -19.50 25.04
CA GLY C 223 22.23 -19.99 25.45
C GLY C 223 22.11 -21.23 26.30
N VAL C 224 21.31 -21.14 27.37
CA VAL C 224 21.13 -22.26 28.30
C VAL C 224 20.75 -23.53 27.56
N ARG C 225 20.01 -23.41 26.45
CA ARG C 225 19.59 -24.58 25.70
C ARG C 225 20.71 -25.19 24.87
N VAL C 226 21.82 -24.49 24.64
CA VAL C 226 22.89 -25.12 23.88
C VAL C 226 23.81 -25.82 24.87
N VAL C 227 23.36 -26.96 25.41
CA VAL C 227 24.18 -27.69 26.37
C VAL C 227 24.09 -29.19 26.11
N GLY C 228 23.05 -29.63 25.42
CA GLY C 228 22.82 -31.05 25.24
C GLY C 228 23.19 -31.54 23.85
N PRO C 229 22.45 -32.55 23.35
CA PRO C 229 22.61 -32.92 21.93
C PRO C 229 22.24 -31.81 20.98
N LEU C 230 21.44 -30.82 21.41
CA LEU C 230 21.24 -29.62 20.62
C LEU C 230 22.54 -28.85 20.44
N ALA C 231 23.38 -28.87 21.47
CA ALA C 231 24.72 -28.31 21.32
C ALA C 231 25.48 -29.02 20.22
N LYS C 232 25.31 -30.34 20.09
CA LYS C 232 25.95 -31.06 19.00
C LYS C 232 25.36 -30.70 17.65
N VAL C 233 24.08 -30.32 17.61
CA VAL C 233 23.53 -29.75 16.39
C VAL C 233 24.25 -28.45 16.06
N VAL C 234 24.41 -27.59 17.07
CA VAL C 234 25.14 -26.34 16.89
C VAL C 234 26.55 -26.61 16.40
N GLY C 235 27.26 -27.54 17.06
CA GLY C 235 28.58 -27.93 16.61
C GLY C 235 28.61 -28.37 15.15
N ALA C 236 27.64 -29.18 14.73
CA ALA C 236 27.64 -29.65 13.35
C ALA C 236 27.34 -28.52 12.39
N VAL C 237 26.29 -27.74 12.68
CA VAL C 237 25.84 -26.70 11.77
C VAL C 237 26.91 -25.65 11.57
N TYR C 238 27.49 -25.14 12.66
CA TYR C 238 28.53 -24.15 12.51
C TYR C 238 29.75 -24.73 11.80
N THR C 239 30.11 -25.97 12.12
CA THR C 239 31.23 -26.60 11.45
C THR C 239 30.99 -26.66 9.95
N GLY C 240 29.79 -27.04 9.54
CA GLY C 240 29.48 -27.09 8.12
C GLY C 240 29.42 -25.71 7.48
N LEU C 241 28.74 -24.77 8.15
CA LEU C 241 28.74 -23.38 7.70
C LEU C 241 30.17 -22.86 7.55
N PHE C 242 31.02 -23.16 8.52
CA PHE C 242 32.43 -22.81 8.40
C PHE C 242 33.05 -23.51 7.20
N LEU C 243 32.81 -24.82 7.06
CA LEU C 243 33.35 -25.56 5.92
C LEU C 243 32.84 -25.00 4.60
N GLN C 244 31.53 -24.79 4.50
CA GLN C 244 30.97 -24.15 3.30
C GLN C 244 31.70 -22.86 2.94
N ILE C 245 32.04 -22.04 3.94
CA ILE C 245 32.79 -20.82 3.66
C ILE C 245 34.25 -21.15 3.30
N VAL C 246 34.99 -21.75 4.22
CA VAL C 246 36.42 -21.91 3.98
C VAL C 246 36.72 -22.99 2.96
N ILE C 247 35.78 -23.90 2.66
CA ILE C 247 36.07 -24.84 1.58
C ILE C 247 35.44 -24.38 0.28
N THR C 248 34.11 -24.37 0.18
CA THR C 248 33.52 -24.13 -1.14
C THR C 248 33.66 -22.67 -1.55
N TYR C 249 33.36 -21.73 -0.65
CA TYR C 249 33.48 -20.32 -1.02
C TYR C 249 34.93 -19.96 -1.28
N PHE C 250 35.85 -20.31 -0.37
CA PHE C 250 37.24 -19.95 -0.57
C PHE C 250 37.79 -20.57 -1.86
N ILE C 251 37.56 -21.87 -2.05
CA ILE C 251 38.04 -22.52 -3.28
C ILE C 251 37.38 -21.91 -4.50
N LEU C 252 36.07 -21.67 -4.45
CA LEU C 252 35.41 -21.01 -5.56
C LEU C 252 35.92 -19.58 -5.75
N LEU C 253 36.09 -18.84 -4.64
CA LEU C 253 36.55 -17.45 -4.76
C LEU C 253 37.94 -17.39 -5.38
N LYS C 254 38.86 -18.19 -4.85
CA LYS C 254 40.24 -18.15 -5.33
C LYS C 254 40.34 -18.56 -6.80
N VAL C 255 39.45 -19.46 -7.27
CA VAL C 255 39.49 -19.93 -8.66
C VAL C 255 39.30 -18.78 -9.64
N PHE C 256 38.49 -17.78 -9.28
CA PHE C 256 38.26 -16.63 -10.15
C PHE C 256 39.15 -15.44 -9.80
N GLY C 257 40.19 -15.65 -9.02
CA GLY C 257 41.16 -14.60 -8.78
C GLY C 257 40.73 -13.52 -7.79
N ILE C 258 39.99 -13.91 -6.75
CA ILE C 258 39.67 -13.01 -5.65
C ILE C 258 40.29 -13.59 -4.39
N ASP C 259 41.08 -12.76 -3.69
CA ASP C 259 41.68 -13.17 -2.43
C ASP C 259 40.56 -13.45 -1.44
N PRO C 260 40.38 -14.71 -1.00
CA PRO C 260 39.25 -15.01 -0.12
C PRO C 260 39.36 -14.35 1.24
N ILE C 261 40.59 -14.05 1.69
CA ILE C 261 40.75 -13.33 2.95
C ILE C 261 40.35 -11.87 2.80
N LYS C 262 40.59 -11.27 1.63
CA LYS C 262 40.10 -9.91 1.40
C LYS C 262 38.57 -9.87 1.34
N PHE C 263 37.94 -10.93 0.86
CA PHE C 263 36.49 -10.94 0.79
C PHE C 263 35.87 -10.83 2.18
N ILE C 264 36.31 -11.68 3.10
CA ILE C 264 35.70 -11.76 4.42
C ILE C 264 35.77 -10.41 5.15
N ARG C 265 36.94 -9.75 5.12
CA ARG C 265 37.05 -8.45 5.78
C ARG C 265 36.14 -7.39 5.15
N LYS C 266 35.81 -7.55 3.87
CA LYS C 266 34.88 -6.59 3.27
C LYS C 266 33.43 -7.00 3.56
N ALA C 267 33.16 -8.29 3.55
CA ALA C 267 31.80 -8.75 3.77
C ALA C 267 31.35 -8.56 5.20
N LYS C 268 32.28 -8.40 6.15
CA LYS C 268 31.95 -8.70 7.54
C LYS C 268 30.76 -7.89 8.05
N ASP C 269 30.67 -6.62 7.64
CA ASP C 269 29.53 -5.81 8.07
C ASP C 269 28.23 -6.48 7.65
N ALA C 270 28.16 -6.99 6.43
CA ALA C 270 26.98 -7.73 6.01
C ALA C 270 26.92 -9.09 6.72
N MET C 271 28.07 -9.75 6.88
CA MET C 271 28.09 -11.05 7.56
C MET C 271 27.65 -10.89 9.01
N ILE C 272 28.19 -9.90 9.72
CA ILE C 272 27.86 -9.77 11.14
C ILE C 272 26.41 -9.35 11.29
N THR C 273 25.90 -8.53 10.36
CA THR C 273 24.52 -8.09 10.45
C THR C 273 23.54 -9.20 10.11
N ALA C 274 23.79 -9.93 9.01
CA ALA C 274 22.95 -11.07 8.69
C ALA C 274 22.90 -12.06 9.85
N PHE C 275 24.05 -12.29 10.48
CA PHE C 275 24.11 -13.18 11.63
C PHE C 275 23.15 -12.72 12.71
N VAL C 276 23.28 -11.47 13.16
CA VAL C 276 22.48 -11.06 14.32
C VAL C 276 21.06 -10.65 13.99
N THR C 277 20.73 -10.33 12.74
CA THR C 277 19.33 -10.04 12.40
C THR C 277 18.62 -11.28 11.89
N ARG C 278 19.37 -12.32 11.53
CA ARG C 278 18.81 -13.60 11.11
C ARG C 278 17.84 -13.41 9.94
N SER C 279 18.00 -12.35 9.18
CA SER C 279 17.13 -12.02 8.06
C SER C 279 18.00 -11.58 6.89
N SER C 280 18.02 -12.36 5.81
CA SER C 280 18.68 -11.91 4.58
C SER C 280 18.08 -10.59 4.10
N SER C 281 16.76 -10.59 3.83
CA SER C 281 16.08 -9.36 3.42
C SER C 281 16.36 -8.17 4.32
N GLY C 282 16.56 -8.42 5.63
CA GLY C 282 16.85 -7.34 6.55
C GLY C 282 18.28 -6.84 6.48
N THR C 283 19.20 -7.65 5.99
CA THR C 283 20.59 -7.26 5.82
C THR C 283 20.89 -6.87 4.38
N LEU C 284 19.88 -6.83 3.51
CA LEU C 284 20.11 -6.37 2.15
C LEU C 284 20.70 -4.96 2.06
N PRO C 285 20.21 -3.95 2.78
CA PRO C 285 20.83 -2.61 2.63
C PRO C 285 22.31 -2.59 2.95
N VAL C 286 22.71 -3.30 4.01
CA VAL C 286 24.12 -3.44 4.33
C VAL C 286 24.82 -4.32 3.29
N THR C 287 24.13 -5.34 2.79
CA THR C 287 24.74 -6.24 1.81
C THR C 287 25.06 -5.52 0.50
N MET C 288 24.21 -4.56 0.10
CA MET C 288 24.44 -3.79 -1.13
C MET C 288 25.48 -2.69 -0.91
N ARG C 289 25.33 -1.91 0.16
CA ARG C 289 26.33 -0.90 0.45
C ARG C 289 27.71 -1.53 0.59
N VAL C 290 27.78 -2.73 1.14
CA VAL C 290 29.04 -3.47 1.13
C VAL C 290 29.43 -3.86 -0.28
N ALA C 291 28.45 -4.19 -1.13
CA ALA C 291 28.79 -4.63 -2.47
C ALA C 291 29.36 -3.49 -3.30
N GLU C 292 28.99 -2.25 -2.97
CA GLU C 292 29.43 -1.07 -3.71
C GLU C 292 30.73 -0.50 -3.13
N GLU C 293 30.71 -0.05 -1.87
CA GLU C 293 31.87 0.56 -1.26
C GLU C 293 33.03 -0.44 -1.14
N GLU C 294 32.83 -1.49 -0.35
CA GLU C 294 33.95 -2.38 -0.03
C GLU C 294 34.29 -3.28 -1.22
N MET C 295 33.29 -3.98 -1.75
CA MET C 295 33.54 -4.98 -2.79
C MET C 295 33.96 -4.33 -4.09
N GLY C 296 33.30 -3.23 -4.44
CA GLY C 296 33.54 -2.59 -5.72
C GLY C 296 32.75 -3.19 -6.87
N VAL C 297 31.53 -3.69 -6.60
CA VAL C 297 30.67 -4.21 -7.66
C VAL C 297 29.73 -3.11 -8.12
N ASP C 298 29.40 -3.12 -9.40
CA ASP C 298 28.59 -2.07 -10.00
C ASP C 298 27.10 -2.37 -9.87
N LYS C 299 26.30 -1.28 -9.75
CA LYS C 299 24.85 -1.46 -9.60
C LYS C 299 24.24 -2.30 -10.72
N GLY C 300 24.87 -2.34 -11.89
CA GLY C 300 24.40 -3.23 -12.94
C GLY C 300 24.37 -4.70 -12.54
N ILE C 301 25.10 -5.08 -11.49
CA ILE C 301 25.09 -6.46 -11.03
C ILE C 301 24.38 -6.62 -9.70
N PHE C 302 24.93 -6.05 -8.64
CA PHE C 302 24.45 -6.41 -7.31
C PHE C 302 23.03 -5.93 -7.08
N SER C 303 22.58 -4.92 -7.82
CA SER C 303 21.18 -4.50 -7.70
C SER C 303 20.22 -5.60 -8.17
N PHE C 304 20.72 -6.60 -8.91
CA PHE C 304 19.93 -7.75 -9.32
C PHE C 304 20.33 -9.01 -8.54
N THR C 305 21.62 -9.30 -8.43
CA THR C 305 22.01 -10.57 -7.82
C THR C 305 21.79 -10.56 -6.30
N LEU C 306 22.00 -9.41 -5.66
CA LEU C 306 21.90 -9.37 -4.20
C LEU C 306 20.46 -9.50 -3.69
N PRO C 307 19.44 -8.84 -4.33
CA PRO C 307 18.07 -9.09 -3.90
C PRO C 307 17.54 -10.45 -4.37
N LEU C 308 17.90 -10.87 -5.59
CA LEU C 308 17.47 -12.18 -6.04
C LEU C 308 18.05 -13.26 -5.14
N GLY C 309 19.31 -13.12 -4.73
CA GLY C 309 19.94 -14.14 -3.92
C GLY C 309 19.48 -14.17 -2.48
N ALA C 310 19.01 -13.04 -1.95
CA ALA C 310 18.58 -13.01 -0.56
C ALA C 310 17.43 -13.97 -0.33
N THR C 311 16.65 -14.23 -1.38
CA THR C 311 15.50 -15.10 -1.34
C THR C 311 15.84 -16.52 -1.77
N ILE C 312 16.38 -16.69 -2.97
CA ILE C 312 16.47 -18.01 -3.58
C ILE C 312 17.81 -18.69 -3.34
N ASN C 313 18.84 -17.97 -2.92
CA ASN C 313 20.13 -18.58 -2.62
C ASN C 313 20.34 -18.58 -1.12
N MET C 314 19.98 -19.68 -0.47
CA MET C 314 20.26 -19.85 0.95
C MET C 314 21.14 -21.08 1.10
N ASP C 315 22.47 -20.86 1.02
CA ASP C 315 23.41 -21.94 1.31
C ASP C 315 23.36 -22.33 2.77
N GLY C 316 23.27 -21.33 3.66
CA GLY C 316 23.27 -21.63 5.09
C GLY C 316 22.03 -22.37 5.53
N THR C 317 20.87 -22.02 4.96
CA THR C 317 19.66 -22.78 5.26
C THR C 317 19.71 -24.18 4.65
N ALA C 318 20.14 -24.29 3.38
CA ALA C 318 20.25 -25.59 2.73
C ALA C 318 21.18 -26.55 3.46
N LEU C 319 22.09 -26.04 4.28
CA LEU C 319 22.96 -26.90 5.06
C LEU C 319 22.35 -27.19 6.43
N TYR C 320 21.73 -26.18 7.03
CA TYR C 320 20.92 -26.39 8.22
C TYR C 320 19.92 -27.50 8.00
N GLN C 321 19.18 -27.41 6.90
CA GLN C 321 18.13 -28.38 6.61
C GLN C 321 18.69 -29.78 6.39
N GLY C 322 19.86 -29.90 5.78
CA GLY C 322 20.48 -31.20 5.63
C GLY C 322 20.89 -31.82 6.95
N VAL C 323 21.45 -31.01 7.86
CA VAL C 323 21.95 -31.52 9.13
C VAL C 323 20.80 -31.89 10.05
N THR C 324 19.76 -31.07 10.13
CA THR C 324 18.69 -31.35 11.07
C THR C 324 17.81 -32.50 10.60
N VAL C 325 17.69 -32.71 9.29
CA VAL C 325 16.93 -33.86 8.81
C VAL C 325 17.65 -35.15 9.19
N LEU C 326 18.98 -35.16 9.05
CA LEU C 326 19.76 -36.29 9.57
C LEU C 326 19.59 -36.41 11.07
N PHE C 327 19.43 -35.28 11.78
CA PHE C 327 19.24 -35.31 13.22
C PHE C 327 17.92 -35.94 13.59
N VAL C 328 16.85 -35.59 12.87
CA VAL C 328 15.54 -36.13 13.19
C VAL C 328 15.45 -37.59 12.77
N ALA C 329 15.83 -37.89 11.53
CA ALA C 329 15.73 -39.25 11.03
C ALA C 329 16.57 -40.23 11.85
N ASN C 330 17.72 -39.77 12.35
CA ASN C 330 18.49 -40.63 13.25
C ASN C 330 17.79 -40.77 14.59
N ALA C 331 17.11 -39.72 15.03
CA ALA C 331 16.50 -39.64 16.36
C ALA C 331 15.34 -40.62 16.56
N ILE C 332 14.77 -41.16 15.50
CA ILE C 332 13.65 -42.10 15.64
C ILE C 332 14.06 -43.53 15.26
N GLY C 333 15.36 -43.79 15.16
CA GLY C 333 15.84 -45.14 14.92
C GLY C 333 15.69 -45.60 13.50
N HIS C 334 15.32 -44.70 12.58
CA HIS C 334 15.25 -44.98 11.16
C HIS C 334 16.21 -44.06 10.42
N PRO C 335 17.53 -44.29 10.52
CA PRO C 335 18.48 -43.39 9.86
C PRO C 335 18.24 -43.34 8.37
N LEU C 336 18.59 -42.21 7.76
CA LEU C 336 18.35 -42.03 6.33
C LEU C 336 19.31 -42.87 5.50
N THR C 337 18.75 -43.55 4.49
CA THR C 337 19.58 -44.24 3.53
C THR C 337 20.18 -43.22 2.55
N LEU C 338 21.14 -43.70 1.75
CA LEU C 338 21.77 -42.86 0.73
C LEU C 338 20.74 -42.33 -0.27
N GLY C 339 19.94 -43.22 -0.85
CA GLY C 339 18.94 -42.88 -1.85
C GLY C 339 17.98 -41.78 -1.45
N GLN C 340 17.84 -41.58 -0.14
CA GLN C 340 17.03 -40.51 0.45
C GLN C 340 17.79 -39.21 0.57
N GLN C 341 19.07 -39.30 0.92
CA GLN C 341 19.89 -38.10 1.01
C GLN C 341 20.05 -37.44 -0.36
N LEU C 342 20.04 -38.23 -1.45
CA LEU C 342 20.02 -37.64 -2.79
C LEU C 342 18.70 -36.97 -3.08
N VAL C 343 17.63 -37.40 -2.41
CA VAL C 343 16.37 -36.67 -2.42
C VAL C 343 16.48 -35.45 -1.55
N VAL C 344 17.26 -35.52 -0.46
CA VAL C 344 17.44 -34.34 0.38
C VAL C 344 18.15 -33.25 -0.38
N VAL C 345 19.19 -33.61 -1.14
CA VAL C 345 19.86 -32.62 -1.99
C VAL C 345 18.84 -32.01 -2.96
N LEU C 346 18.04 -32.85 -3.61
CA LEU C 346 17.02 -32.35 -4.52
C LEU C 346 16.03 -31.46 -3.77
N THR C 347 15.57 -31.90 -2.61
CA THR C 347 14.45 -31.23 -1.95
C THR C 347 14.88 -30.17 -0.94
N ALA C 348 16.06 -30.26 -0.33
CA ALA C 348 16.51 -29.15 0.52
C ALA C 348 16.97 -27.96 -0.31
N VAL C 349 17.53 -28.21 -1.50
CA VAL C 349 17.76 -27.13 -2.44
C VAL C 349 16.44 -26.46 -2.80
N LEU C 350 15.43 -27.27 -3.16
CA LEU C 350 14.11 -26.72 -3.45
C LEU C 350 13.55 -25.98 -2.24
N ALA C 351 13.69 -26.56 -1.05
CA ALA C 351 13.12 -25.96 0.14
C ALA C 351 13.90 -24.74 0.58
N SER C 352 15.21 -24.73 0.37
CA SER C 352 15.98 -23.53 0.70
C SER C 352 15.66 -22.41 -0.27
N ILE C 353 15.42 -22.73 -1.54
CA ILE C 353 15.00 -21.72 -2.50
C ILE C 353 13.68 -21.12 -2.07
N GLY C 354 12.79 -21.95 -1.49
CA GLY C 354 11.49 -21.48 -1.05
C GLY C 354 11.48 -20.76 0.29
N THR C 355 12.48 -21.01 1.14
CA THR C 355 12.57 -20.36 2.44
C THR C 355 12.64 -18.83 2.32
N ALA C 356 11.65 -18.15 2.87
CA ALA C 356 11.68 -16.70 2.88
C ALA C 356 12.82 -16.18 3.75
N GLY C 357 13.25 -14.95 3.43
CA GLY C 357 14.39 -14.32 4.06
C GLY C 357 14.10 -13.62 5.37
N VAL C 358 13.30 -14.27 6.21
CA VAL C 358 12.87 -13.73 7.49
C VAL C 358 13.37 -14.69 8.56
N PRO C 359 13.57 -14.23 9.81
CA PRO C 359 14.08 -15.16 10.82
C PRO C 359 13.12 -16.33 11.04
N GLY C 360 13.69 -17.55 11.00
CA GLY C 360 12.97 -18.74 11.38
C GLY C 360 12.33 -19.51 10.23
N ALA C 361 12.17 -18.89 9.07
CA ALA C 361 11.48 -19.58 7.98
C ALA C 361 12.18 -20.85 7.54
N GLY C 362 13.45 -21.06 7.92
CA GLY C 362 14.11 -22.29 7.56
C GLY C 362 13.54 -23.49 8.30
N ALA C 363 13.21 -23.31 9.59
CA ALA C 363 12.52 -24.37 10.34
C ALA C 363 11.13 -24.63 9.76
N ILE C 364 10.33 -23.58 9.53
CA ILE C 364 9.02 -23.76 8.89
C ILE C 364 9.19 -24.54 7.59
N MET C 365 10.20 -24.21 6.82
CA MET C 365 10.37 -24.94 5.57
C MET C 365 11.08 -26.27 5.78
N LEU C 366 11.79 -26.44 6.90
CA LEU C 366 12.39 -27.72 7.24
C LEU C 366 11.36 -28.83 7.24
N ALA C 367 10.13 -28.50 7.63
CA ALA C 367 9.05 -29.47 7.62
C ALA C 367 8.84 -30.03 6.23
N MET C 368 8.81 -29.16 5.22
CA MET C 368 8.73 -29.62 3.84
C MET C 368 9.90 -30.54 3.50
N VAL C 369 11.07 -30.33 4.11
CA VAL C 369 12.21 -31.19 3.77
C VAL C 369 12.02 -32.56 4.39
N LEU C 370 11.42 -32.62 5.59
CA LEU C 370 11.09 -33.90 6.22
C LEU C 370 10.00 -34.64 5.46
N GLN C 371 8.87 -33.97 5.18
CA GLN C 371 7.78 -34.54 4.38
C GLN C 371 8.28 -35.18 3.09
N SER C 372 9.41 -34.70 2.57
CA SER C 372 9.96 -35.21 1.33
C SER C 372 10.69 -36.54 1.50
N VAL C 373 11.17 -36.84 2.71
CA VAL C 373 11.84 -38.11 2.98
C VAL C 373 11.02 -39.04 3.87
N GLY C 374 9.79 -38.66 4.21
CA GLY C 374 8.94 -39.52 5.02
C GLY C 374 8.99 -39.31 6.52
N LEU C 375 9.28 -38.10 6.98
CA LEU C 375 9.19 -37.74 8.39
C LEU C 375 8.05 -36.71 8.54
N ASP C 376 6.85 -37.21 8.85
CA ASP C 376 5.68 -36.35 8.96
C ASP C 376 5.57 -35.71 10.34
N LEU C 377 5.05 -34.50 10.38
CA LEU C 377 4.93 -33.78 11.65
C LEU C 377 3.56 -33.96 12.27
N THR C 378 3.03 -35.19 12.20
CA THR C 378 1.74 -35.50 12.83
C THR C 378 1.85 -35.29 14.34
N PRO C 379 0.91 -34.59 14.94
CA PRO C 379 1.07 -34.16 16.34
C PRO C 379 1.11 -35.34 17.31
N GLY C 380 1.97 -35.21 18.32
CA GLY C 380 2.18 -36.24 19.30
C GLY C 380 3.12 -37.35 18.87
N SER C 381 3.56 -37.35 17.63
CA SER C 381 4.44 -38.40 17.18
C SER C 381 5.85 -38.12 17.67
N PRO C 382 6.75 -39.11 17.61
CA PRO C 382 8.14 -38.81 17.94
C PRO C 382 8.76 -37.79 17.00
N VAL C 383 8.42 -37.85 15.72
CA VAL C 383 8.98 -36.92 14.74
C VAL C 383 8.71 -35.48 15.15
N ALA C 384 7.44 -35.16 15.45
CA ALA C 384 7.06 -33.80 15.82
C ALA C 384 7.80 -33.32 17.06
N LEU C 385 8.31 -34.26 17.86
CA LEU C 385 9.09 -33.96 19.05
C LEU C 385 10.51 -33.51 18.70
N ALA C 386 11.14 -34.23 17.77
CA ALA C 386 12.47 -33.85 17.32
C ALA C 386 12.44 -32.52 16.58
N TYR C 387 11.42 -32.30 15.74
CA TYR C 387 11.28 -30.99 15.08
C TYR C 387 11.19 -29.88 16.11
N ALA C 388 10.52 -30.13 17.22
CA ALA C 388 10.38 -29.08 18.23
C ALA C 388 11.65 -28.90 19.05
N MET C 389 12.49 -29.95 19.16
CA MET C 389 13.83 -29.77 19.71
C MET C 389 14.65 -28.82 18.85
N ILE C 390 14.43 -28.87 17.53
CA ILE C 390 15.11 -27.96 16.63
C ILE C 390 14.54 -26.56 16.78
N LEU C 391 13.22 -26.45 16.77
CA LEU C 391 12.59 -25.15 16.94
C LEU C 391 12.92 -24.54 18.29
N GLY C 392 13.44 -25.34 19.22
CA GLY C 392 13.87 -24.79 20.50
C GLY C 392 15.21 -24.11 20.45
N ILE C 393 16.07 -24.50 19.53
CA ILE C 393 17.36 -23.85 19.34
C ILE C 393 17.44 -23.16 17.98
N ASP C 394 16.29 -22.81 17.40
CA ASP C 394 16.30 -22.29 16.04
C ASP C 394 17.10 -21.01 15.92
N ALA C 395 16.99 -20.11 16.92
CA ALA C 395 17.69 -18.82 16.86
C ALA C 395 19.20 -19.00 16.91
N ILE C 396 19.70 -19.87 17.78
CA ILE C 396 21.14 -20.13 17.82
C ILE C 396 21.62 -20.57 16.44
N LEU C 397 20.82 -21.41 15.77
CA LEU C 397 21.14 -21.83 14.41
C LEU C 397 20.71 -20.80 13.36
N ASP C 398 19.79 -19.90 13.70
CA ASP C 398 19.31 -18.95 12.69
C ASP C 398 20.37 -17.90 12.41
N MET C 399 21.11 -17.51 13.44
CA MET C 399 22.18 -16.55 13.27
C MET C 399 23.23 -17.07 12.29
N GLY C 400 23.84 -18.21 12.62
CA GLY C 400 24.91 -18.71 11.77
C GLY C 400 24.53 -18.99 10.34
N ARG C 401 23.28 -19.38 10.09
CA ARG C 401 22.89 -19.71 8.71
C ARG C 401 22.66 -18.46 7.87
N THR C 402 21.98 -17.45 8.42
CA THR C 402 21.72 -16.24 7.64
C THR C 402 23.02 -15.52 7.34
N MET C 403 24.02 -15.70 8.19
CA MET C 403 25.34 -15.18 7.85
C MET C 403 25.85 -15.84 6.57
N VAL C 404 25.81 -17.18 6.51
CA VAL C 404 26.23 -17.90 5.30
C VAL C 404 25.21 -17.78 4.18
N ASN C 405 23.99 -17.33 4.47
CA ASN C 405 23.07 -17.11 3.36
C ASN C 405 23.45 -15.84 2.63
N VAL C 406 23.83 -14.82 3.39
CA VAL C 406 24.26 -13.55 2.85
C VAL C 406 25.72 -13.61 2.39
N THR C 407 26.60 -14.23 3.18
CA THR C 407 28.00 -14.34 2.76
C THR C 407 28.11 -14.99 1.39
N GLY C 408 27.27 -15.99 1.13
CA GLY C 408 27.21 -16.60 -0.19
C GLY C 408 26.59 -15.74 -1.27
N ASP C 409 25.79 -14.75 -0.89
CA ASP C 409 25.23 -13.83 -1.88
C ASP C 409 26.28 -12.83 -2.36
N LEU C 410 27.13 -12.34 -1.45
CA LEU C 410 28.23 -11.46 -1.84
C LEU C 410 29.26 -12.23 -2.65
N ALA C 411 29.64 -13.42 -2.18
CA ALA C 411 30.59 -14.27 -2.91
C ALA C 411 30.10 -14.57 -4.32
N GLY C 412 28.80 -14.78 -4.49
CA GLY C 412 28.28 -15.06 -5.82
C GLY C 412 28.21 -13.82 -6.68
N THR C 413 27.87 -12.67 -6.08
CA THR C 413 27.79 -11.40 -6.81
C THR C 413 29.17 -10.95 -7.30
N VAL C 414 30.18 -11.04 -6.43
CA VAL C 414 31.53 -10.65 -6.84
C VAL C 414 32.07 -11.58 -7.93
N ILE C 415 31.88 -12.90 -7.76
CA ILE C 415 32.42 -13.85 -8.74
C ILE C 415 31.76 -13.65 -10.10
N VAL C 416 30.45 -13.43 -10.13
CA VAL C 416 29.78 -13.16 -11.41
C VAL C 416 30.26 -11.84 -11.98
N ALA C 417 30.56 -10.88 -11.12
CA ALA C 417 31.00 -9.56 -11.56
C ALA C 417 32.35 -9.61 -12.30
N LYS C 418 33.33 -10.32 -11.74
CA LYS C 418 34.63 -10.35 -12.38
C LYS C 418 34.61 -11.05 -13.74
N THR C 419 33.62 -11.90 -14.00
CA THR C 419 33.52 -12.52 -15.33
C THR C 419 32.95 -11.56 -16.36
N GLU C 420 32.17 -10.58 -15.93
CA GLU C 420 31.61 -9.56 -16.79
C GLU C 420 32.44 -8.27 -16.73
N LYS C 421 33.67 -8.35 -16.20
CA LYS C 421 34.61 -7.23 -16.10
C LYS C 421 34.07 -6.07 -15.25
N GLU C 422 33.01 -6.32 -14.46
CA GLU C 422 32.28 -5.28 -13.75
C GLU C 422 32.64 -5.14 -12.27
N LEU C 423 33.85 -5.54 -11.88
CA LEU C 423 34.34 -5.37 -10.52
C LEU C 423 35.50 -4.39 -10.54
N ASP C 424 35.48 -3.42 -9.62
CA ASP C 424 36.47 -2.35 -9.54
C ASP C 424 37.69 -2.84 -8.77
N GLU C 425 38.76 -3.16 -9.51
CA GLU C 425 39.97 -3.73 -8.94
C GLU C 425 40.77 -2.74 -8.11
N SER C 426 40.32 -1.49 -7.98
CA SER C 426 41.08 -0.50 -7.22
C SER C 426 40.93 -0.72 -5.72
N LYS C 427 39.98 -1.55 -5.31
CA LYS C 427 39.74 -1.85 -3.91
C LYS C 427 40.52 -3.08 -3.46
N TRP C 428 41.32 -3.67 -4.36
CA TRP C 428 41.93 -4.97 -4.13
C TRP C 428 43.43 -4.98 -4.35
N ILE C 429 44.14 -3.89 -4.01
CA ILE C 429 45.55 -3.84 -4.40
C ILE C 429 46.47 -3.57 -3.23
N SER C 430 46.35 -2.40 -2.61
CA SER C 430 47.21 -1.99 -1.49
C SER C 430 48.70 -2.04 -1.87
NA NA D . -15.92 -0.82 -20.39
NA NA E . -19.78 -1.13 -14.02
NA NA F . -22.59 2.92 -22.78
N DAS G . -16.01 -9.06 -17.33
CA DAS G . -16.07 -7.87 -16.48
C DAS G . -15.83 -6.51 -17.22
O DAS G . -14.77 -5.96 -17.02
CB DAS G . -17.37 -7.87 -15.68
CG DAS G . -18.48 -8.56 -16.41
OD1 DAS G . -19.62 -8.04 -16.44
OD2 DAS G . -18.21 -9.65 -16.95
OXT DAS G . -16.61 -5.94 -18.01
C1 PEG H . -40.35 -17.99 -30.99
O1 PEG H . -39.30 -18.85 -31.35
C2 PEG H . -40.04 -16.52 -31.33
O2 PEG H . -40.82 -15.65 -30.54
C3 PEG H . -40.90 -14.31 -30.97
C4 PEG H . -42.08 -13.60 -30.30
O4 PEG H . -42.29 -14.12 -29.01
C1 PEG I . -22.75 -1.99 -4.41
O1 PEG I . -24.15 -2.07 -4.33
C2 PEG I . -22.23 -1.45 -5.76
O2 PEG I . -22.98 -0.35 -6.19
C3 PEG I . -23.93 -0.63 -7.19
C4 PEG I . -24.77 0.61 -7.48
O4 PEG I . -24.48 1.10 -8.77
C1 PEG J . -7.84 3.93 2.65
O1 PEG J . -7.45 2.93 3.56
C2 PEG J . -9.19 3.57 2.00
O2 PEG J . -9.08 3.24 0.63
C3 PEG J . -10.16 3.69 -0.16
C4 PEG J . -10.16 5.20 -0.49
O4 PEG J . -8.90 5.83 -0.29
O1 PG4 K . -15.60 -25.71 -12.64
C1 PG4 K . -14.26 -25.39 -12.94
C2 PG4 K . -14.11 -23.96 -13.49
O2 PG4 K . -14.57 -23.81 -14.82
C3 PG4 K . -14.94 -22.52 -15.21
C4 PG4 K . -13.78 -21.84 -15.94
O3 PG4 K . -14.04 -20.48 -16.16
C5 PG4 K . -13.19 -19.60 -15.47
C6 PG4 K . -13.74 -19.32 -14.06
O4 PG4 K . -13.27 -18.12 -13.49
C7 PG4 K . -14.19 -17.05 -13.46
C8 PG4 K . -14.23 -16.33 -14.82
O5 PG4 K . -15.53 -15.92 -15.18
C1 DMU L . -23.23 -27.24 -30.94
C2 DMU L . -23.96 -26.19 -30.17
C3 DMU L . -25.39 -26.57 -30.00
C4 DMU L . -25.48 -27.90 -29.26
O5 DMU L . -24.21 -28.70 -29.13
C6 DMU L . -23.10 -28.49 -30.11
O7 DMU L . -26.18 -25.66 -29.16
O16 DMU L . -23.02 -29.57 -30.99
C18 DMU L . -23.01 -30.83 -30.33
C19 DMU L . -24.39 -31.52 -30.38
C22 DMU L . -24.61 -32.31 -29.07
C25 DMU L . -23.28 -33.07 -28.70
C28 DMU L . -22.98 -34.15 -29.80
C31 DMU L . -21.51 -34.03 -30.37
C34 DMU L . -20.89 -35.48 -30.41
C37 DMU L . -21.23 -36.14 -29.05
C40 DMU L . -20.47 -37.48 -28.81
C43 DMU L . -20.61 -37.88 -27.33
O49 DMU L . -21.90 -26.76 -31.24
O55 DMU L . -23.80 -24.96 -30.92
C57 DMU L . -26.58 -28.77 -29.84
O61 DMU L . -27.82 -28.30 -29.38
C5 DMU L . -27.97 -24.41 -30.32
C7 DMU L . -28.17 -23.25 -31.20
C8 DMU L . -27.41 -22.05 -30.77
C9 DMU L . -25.86 -22.29 -30.87
O1 DMU L . -25.56 -23.77 -30.52
C10 DMU L . -26.59 -24.40 -29.68
O2 DMU L . -27.82 -20.95 -31.58
O3 DMU L . -28.19 -25.63 -31.12
O4 DMU L . -29.61 -22.85 -31.22
C11 DMU L . -25.14 -21.46 -29.99
O6 DMU L . -23.83 -21.94 -29.85
C1 PGE M . -17.89 0.75 -4.88
O1 PGE M . -17.33 1.76 -4.03
C2 PGE M . -16.83 -0.15 -5.48
O2 PGE M . -17.38 -0.98 -6.50
C3 PGE M . -18.31 -0.37 -7.38
C4 PGE M . -17.60 0.50 -8.43
O4 PGE M . -19.60 4.69 -10.05
C6 PGE M . -19.67 3.26 -9.93
C5 PGE M . -18.61 2.64 -9.01
O3 PGE M . -18.53 1.23 -9.23
NA NA N . -2.30 11.91 20.68
NA NA O . -3.01 18.52 17.75
NA NA P . 0.78 20.85 24.19
N DAS Q . -10.88 14.78 17.63
CA DAS Q . -9.63 13.99 17.48
C DAS Q . -8.46 14.92 17.17
O DAS Q . -8.39 15.98 17.82
CB DAS Q . -9.36 13.14 18.73
CG DAS Q . -10.15 13.58 19.95
OD1 DAS Q . -9.52 13.93 20.96
OD2 DAS Q . -11.39 13.56 19.87
OXT DAS Q . -7.67 14.57 16.28
C1 PEG R . -6.80 30.82 -3.70
O1 PEG R . -7.95 30.57 -2.94
C2 PEG R . -5.97 29.53 -3.81
O2 PEG R . -5.87 29.11 -5.15
C3 PEG R . -6.49 27.89 -5.44
C4 PEG R . -7.97 28.14 -5.66
O4 PEG R . -8.39 27.53 -6.85
C1 PEG S . 18.42 29.79 18.84
O1 PEG S . 18.83 30.67 17.81
C2 PEG S . 17.36 30.44 19.74
O2 PEG S . 17.10 29.65 20.89
C3 PEG S . 16.51 30.34 21.97
C4 PEG S . 16.42 29.43 23.20
O4 PEG S . 15.17 29.57 23.81
C1 PEG T . -28.17 23.23 23.71
O1 PEG T . -27.02 23.52 22.94
C2 PEG T . -29.35 22.80 22.82
O2 PEG T . -30.44 22.18 23.49
C3 PEG T . -31.37 21.55 22.64
C4 PEG T . -32.70 21.18 23.34
O4 PEG T . -33.75 21.04 22.40
C1 PEG U . -26.31 24.66 27.80
O1 PEG U . -25.13 24.87 27.06
C2 PEG U . -27.61 24.89 26.99
O2 PEG U . -28.75 24.54 27.75
C3 PEG U . -29.97 24.52 27.06
C4 PEG U . -30.97 23.56 27.74
O4 PEG U . -30.64 23.36 29.09
O1 P6G V . 12.45 35.40 25.14
C2 P6G V . 11.19 35.99 24.97
C3 P6G V . 11.21 37.46 25.40
O4 P6G V . 12.14 38.20 24.64
C5 P6G V . 11.81 39.54 24.48
C6 P6G V . 11.01 39.69 23.18
O7 P6G V . 11.77 40.40 22.25
C8 P6G V . 11.03 41.24 21.40
C9 P6G V . 10.02 42.06 22.21
O10 P6G V . 9.37 42.99 21.39
C11 P6G V . 8.12 42.59 20.92
C12 P6G V . 7.79 43.32 19.61
O13 P6G V . 6.74 42.69 18.93
C14 P6G V . 5.48 42.93 19.48
C15 P6G V . 4.41 42.95 18.39
O16 P6G V . 3.59 44.09 18.59
C17 P6G V . 2.21 43.88 18.52
C18 P6G V . 1.75 42.69 19.38
O19 P6G V . 0.98 43.12 20.48
O1 P6G W . -3.53 1.72 23.43
C2 P6G W . -4.60 1.50 22.53
C3 P6G W . -4.27 0.30 21.64
O4 P6G W . -3.96 0.71 20.33
C5 P6G W . -2.79 1.48 20.19
C6 P6G W . -3.10 2.76 19.40
O7 P6G W . -3.48 2.45 18.09
C8 P6G W . -3.41 3.51 17.17
C9 P6G W . -2.48 3.14 16.00
O10 P6G W . -1.43 4.08 15.85
C11 P6G W . -0.17 3.64 16.32
C12 P6G W . 0.04 4.00 17.80
O13 P6G W . 0.64 5.26 17.97
C14 P6G W . -0.24 6.34 18.09
C15 P6G W . 0.30 7.49 18.96
O16 P6G W . 1.70 7.48 19.05
C17 P6G W . 2.28 8.57 19.73
C18 P6G W . 3.82 8.45 19.76
O19 P6G W . 4.47 9.58 20.31
C1 PGE X . 7.90 8.49 -3.84
O1 PGE X . 6.73 8.49 -3.01
C2 PGE X . 7.98 9.70 -4.79
O2 PGE X . 6.84 9.87 -5.62
C3 PGE X . 7.01 9.77 -7.03
C4 PGE X . 7.58 8.41 -7.46
O4 PGE X . 5.27 5.41 -5.54
C6 PGE X . 6.64 5.65 -5.88
C5 PGE X . 6.90 6.07 -7.33
O3 PGE X . 6.56 7.44 -7.62
C1 PGE Y . 31.11 21.34 -2.62
O1 PGE Y . 32.19 20.40 -2.54
C2 PGE Y . 30.74 21.57 -4.09
O2 PGE Y . 31.90 21.40 -4.88
C3 PGE Y . 32.76 22.54 -4.89
C4 PGE Y . 34.20 22.15 -5.18
O4 PGE Y . 36.72 20.81 -8.43
C6 PGE Y . 35.92 20.83 -7.25
C5 PGE Y . 34.69 21.69 -7.46
O3 PGE Y . 34.58 22.68 -6.44
OH2 1PE Z . -16.11 8.16 20.16
C12 1PE Z . -17.29 8.85 19.83
C22 1PE Z . -17.10 9.72 18.57
OH3 1PE Z . -17.92 9.31 17.50
C13 1PE Z . -17.67 10.03 15.24
C23 1PE Z . -17.29 9.00 16.29
OH4 1PE Z . -19.05 9.99 14.95
C14 1PE Z . -21.21 11.10 14.71
C24 1PE Z . -19.71 11.24 14.98
OH5 1PE Z . -21.96 11.68 15.75
C15 1PE Z . -23.88 10.51 16.67
C25 1PE Z . -22.36 10.77 16.75
OH6 1PE Z . -24.40 10.17 17.94
C16 1PE Z . -23.93 9.08 20.05
C26 1PE Z . -23.93 8.97 18.51
OH7 1PE Z . -23.78 7.83 20.69
NA NA AA . 20.82 -15.54 0.58
NA NA BA . 14.72 -19.10 -0.01
NA NA CA . 23.11 -22.03 -3.17
N DAS DA . 17.31 -17.05 8.56
CA DAS DA . 16.47 -16.89 7.38
C DAS DA . 17.12 -16.07 6.24
O DAS DA . 16.60 -15.01 5.91
CB DAS DA . 16.04 -18.26 6.86
CG DAS DA . 16.27 -19.32 7.89
OD1 DAS DA . 17.02 -20.26 7.60
OD2 DAS DA . 15.70 -19.17 9.00
OXT DAS DA . 18.15 -16.42 5.65
C1 PEG EA . -4.73 -4.68 -7.65
O1 PEG EA . -4.07 -5.63 -6.82
C2 PEG EA . -4.77 -5.19 -9.10
O2 PEG EA . -4.39 -4.23 -10.08
C3 PEG EA . -5.00 -4.41 -11.34
C4 PEG EA . -6.31 -3.60 -11.39
O4 PEG EA . -6.22 -2.43 -10.60
C1 PEG FA . 23.26 -45.65 7.71
O1 PEG FA . 22.25 -46.07 8.59
C2 PEG FA . 23.76 -46.83 6.86
O2 PEG FA . 22.84 -47.13 5.85
C3 PEG FA . 23.30 -47.01 4.53
C4 PEG FA . 23.02 -45.60 3.99
O4 PEG FA . 23.90 -44.69 4.60
C1 PEG GA . 5.55 -16.36 0.92
O1 PEG GA . 5.49 -14.96 0.80
C2 PEG GA . 6.73 -16.90 0.11
O2 PEG GA . 6.33 -17.82 -0.88
C3 PEG GA . 7.36 -18.27 -1.73
C4 PEG GA . 8.16 -17.09 -2.33
O4 PEG GA . 9.31 -17.54 -3.03
C1 PEG HA . 6.12 -23.03 -0.51
O1 PEG HA . 7.27 -22.49 -1.11
C2 PEG HA . 5.93 -22.48 0.91
O2 PEG HA . 5.08 -21.36 0.98
C3 PEG HA . 3.92 -21.55 1.76
C4 PEG HA . 4.23 -21.69 3.26
O4 PEG HA . 4.31 -23.03 3.69
C1 PEG IA . 32.44 -25.27 30.90
O1 PEG IA . 32.87 -24.16 31.63
C2 PEG IA . 31.90 -24.89 29.50
O2 PEG IA . 30.67 -25.55 29.26
C3 PEG IA . 30.37 -25.95 27.94
C4 PEG IA . 29.00 -26.66 27.85
O4 PEG IA . 28.59 -26.87 26.51
#